data_7SII
#
_entry.id   7SII
#
_cell.length_a   1.00
_cell.length_b   1.00
_cell.length_c   1.00
_cell.angle_alpha   90.00
_cell.angle_beta   90.00
_cell.angle_gamma   90.00
#
_symmetry.space_group_name_H-M   'P 1'
#
loop_
_entity.id
_entity.type
_entity.pdbx_description
1 polymer 'Stimulator of interferon genes protein'
2 non-polymer 1-[(2-chloro-6-fluorophenyl)methyl]-3,3-dimethyl-2-oxo-N-[(2,4,6-trifluorophenyl)methyl]-2,3-dihydro-1H-indole-6-carboxamide
3 non-polymer cGAMP
#
_entity_poly.entity_id   1
_entity_poly.type   'polypeptide(L)'
_entity_poly.pdbx_seq_one_letter_code
;MPHSSLHPSIPCPRGHGAQKAALVLLSACLVTLWGLGEPPEHTLRYLVLHLASLQLGLLLNGVCSLAEELRHIHSRYRGS
YWRTVRACLGCPLRRGALLLLSIYFYYSLPNAVGPPFTWMLALLGLSQALNILLGLKGLAPAEISAVCEKGNFNVAHGLA
WSYYIGYLRLILPELQARIRTYNQHYNNLLRGAVSQRLYILLPLDCGVPDNLSMADPNIRFLDKLPQQTGDRAGIKDRVY
SNSIYELLENGQRAGTCVLEYATPLQTLFAMSQYSQAGFSREDRLEQAKLFCRTLEDILADAPESQNNCRLIAYQEPADD
SSFSLSQEVLRHLRQEEKEEVTVGTSSGLEVLFQ
;
_entity_poly.pdbx_strand_id   A,B,C,D
#
loop_
_chem_comp.id
_chem_comp.type
_chem_comp.name
_chem_comp.formula
1SY non-polymer cGAMP 'C20 H24 N10 O13 P2'
9IM non-polymer 1-[(2-chloro-6-fluorophenyl)methyl]-3,3-dimethyl-2-oxo-N-[(2,4,6-trifluorophenyl)methyl]-2,3-dihydro-1H-indole-6-carboxamide 'C25 H19 Cl F4 N2 O2'
#
# COMPACT_ATOMS: atom_id res chain seq x y z
N HIS A 3 12.40 -13.91 -12.42
CA HIS A 3 11.82 -15.18 -12.83
C HIS A 3 11.47 -16.01 -11.61
N SER A 4 10.99 -17.23 -11.84
CA SER A 4 10.58 -18.14 -10.78
C SER A 4 11.50 -19.36 -10.78
N SER A 5 11.93 -19.78 -9.60
CA SER A 5 12.87 -20.88 -9.46
C SER A 5 12.24 -22.15 -8.92
N LEU A 6 11.07 -22.07 -8.29
CA LEU A 6 10.44 -23.26 -7.74
C LEU A 6 10.15 -24.28 -8.83
N HIS A 7 9.60 -23.84 -9.95
CA HIS A 7 9.21 -24.75 -11.02
C HIS A 7 9.06 -23.95 -12.32
N PRO A 8 9.59 -24.44 -13.44
CA PRO A 8 9.43 -23.70 -14.70
C PRO A 8 7.99 -23.52 -15.11
N SER A 9 7.06 -24.29 -14.56
CA SER A 9 5.65 -24.20 -14.92
C SER A 9 4.90 -23.14 -14.11
N ILE A 10 5.58 -22.47 -13.18
CA ILE A 10 4.96 -21.43 -12.38
C ILE A 10 4.90 -20.15 -13.21
N PRO A 11 3.73 -19.56 -13.42
CA PRO A 11 3.66 -18.33 -14.23
C PRO A 11 4.32 -17.16 -13.51
N CYS A 12 5.04 -16.35 -14.27
CA CYS A 12 5.58 -15.12 -13.72
C CYS A 12 4.50 -14.04 -13.72
N PRO A 13 4.67 -13.00 -12.90
CA PRO A 13 3.67 -11.91 -12.89
C PRO A 13 3.52 -11.27 -14.25
N ARG A 14 2.30 -10.88 -14.58
CA ARG A 14 2.05 -10.26 -15.87
C ARG A 14 2.77 -8.92 -15.98
N GLY A 15 3.28 -8.63 -17.16
CA GLY A 15 4.04 -7.42 -17.39
C GLY A 15 3.26 -6.34 -18.09
N HIS A 16 3.90 -5.64 -19.03
CA HIS A 16 3.31 -4.52 -19.73
C HIS A 16 3.36 -4.74 -21.24
N GLY A 17 3.21 -5.99 -21.67
CA GLY A 17 3.18 -6.26 -23.10
C GLY A 17 1.99 -5.66 -23.79
N ALA A 18 0.84 -5.61 -23.09
CA ALA A 18 -0.36 -5.03 -23.68
C ALA A 18 -0.15 -3.57 -24.03
N GLN A 19 0.52 -2.82 -23.14
CA GLN A 19 0.77 -1.41 -23.43
C GLN A 19 1.72 -1.26 -24.62
N LYS A 20 2.71 -2.14 -24.74
CA LYS A 20 3.60 -2.09 -25.89
C LYS A 20 2.83 -2.33 -27.19
N ALA A 21 1.96 -3.35 -27.19
CA ALA A 21 1.15 -3.61 -28.37
C ALA A 21 0.24 -2.44 -28.69
N ALA A 22 -0.33 -1.81 -27.66
CA ALA A 22 -1.19 -0.65 -27.87
C ALA A 22 -0.40 0.50 -28.47
N LEU A 23 0.83 0.70 -28.01
CA LEU A 23 1.68 1.75 -28.56
C LEU A 23 1.97 1.49 -30.04
N VAL A 24 2.29 0.24 -30.37
CA VAL A 24 2.55 -0.12 -31.76
C VAL A 24 1.31 0.12 -32.61
N LEU A 25 0.14 -0.27 -32.09
CA LEU A 25 -1.11 -0.07 -32.81
C LEU A 25 -1.37 1.41 -33.04
N LEU A 26 -1.13 2.23 -32.02
CA LEU A 26 -1.34 3.67 -32.17
C LEU A 26 -0.40 4.26 -33.22
N SER A 27 0.87 3.83 -33.21
CA SER A 27 1.81 4.32 -34.21
C SER A 27 1.35 3.92 -35.61
N ALA A 28 0.91 2.67 -35.78
CA ALA A 28 0.45 2.23 -37.08
C ALA A 28 -0.78 3.03 -37.53
N CYS A 29 -1.71 3.28 -36.61
CA CYS A 29 -2.89 4.05 -36.96
C CYS A 29 -2.53 5.47 -37.37
N LEU A 30 -1.61 6.10 -36.63
CA LEU A 30 -1.18 7.44 -36.99
C LEU A 30 -0.51 7.46 -38.37
N VAL A 31 0.32 6.46 -38.65
CA VAL A 31 0.95 6.37 -39.96
C VAL A 31 -0.10 6.22 -41.05
N THR A 32 -1.12 5.40 -40.80
CA THR A 32 -2.18 5.22 -41.78
C THR A 32 -2.93 6.53 -42.02
N LEU A 33 -3.26 7.25 -40.95
CA LEU A 33 -3.96 8.52 -41.10
C LEU A 33 -3.12 9.52 -41.88
N TRP A 34 -1.81 9.55 -41.61
CA TRP A 34 -0.93 10.40 -42.40
C TRP A 34 -0.94 9.99 -43.86
N GLY A 35 -0.92 8.69 -44.14
CA GLY A 35 -0.94 8.24 -45.52
C GLY A 35 -2.22 8.63 -46.25
N LEU A 36 -3.36 8.56 -45.55
CA LEU A 36 -4.63 8.89 -46.19
C LEU A 36 -4.63 10.34 -46.67
N GLY A 37 -4.11 11.26 -45.86
CA GLY A 37 -4.02 12.65 -46.28
C GLY A 37 -5.36 13.33 -46.48
N GLU A 38 -6.29 13.13 -45.55
CA GLU A 38 -7.58 13.80 -45.57
C GLU A 38 -7.56 14.90 -44.50
N PRO A 39 -8.57 15.76 -44.44
CA PRO A 39 -8.53 16.86 -43.46
C PRO A 39 -8.22 16.35 -42.06
N PRO A 40 -7.06 16.71 -41.51
CA PRO A 40 -6.70 16.19 -40.18
C PRO A 40 -7.70 16.57 -39.09
N GLU A 41 -8.32 17.75 -39.19
CA GLU A 41 -9.23 18.18 -38.15
C GLU A 41 -10.34 17.16 -37.92
N HIS A 42 -10.80 16.53 -39.00
CA HIS A 42 -11.86 15.53 -38.88
C HIS A 42 -11.41 14.36 -38.02
N THR A 43 -10.15 13.96 -38.15
CA THR A 43 -9.64 12.86 -37.33
C THR A 43 -9.83 13.16 -35.85
N LEU A 44 -9.34 14.32 -35.41
CA LEU A 44 -9.47 14.68 -34.00
C LEU A 44 -10.93 14.82 -33.60
N ARG A 45 -11.75 15.44 -34.45
CA ARG A 45 -13.15 15.66 -34.10
C ARG A 45 -13.86 14.34 -33.87
N TYR A 46 -13.70 13.39 -34.78
CA TYR A 46 -14.40 12.12 -34.65
C TYR A 46 -13.80 11.25 -33.55
N LEU A 47 -12.49 11.36 -33.30
CA LEU A 47 -11.91 10.66 -32.16
C LEU A 47 -12.52 11.15 -30.86
N VAL A 48 -12.65 12.47 -30.72
CA VAL A 48 -13.26 13.03 -29.51
C VAL A 48 -14.71 12.58 -29.40
N LEU A 49 -15.43 12.57 -30.51
CA LEU A 49 -16.82 12.14 -30.47
C LEU A 49 -16.93 10.68 -30.03
N HIS A 50 -16.05 9.82 -30.54
CA HIS A 50 -16.09 8.42 -30.15
C HIS A 50 -15.79 8.25 -28.67
N LEU A 51 -14.79 8.96 -28.16
CA LEU A 51 -14.49 8.88 -26.74
C LEU A 51 -15.66 9.38 -25.91
N ALA A 52 -16.31 10.45 -26.35
CA ALA A 52 -17.47 10.96 -25.63
C ALA A 52 -18.60 9.95 -25.61
N SER A 53 -18.84 9.28 -26.73
CA SER A 53 -19.88 8.25 -26.77
C SER A 53 -19.55 7.12 -25.81
N LEU A 54 -18.28 6.70 -25.78
CA LEU A 54 -17.89 5.65 -24.83
C LEU A 54 -18.11 6.10 -23.39
N GLN A 55 -17.78 7.36 -23.10
CA GLN A 55 -17.96 7.86 -21.74
C GLN A 55 -19.44 7.87 -21.36
N LEU A 56 -20.30 8.29 -22.28
CA LEU A 56 -21.73 8.27 -21.99
C LEU A 56 -22.24 6.85 -21.78
N GLY A 57 -21.76 5.91 -22.58
CA GLY A 57 -22.13 4.52 -22.38
C GLY A 57 -21.71 4.01 -21.02
N LEU A 58 -20.50 4.38 -20.58
CA LEU A 58 -20.05 4.02 -19.25
C LEU A 58 -20.94 4.65 -18.19
N LEU A 59 -21.37 5.89 -18.40
CA LEU A 59 -22.29 6.52 -17.45
C LEU A 59 -23.58 5.72 -17.34
N LEU A 60 -24.15 5.34 -18.48
CA LEU A 60 -25.41 4.59 -18.45
C LEU A 60 -25.24 3.24 -17.76
N ASN A 61 -24.15 2.53 -18.08
CA ASN A 61 -23.90 1.25 -17.43
C ASN A 61 -23.71 1.42 -15.93
N GLY A 62 -23.02 2.48 -15.52
CA GLY A 62 -22.84 2.72 -14.11
C GLY A 62 -24.15 3.03 -13.41
N VAL A 63 -25.04 3.77 -14.07
CA VAL A 63 -26.36 4.04 -13.50
C VAL A 63 -27.12 2.74 -13.33
N CYS A 64 -27.07 1.87 -14.34
CA CYS A 64 -27.78 0.59 -14.23
C CYS A 64 -27.22 -0.24 -13.09
N SER A 65 -25.89 -0.27 -12.94
CA SER A 65 -25.29 -1.02 -11.84
C SER A 65 -25.66 -0.41 -10.49
N LEU A 66 -25.68 0.92 -10.41
CA LEU A 66 -26.08 1.61 -9.19
C LEU A 66 -27.50 1.28 -8.80
N ALA A 67 -28.40 1.08 -9.76
CA ALA A 67 -29.75 0.69 -9.42
C ALA A 67 -29.74 -0.53 -8.51
N GLU A 68 -28.91 -1.52 -8.83
CA GLU A 68 -28.80 -2.70 -7.97
C GLU A 68 -28.02 -2.39 -6.70
N GLU A 69 -26.91 -1.66 -6.83
CA GLU A 69 -26.03 -1.47 -5.68
C GLU A 69 -26.71 -0.70 -4.57
N LEU A 70 -27.71 0.13 -4.89
CA LEU A 70 -28.38 0.91 -3.87
C LEU A 70 -29.02 0.04 -2.81
N ARG A 71 -29.51 -1.14 -3.20
CA ARG A 71 -30.14 -2.03 -2.23
C ARG A 71 -29.17 -2.42 -1.12
N HIS A 72 -27.86 -2.39 -1.41
CA HIS A 72 -26.83 -2.80 -0.46
C HIS A 72 -26.14 -1.61 0.20
N ILE A 73 -26.76 -0.43 0.18
CA ILE A 73 -26.09 0.76 0.69
C ILE A 73 -25.81 0.64 2.18
N HIS A 74 -26.80 0.17 2.94
CA HIS A 74 -26.65 0.13 4.40
C HIS A 74 -25.56 -0.86 4.81
N SER A 75 -25.51 -2.02 4.17
CA SER A 75 -24.61 -3.07 4.61
C SER A 75 -23.23 -2.95 3.95
N ARG A 76 -23.21 -3.01 2.62
CA ARG A 76 -21.92 -3.06 1.92
C ARG A 76 -21.23 -1.70 1.92
N TYR A 77 -21.99 -0.62 1.75
CA TYR A 77 -21.43 0.70 1.53
C TYR A 77 -21.65 1.64 2.70
N ARG A 78 -21.80 1.11 3.92
CA ARG A 78 -21.84 1.93 5.13
C ARG A 78 -23.02 2.90 5.13
N GLY A 79 -24.04 2.58 4.33
CA GLY A 79 -25.23 3.41 4.28
C GLY A 79 -24.95 4.84 3.87
N SER A 80 -24.04 5.04 2.92
CA SER A 80 -23.72 6.35 2.38
C SER A 80 -23.87 6.33 0.87
N TYR A 81 -24.65 7.27 0.34
CA TYR A 81 -24.88 7.29 -1.10
C TYR A 81 -23.62 7.69 -1.86
N TRP A 82 -22.79 8.55 -1.26
CA TRP A 82 -21.60 9.02 -1.95
C TRP A 82 -20.64 7.87 -2.23
N ARG A 83 -20.45 6.97 -1.25
CA ARG A 83 -19.60 5.81 -1.48
C ARG A 83 -20.19 4.91 -2.56
N THR A 84 -21.51 4.75 -2.57
CA THR A 84 -22.15 3.93 -3.59
C THR A 84 -21.89 4.50 -4.98
N VAL A 85 -22.05 5.82 -5.13
CA VAL A 85 -21.80 6.44 -6.43
C VAL A 85 -20.33 6.32 -6.82
N ARG A 86 -19.43 6.48 -5.85
CA ARG A 86 -18.02 6.34 -6.13
C ARG A 86 -17.70 4.94 -6.64
N ALA A 87 -18.28 3.92 -6.00
CA ALA A 87 -18.00 2.54 -6.40
C ALA A 87 -18.65 2.20 -7.74
N CYS A 88 -19.79 2.83 -8.06
CA CYS A 88 -20.46 2.51 -9.31
C CYS A 88 -19.83 3.24 -10.50
N LEU A 89 -19.39 4.48 -10.30
CA LEU A 89 -18.87 5.31 -11.38
C LEU A 89 -17.40 5.66 -11.22
N GLY A 90 -16.74 5.18 -10.18
CA GLY A 90 -15.36 5.53 -9.95
C GLY A 90 -15.23 6.93 -9.36
N CYS A 91 -14.09 7.55 -9.67
CA CYS A 91 -13.81 8.90 -9.18
C CYS A 91 -14.93 9.84 -9.60
N PRO A 92 -15.78 10.28 -8.67
CA PRO A 92 -16.94 11.09 -9.08
C PRO A 92 -16.57 12.36 -9.82
N LEU A 93 -15.53 13.07 -9.37
CA LEU A 93 -15.22 14.36 -9.98
C LEU A 93 -14.59 14.21 -11.35
N ARG A 94 -13.63 13.29 -11.48
CA ARG A 94 -13.02 13.04 -12.79
C ARG A 94 -14.08 12.57 -13.79
N ARG A 95 -14.91 11.62 -13.38
CA ARG A 95 -15.95 11.11 -14.27
C ARG A 95 -16.95 12.20 -14.64
N GLY A 96 -17.32 13.04 -13.67
CA GLY A 96 -18.24 14.13 -13.96
C GLY A 96 -17.66 15.12 -14.95
N ALA A 97 -16.38 15.46 -14.79
CA ALA A 97 -15.74 16.37 -15.72
C ALA A 97 -15.71 15.77 -17.12
N LEU A 98 -15.36 14.49 -17.23
CA LEU A 98 -15.35 13.85 -18.53
C LEU A 98 -16.74 13.82 -19.15
N LEU A 99 -17.76 13.54 -18.34
CA LEU A 99 -19.13 13.54 -18.83
C LEU A 99 -19.55 14.91 -19.33
N LEU A 100 -19.22 15.97 -18.59
CA LEU A 100 -19.56 17.31 -19.03
C LEU A 100 -18.87 17.65 -20.34
N LEU A 101 -17.58 17.32 -20.45
CA LEU A 101 -16.87 17.58 -21.70
C LEU A 101 -17.50 16.82 -22.85
N SER A 102 -17.82 15.55 -22.63
CA SER A 102 -18.43 14.75 -23.69
C SER A 102 -19.76 15.34 -24.14
N ILE A 103 -20.61 15.69 -23.17
CA ILE A 103 -21.91 16.26 -23.50
C ILE A 103 -21.74 17.54 -24.30
N TYR A 104 -20.88 18.45 -23.82
CA TYR A 104 -20.70 19.72 -24.51
C TYR A 104 -20.19 19.51 -25.93
N PHE A 105 -19.15 18.69 -26.08
CA PHE A 105 -18.57 18.50 -27.42
C PHE A 105 -19.57 17.86 -28.36
N TYR A 106 -20.28 16.84 -27.90
CA TYR A 106 -21.21 16.16 -28.81
C TYR A 106 -22.39 17.05 -29.18
N TYR A 107 -22.91 17.79 -28.21
CA TYR A 107 -24.02 18.70 -28.50
C TYR A 107 -23.58 19.91 -29.32
N SER A 108 -22.28 20.20 -29.37
CA SER A 108 -21.77 21.37 -30.07
C SER A 108 -21.09 21.02 -31.39
N LEU A 109 -20.18 20.06 -31.38
CA LEU A 109 -19.38 19.79 -32.57
C LEU A 109 -20.27 19.29 -33.71
N PRO A 110 -20.13 19.83 -34.92
CA PRO A 110 -20.81 19.23 -36.06
C PRO A 110 -20.35 17.80 -36.26
N ASN A 111 -21.29 16.92 -36.61
CA ASN A 111 -21.01 15.51 -36.80
C ASN A 111 -21.67 15.02 -38.08
N ALA A 112 -20.88 14.42 -38.97
CA ALA A 112 -21.38 13.83 -40.20
C ALA A 112 -21.70 12.35 -40.04
N VAL A 113 -20.92 11.63 -39.24
CA VAL A 113 -21.18 10.23 -38.91
C VAL A 113 -21.63 10.21 -37.46
N GLY A 114 -22.89 9.84 -37.24
CA GLY A 114 -23.46 9.81 -35.91
C GLY A 114 -24.67 10.71 -35.81
N PRO A 115 -25.64 10.33 -34.97
CA PRO A 115 -26.88 11.11 -34.88
C PRO A 115 -26.69 12.38 -34.07
N PRO A 116 -27.68 13.27 -34.07
CA PRO A 116 -27.65 14.40 -33.15
C PRO A 116 -27.63 13.93 -31.69
N PHE A 117 -27.53 14.90 -30.78
CA PHE A 117 -27.30 14.58 -29.38
C PHE A 117 -28.39 13.68 -28.81
N THR A 118 -29.66 14.08 -28.97
CA THR A 118 -30.74 13.31 -28.35
C THR A 118 -30.92 11.95 -29.02
N TRP A 119 -30.90 11.91 -30.35
CA TRP A 119 -31.02 10.64 -31.05
C TRP A 119 -29.85 9.72 -30.73
N MET A 120 -28.64 10.28 -30.70
CA MET A 120 -27.47 9.49 -30.34
C MET A 120 -27.58 8.95 -28.94
N LEU A 121 -28.06 9.77 -28.00
CA LEU A 121 -28.21 9.32 -26.63
C LEU A 121 -29.21 8.17 -26.54
N ALA A 122 -30.31 8.28 -27.28
CA ALA A 122 -31.29 7.20 -27.30
C ALA A 122 -30.66 5.91 -27.81
N LEU A 123 -29.95 5.99 -28.94
CA LEU A 123 -29.34 4.78 -29.50
C LEU A 123 -28.31 4.20 -28.54
N LEU A 124 -27.53 5.06 -27.89
CA LEU A 124 -26.51 4.57 -26.97
C LEU A 124 -27.13 3.87 -25.77
N GLY A 125 -28.19 4.46 -25.22
CA GLY A 125 -28.89 3.80 -24.13
C GLY A 125 -29.47 2.46 -24.57
N LEU A 126 -30.00 2.41 -25.79
CA LEU A 126 -30.52 1.14 -26.32
C LEU A 126 -29.41 0.10 -26.38
N SER A 127 -28.26 0.47 -26.92
CA SER A 127 -27.17 -0.48 -27.06
C SER A 127 -26.68 -0.95 -25.70
N GLN A 128 -26.53 -0.04 -24.75
CA GLN A 128 -26.07 -0.43 -23.42
C GLN A 128 -27.07 -1.33 -22.73
N ALA A 129 -28.37 -1.03 -22.86
CA ALA A 129 -29.38 -1.89 -22.26
C ALA A 129 -29.36 -3.27 -22.88
N LEU A 130 -29.21 -3.35 -24.20
CA LEU A 130 -29.10 -4.66 -24.85
C LEU A 130 -27.89 -5.42 -24.34
N ASN A 131 -26.75 -4.74 -24.22
CA ASN A 131 -25.55 -5.41 -23.73
C ASN A 131 -25.75 -5.94 -22.32
N ILE A 132 -26.39 -5.14 -21.46
CA ILE A 132 -26.61 -5.58 -20.08
C ILE A 132 -27.57 -6.76 -20.02
N LEU A 133 -28.69 -6.66 -20.73
CA LEU A 133 -29.72 -7.69 -20.63
C LEU A 133 -29.21 -9.02 -21.16
N LEU A 134 -28.53 -9.00 -22.30
CA LEU A 134 -28.09 -10.23 -22.95
C LEU A 134 -26.73 -10.71 -22.45
N GLY A 135 -26.08 -9.96 -21.56
CA GLY A 135 -24.76 -10.34 -21.11
C GLY A 135 -23.71 -10.27 -22.19
N LEU A 136 -24.02 -9.60 -23.30
CA LEU A 136 -23.05 -9.50 -24.40
C LEU A 136 -21.76 -8.82 -23.97
N LYS A 137 -21.82 -7.99 -22.94
CA LYS A 137 -20.64 -7.31 -22.41
C LYS A 137 -20.03 -8.19 -21.32
N GLY A 138 -18.97 -8.91 -21.68
CA GLY A 138 -18.28 -9.76 -20.74
C GLY A 138 -16.78 -9.54 -20.82
N LEU A 139 -16.09 -10.02 -19.79
CA LEU A 139 -14.65 -9.88 -19.66
C LEU A 139 -13.99 -11.22 -19.98
N ALA A 140 -12.95 -11.17 -20.82
CA ALA A 140 -12.25 -12.39 -21.18
C ALA A 140 -11.54 -12.96 -19.96
N PRO A 141 -11.28 -14.27 -19.95
CA PRO A 141 -10.61 -14.88 -18.79
C PRO A 141 -9.28 -14.22 -18.46
N ALA A 142 -8.53 -13.83 -19.49
CA ALA A 142 -7.23 -13.19 -19.25
C ALA A 142 -7.39 -11.87 -18.50
N GLU A 143 -8.35 -11.05 -18.90
CA GLU A 143 -8.58 -9.78 -18.22
C GLU A 143 -9.00 -10.02 -16.77
N ILE A 144 -9.87 -11.00 -16.54
CA ILE A 144 -10.31 -11.30 -15.18
C ILE A 144 -9.14 -11.74 -14.33
N SER A 145 -8.29 -12.61 -14.88
CA SER A 145 -7.13 -13.08 -14.13
C SER A 145 -6.18 -11.92 -13.82
N ALA A 146 -5.96 -11.03 -14.79
CA ALA A 146 -5.10 -9.88 -14.56
C ALA A 146 -5.67 -9.00 -13.46
N VAL A 147 -6.97 -8.74 -13.48
CA VAL A 147 -7.59 -7.92 -12.45
C VAL A 147 -7.44 -8.59 -11.09
N CYS A 148 -7.69 -9.90 -11.03
CA CYS A 148 -7.62 -10.60 -9.76
C CYS A 148 -6.21 -10.56 -9.19
N GLU A 149 -5.20 -10.83 -10.02
CA GLU A 149 -3.82 -10.83 -9.54
C GLU A 149 -3.39 -9.42 -9.14
N LYS A 150 -3.70 -8.42 -9.97
CA LYS A 150 -3.33 -7.05 -9.64
C LYS A 150 -4.03 -6.59 -8.36
N GLY A 151 -5.32 -6.90 -8.24
CA GLY A 151 -6.07 -6.57 -7.04
C GLY A 151 -5.99 -7.59 -5.93
N ASN A 152 -5.29 -8.71 -6.15
CA ASN A 152 -5.16 -9.77 -5.16
C ASN A 152 -6.56 -10.23 -4.69
N PHE A 153 -7.32 -10.72 -5.66
CA PHE A 153 -8.66 -11.25 -5.44
C PHE A 153 -8.70 -12.75 -5.72
N ASN A 154 -7.67 -13.46 -5.29
CA ASN A 154 -7.56 -14.90 -5.51
C ASN A 154 -7.47 -15.62 -4.18
N VAL A 155 -8.04 -16.83 -4.14
CA VAL A 155 -8.08 -17.61 -2.91
C VAL A 155 -6.66 -17.95 -2.46
N ALA A 156 -5.78 -18.24 -3.42
CA ALA A 156 -4.42 -18.63 -3.08
C ALA A 156 -3.72 -17.58 -2.23
N HIS A 157 -4.00 -16.30 -2.48
CA HIS A 157 -3.43 -15.25 -1.67
C HIS A 157 -3.79 -15.42 -0.20
N GLY A 158 -5.09 -15.60 0.07
CA GLY A 158 -5.52 -15.78 1.44
C GLY A 158 -4.97 -17.04 2.06
N LEU A 159 -4.95 -18.14 1.29
CA LEU A 159 -4.43 -19.39 1.84
C LEU A 159 -2.95 -19.26 2.20
N ALA A 160 -2.16 -18.64 1.33
CA ALA A 160 -0.74 -18.49 1.60
C ALA A 160 -0.50 -17.58 2.80
N TRP A 161 -1.24 -16.48 2.89
CA TRP A 161 -1.04 -15.60 4.04
C TRP A 161 -1.49 -16.27 5.33
N SER A 162 -2.55 -17.07 5.28
CA SER A 162 -2.95 -17.83 6.46
C SER A 162 -1.87 -18.82 6.86
N TYR A 163 -1.29 -19.53 5.89
CA TYR A 163 -0.24 -20.50 6.19
C TYR A 163 0.95 -19.82 6.83
N TYR A 164 1.33 -18.65 6.32
CA TYR A 164 2.50 -17.96 6.86
C TYR A 164 2.21 -17.40 8.25
N ILE A 165 1.02 -16.83 8.46
CA ILE A 165 0.74 -16.10 9.69
C ILE A 165 0.29 -17.02 10.82
N GLY A 166 -0.21 -18.21 10.52
CA GLY A 166 -0.74 -19.07 11.55
C GLY A 166 0.22 -20.18 11.95
N TYR A 167 1.05 -20.63 11.02
CA TYR A 167 1.92 -21.78 11.22
C TYR A 167 3.40 -21.41 11.16
N LEU A 168 3.86 -20.85 10.05
CA LEU A 168 5.29 -20.60 9.88
C LEU A 168 5.77 -19.51 10.83
N ARG A 169 5.05 -18.40 10.91
CA ARG A 169 5.50 -17.26 11.69
C ARG A 169 5.69 -17.63 13.16
N LEU A 170 5.06 -18.70 13.62
CA LEU A 170 5.17 -19.12 15.02
C LEU A 170 6.30 -20.13 15.20
N ILE A 171 6.29 -21.21 14.41
CA ILE A 171 7.21 -22.30 14.66
C ILE A 171 8.62 -21.94 14.20
N LEU A 172 8.75 -21.25 13.05
CA LEU A 172 10.06 -21.07 12.43
C LEU A 172 11.10 -20.50 13.38
N PRO A 173 10.83 -19.44 14.14
CA PRO A 173 11.85 -18.96 15.09
C PRO A 173 12.25 -19.99 16.13
N GLU A 174 11.32 -20.82 16.59
CA GLU A 174 11.60 -21.82 17.61
C GLU A 174 12.01 -23.17 17.03
N LEU A 175 11.99 -23.32 15.71
CA LEU A 175 12.34 -24.61 15.12
C LEU A 175 13.81 -24.94 15.38
N GLN A 176 14.69 -23.95 15.28
CA GLN A 176 16.09 -24.19 15.55
C GLN A 176 16.29 -24.69 16.98
N ALA A 177 15.62 -24.04 17.93
CA ALA A 177 15.74 -24.45 19.33
C ALA A 177 15.20 -25.86 19.54
N ARG A 178 14.06 -26.17 18.93
CA ARG A 178 13.48 -27.50 19.09
C ARG A 178 14.40 -28.57 18.51
N ILE A 179 14.98 -28.31 17.33
CA ILE A 179 15.90 -29.26 16.73
C ILE A 179 17.15 -29.41 17.60
N ARG A 180 17.65 -28.29 18.13
CA ARG A 180 18.82 -28.36 19.00
C ARG A 180 18.56 -29.21 20.22
N THR A 181 17.40 -29.02 20.85
CA THR A 181 17.04 -29.81 22.02
C THR A 181 16.93 -31.29 21.66
N TYR A 182 16.29 -31.59 20.53
CA TYR A 182 16.12 -32.97 20.12
C TYR A 182 17.48 -33.64 19.88
N ASN A 183 18.39 -32.93 19.22
CA ASN A 183 19.69 -33.50 18.93
C ASN A 183 20.51 -33.68 20.20
N GLN A 184 20.54 -32.67 21.08
CA GLN A 184 21.32 -32.77 22.30
C GLN A 184 20.79 -33.90 23.19
N HIS A 185 19.46 -33.99 23.33
CA HIS A 185 18.89 -35.12 24.06
C HIS A 185 19.03 -36.43 23.28
N TYR A 186 19.21 -36.35 21.97
CA TYR A 186 19.34 -37.54 21.14
C TYR A 186 19.52 -37.16 19.67
N GLY A 192 18.15 -38.14 15.74
CA GLY A 192 19.39 -38.24 14.98
C GLY A 192 19.95 -36.89 14.59
N ALA A 193 20.89 -36.89 13.65
CA ALA A 193 21.51 -35.65 13.16
C ALA A 193 20.61 -35.05 12.07
N VAL A 194 19.50 -34.47 12.52
CA VAL A 194 18.54 -33.93 11.57
C VAL A 194 19.07 -32.64 10.96
N SER A 195 18.41 -32.20 9.89
CA SER A 195 18.78 -30.96 9.22
C SER A 195 18.32 -29.76 10.04
N GLN A 196 18.77 -28.59 9.62
CA GLN A 196 18.52 -27.34 10.34
C GLN A 196 17.43 -26.51 9.69
N ARG A 197 16.70 -27.06 8.72
CA ARG A 197 15.67 -26.32 7.99
C ARG A 197 14.41 -27.16 7.88
N LEU A 198 13.28 -26.47 7.69
CA LEU A 198 12.00 -27.12 7.47
C LEU A 198 11.76 -27.24 5.98
N TYR A 199 11.39 -28.44 5.54
CA TYR A 199 11.14 -28.73 4.14
C TYR A 199 9.65 -28.93 3.93
N ILE A 200 9.06 -28.09 3.07
CA ILE A 200 7.63 -28.13 2.76
C ILE A 200 7.48 -28.57 1.32
N LEU A 201 6.61 -29.54 1.10
CA LEU A 201 6.34 -30.08 -0.23
C LEU A 201 5.07 -29.44 -0.78
N LEU A 202 5.13 -29.01 -2.03
CA LEU A 202 4.04 -28.27 -2.66
C LEU A 202 3.64 -28.97 -3.96
N PRO A 203 2.84 -30.04 -3.88
CA PRO A 203 2.38 -30.73 -5.09
C PRO A 203 1.39 -29.86 -5.86
N LEU A 204 1.79 -29.42 -7.04
CA LEU A 204 0.93 -28.56 -7.85
C LEU A 204 -0.36 -29.28 -8.24
N ASP A 205 -0.35 -30.61 -8.27
CA ASP A 205 -1.56 -31.37 -8.54
C ASP A 205 -2.46 -31.48 -7.32
N CYS A 206 -2.00 -31.05 -6.15
CA CYS A 206 -2.79 -31.02 -4.92
C CYS A 206 -3.20 -32.41 -4.46
N GLY A 207 -2.47 -33.45 -4.84
CA GLY A 207 -2.75 -34.78 -4.36
C GLY A 207 -2.72 -34.83 -2.84
N VAL A 208 -1.55 -34.62 -2.27
CA VAL A 208 -1.37 -34.49 -0.82
C VAL A 208 -2.02 -35.66 -0.10
N PRO A 209 -1.47 -36.86 -0.19
CA PRO A 209 -1.99 -37.97 0.63
C PRO A 209 -1.74 -37.72 2.11
N ASP A 210 -2.70 -38.14 2.92
CA ASP A 210 -2.59 -37.93 4.36
C ASP A 210 -1.44 -38.72 4.95
N ASN A 211 -1.27 -39.97 4.52
CA ASN A 211 -0.18 -40.82 4.95
C ASN A 211 0.96 -40.68 3.95
N LEU A 212 2.03 -39.98 4.36
CA LEU A 212 3.12 -39.70 3.44
C LEU A 212 3.78 -40.97 2.95
N SER A 213 3.96 -41.95 3.83
CA SER A 213 4.59 -43.21 3.42
C SER A 213 3.82 -43.85 2.28
N MET A 214 2.53 -43.57 2.16
CA MET A 214 1.75 -44.07 1.03
C MET A 214 2.21 -43.43 -0.28
N ALA A 215 2.61 -42.16 -0.24
CA ALA A 215 3.04 -41.48 -1.45
C ALA A 215 4.25 -42.16 -2.06
N ASP A 216 5.24 -42.50 -1.23
CA ASP A 216 6.46 -43.13 -1.70
C ASP A 216 7.04 -44.01 -0.60
N PRO A 217 7.24 -45.31 -0.86
CA PRO A 217 7.76 -46.18 0.21
C PRO A 217 9.11 -45.75 0.75
N ASN A 218 9.94 -45.12 -0.07
CA ASN A 218 11.29 -44.75 0.37
C ASN A 218 11.30 -43.76 1.52
N ILE A 219 10.19 -43.09 1.79
CA ILE A 219 10.08 -42.16 2.91
C ILE A 219 9.27 -42.85 4.00
N ARG A 220 9.85 -42.96 5.19
CA ARG A 220 9.20 -43.57 6.33
C ARG A 220 9.39 -42.72 7.58
N PHE A 221 8.47 -42.86 8.52
CA PHE A 221 8.55 -42.10 9.76
C PHE A 221 9.75 -42.54 10.58
N LEU A 222 10.37 -41.58 11.26
CA LEU A 222 11.51 -41.83 12.13
C LEU A 222 11.20 -41.49 13.58
N ASP A 223 10.75 -40.27 13.86
CA ASP A 223 10.49 -39.85 15.23
C ASP A 223 9.66 -38.57 15.19
N LYS A 224 9.46 -37.98 16.36
CA LYS A 224 8.60 -36.82 16.52
C LYS A 224 9.33 -35.72 17.28
N LEU A 225 9.26 -34.50 16.76
CA LEU A 225 9.88 -33.37 17.43
C LEU A 225 9.09 -33.00 18.68
N PRO A 226 9.73 -32.32 19.63
CA PRO A 226 9.00 -31.84 20.81
C PRO A 226 7.86 -30.91 20.40
N GLN A 227 6.73 -31.04 21.10
CA GLN A 227 5.58 -30.20 20.78
C GLN A 227 5.83 -28.76 21.23
N GLN A 228 5.17 -27.84 20.54
CA GLN A 228 5.17 -26.43 20.89
C GLN A 228 3.77 -26.03 21.31
N THR A 229 3.67 -25.24 22.38
CA THR A 229 2.38 -24.84 22.92
C THR A 229 2.25 -23.33 22.89
N GLY A 230 1.07 -22.86 22.48
CA GLY A 230 0.79 -21.44 22.46
C GLY A 230 -0.70 -21.18 22.41
N ASP A 231 -1.09 -20.03 22.97
CA ASP A 231 -2.48 -19.61 23.00
C ASP A 231 -2.85 -18.96 21.68
N ARG A 232 -3.98 -19.37 21.10
CA ARG A 232 -4.43 -18.86 19.82
C ARG A 232 -5.95 -18.88 19.76
N ALA A 233 -6.54 -17.76 19.36
CA ALA A 233 -7.98 -17.64 19.13
C ALA A 233 -8.80 -18.10 20.32
N GLY A 234 -8.30 -17.91 21.53
CA GLY A 234 -9.00 -18.38 22.71
C GLY A 234 -8.75 -19.83 23.06
N ILE A 235 -8.12 -20.59 22.17
CA ILE A 235 -7.81 -21.99 22.42
C ILE A 235 -6.48 -22.05 23.14
N LYS A 236 -6.52 -22.24 24.46
CA LYS A 236 -5.32 -22.24 25.26
C LYS A 236 -4.51 -23.51 25.03
N ASP A 237 -3.19 -23.37 25.05
CA ASP A 237 -2.28 -24.50 24.90
C ASP A 237 -2.52 -25.24 23.58
N ARG A 238 -2.80 -24.47 22.53
CA ARG A 238 -2.84 -25.04 21.20
C ARG A 238 -1.46 -25.57 20.83
N VAL A 239 -1.44 -26.75 20.22
CA VAL A 239 -0.22 -27.54 20.07
C VAL A 239 0.16 -27.58 18.59
N TYR A 240 1.41 -27.24 18.30
CA TYR A 240 2.00 -27.41 16.97
C TYR A 240 3.09 -28.46 17.08
N SER A 241 3.00 -29.49 16.24
CA SER A 241 3.93 -30.60 16.27
C SER A 241 4.43 -30.89 14.85
N ASN A 242 5.66 -31.39 14.77
CA ASN A 242 6.27 -31.81 13.53
C ASN A 242 6.54 -33.31 13.59
N SER A 243 7.13 -33.83 12.52
CA SER A 243 7.38 -35.26 12.40
C SER A 243 8.66 -35.46 11.59
N ILE A 244 9.69 -36.00 12.22
CA ILE A 244 10.97 -36.24 11.55
C ILE A 244 10.88 -37.57 10.82
N TYR A 245 11.15 -37.55 9.52
CA TYR A 245 11.13 -38.72 8.66
C TYR A 245 12.54 -39.12 8.29
N GLU A 246 12.66 -40.31 7.71
CA GLU A 246 13.94 -40.84 7.24
C GLU A 246 13.80 -41.21 5.77
N LEU A 247 14.75 -40.77 4.96
CA LEU A 247 14.72 -40.99 3.52
C LEU A 247 15.58 -42.19 3.16
N LEU A 248 15.05 -43.05 2.30
CA LEU A 248 15.69 -44.31 1.94
C LEU A 248 16.24 -44.24 0.54
N GLU A 249 17.52 -44.61 0.40
CA GLU A 249 18.14 -44.85 -0.89
C GLU A 249 18.71 -46.25 -0.85
N ASN A 250 18.18 -47.15 -1.68
CA ASN A 250 18.61 -48.54 -1.72
C ASN A 250 18.49 -49.18 -0.33
N GLY A 251 17.45 -48.79 0.40
CA GLY A 251 17.23 -49.32 1.73
C GLY A 251 18.12 -48.76 2.80
N GLN A 252 18.92 -47.74 2.50
CA GLN A 252 19.83 -47.12 3.46
C GLN A 252 19.35 -45.72 3.80
N ARG A 253 19.54 -45.31 5.06
CA ARG A 253 19.06 -44.02 5.51
C ARG A 253 19.93 -42.91 4.95
N ALA A 254 19.60 -42.44 3.74
CA ALA A 254 20.41 -41.41 3.10
C ALA A 254 20.38 -40.11 3.91
N GLY A 255 19.20 -39.71 4.37
CA GLY A 255 19.08 -38.49 5.14
C GLY A 255 17.74 -38.41 5.82
N THR A 256 17.68 -37.58 6.87
CA THR A 256 16.48 -37.37 7.64
C THR A 256 16.19 -35.87 7.72
N CYS A 257 14.92 -35.51 7.66
CA CYS A 257 14.54 -34.10 7.60
C CYS A 257 13.18 -33.91 8.25
N VAL A 258 12.92 -32.66 8.66
CA VAL A 258 11.62 -32.27 9.19
C VAL A 258 10.76 -31.91 7.98
N LEU A 259 9.93 -32.86 7.55
CA LEU A 259 9.19 -32.75 6.32
C LEU A 259 7.69 -32.73 6.59
N GLU A 260 6.97 -31.95 5.79
CA GLU A 260 5.52 -31.81 5.92
C GLU A 260 4.96 -31.34 4.59
N TYR A 261 3.66 -31.56 4.42
CA TYR A 261 2.96 -31.06 3.25
C TYR A 261 2.21 -29.77 3.59
N ALA A 262 1.65 -29.14 2.57
CA ALA A 262 0.90 -27.91 2.71
C ALA A 262 -0.59 -28.22 2.76
N THR A 263 -1.19 -28.09 3.93
CA THR A 263 -2.61 -28.35 4.09
C THR A 263 -3.49 -27.53 3.14
N PRO A 264 -3.18 -26.26 2.84
CA PRO A 264 -4.04 -25.51 1.91
C PRO A 264 -4.20 -26.19 0.58
N LEU A 265 -3.23 -26.99 0.12
CA LEU A 265 -3.42 -27.76 -1.09
C LEU A 265 -4.50 -28.82 -0.91
N GLN A 266 -4.54 -29.45 0.27
CA GLN A 266 -5.66 -30.34 0.58
C GLN A 266 -6.97 -29.57 0.52
N THR A 267 -6.97 -28.34 1.05
CA THR A 267 -8.20 -27.55 1.03
C THR A 267 -8.64 -27.28 -0.40
N LEU A 268 -7.70 -26.92 -1.28
CA LEU A 268 -8.04 -26.67 -2.67
C LEU A 268 -8.57 -27.93 -3.35
N PHE A 269 -7.94 -29.07 -3.09
CA PHE A 269 -8.41 -30.32 -3.68
C PHE A 269 -9.83 -30.62 -3.23
N ALA A 270 -10.10 -30.48 -1.93
CA ALA A 270 -11.44 -30.76 -1.42
C ALA A 270 -12.45 -29.80 -2.02
N MET A 271 -12.10 -28.51 -2.11
CA MET A 271 -12.99 -27.55 -2.76
C MET A 271 -13.29 -27.96 -4.19
N SER A 272 -12.28 -28.50 -4.88
CA SER A 272 -12.52 -29.00 -6.23
C SER A 272 -13.52 -30.14 -6.21
N GLN A 273 -13.41 -31.04 -5.23
CA GLN A 273 -14.33 -32.18 -5.15
C GLN A 273 -15.77 -31.72 -4.95
N TYR A 274 -15.99 -30.77 -4.05
CA TYR A 274 -17.34 -30.29 -3.75
C TYR A 274 -17.92 -29.53 -4.94
N SER A 275 -19.17 -29.09 -4.80
CA SER A 275 -19.86 -28.36 -5.85
C SER A 275 -20.27 -26.95 -5.43
N GLN A 276 -20.68 -26.77 -4.18
CA GLN A 276 -21.01 -25.42 -3.70
C GLN A 276 -19.83 -24.47 -3.86
N ALA A 277 -18.61 -25.00 -3.80
CA ALA A 277 -17.44 -24.14 -3.91
C ALA A 277 -17.35 -23.45 -5.25
N GLY A 278 -17.94 -24.04 -6.29
CA GLY A 278 -17.78 -23.50 -7.63
C GLY A 278 -16.33 -23.51 -8.07
N PHE A 279 -15.61 -24.59 -7.77
CA PHE A 279 -14.17 -24.66 -7.99
C PHE A 279 -13.89 -25.74 -9.02
N SER A 280 -13.21 -25.37 -10.10
CA SER A 280 -12.88 -26.31 -11.15
C SER A 280 -11.42 -26.77 -11.03
N ARG A 281 -11.11 -27.88 -11.70
CA ARG A 281 -9.77 -28.45 -11.62
C ARG A 281 -8.73 -27.52 -12.21
N GLU A 282 -9.06 -26.87 -13.34
CA GLU A 282 -8.13 -25.90 -13.91
C GLU A 282 -7.90 -24.74 -12.96
N ASP A 283 -8.99 -24.24 -12.35
CA ASP A 283 -8.84 -23.22 -11.31
C ASP A 283 -8.01 -23.75 -10.16
N ARG A 284 -8.16 -25.04 -9.82
CA ARG A 284 -7.36 -25.61 -8.75
C ARG A 284 -5.88 -25.53 -9.07
N LEU A 285 -5.51 -25.91 -10.29
CA LEU A 285 -4.10 -25.84 -10.69
C LEU A 285 -3.60 -24.40 -10.65
N GLU A 286 -4.39 -23.47 -11.20
CA GLU A 286 -3.95 -22.08 -11.25
C GLU A 286 -3.75 -21.53 -9.85
N GLN A 287 -4.70 -21.79 -8.95
CA GLN A 287 -4.60 -21.27 -7.59
C GLN A 287 -3.47 -21.95 -6.83
N ALA A 288 -3.20 -23.22 -7.12
CA ALA A 288 -2.06 -23.88 -6.46
C ALA A 288 -0.76 -23.23 -6.88
N LYS A 289 -0.59 -22.97 -8.17
CA LYS A 289 0.63 -22.29 -8.63
C LYS A 289 0.74 -20.91 -8.01
N LEU A 290 -0.36 -20.16 -7.97
CA LEU A 290 -0.35 -18.84 -7.38
C LEU A 290 -0.01 -18.91 -5.90
N PHE A 291 -0.54 -19.92 -5.20
CA PHE A 291 -0.23 -20.10 -3.79
C PHE A 291 1.26 -20.33 -3.58
N CYS A 292 1.85 -21.20 -4.40
CA CYS A 292 3.29 -21.46 -4.29
C CYS A 292 4.07 -20.17 -4.50
N ARG A 293 3.73 -19.42 -5.55
CA ARG A 293 4.47 -18.19 -5.85
C ARG A 293 4.34 -17.18 -4.72
N THR A 294 3.11 -16.98 -4.22
CA THR A 294 2.89 -16.01 -3.17
C THR A 294 3.62 -16.40 -1.89
N LEU A 295 3.58 -17.68 -1.54
CA LEU A 295 4.28 -18.13 -0.33
C LEU A 295 5.78 -17.94 -0.48
N GLU A 296 6.32 -18.23 -1.66
CA GLU A 296 7.74 -18.01 -1.89
C GLU A 296 8.09 -16.54 -1.70
N ASP A 297 7.29 -15.64 -2.26
CA ASP A 297 7.56 -14.21 -2.11
C ASP A 297 7.50 -13.80 -0.65
N ILE A 298 6.47 -14.25 0.07
CA ILE A 298 6.32 -13.85 1.47
C ILE A 298 7.51 -14.33 2.29
N LEU A 299 7.92 -15.59 2.10
CA LEU A 299 9.05 -16.10 2.86
C LEU A 299 10.34 -15.39 2.47
N ALA A 300 10.47 -15.01 1.20
CA ALA A 300 11.66 -14.27 0.78
C ALA A 300 11.73 -12.92 1.49
N ASP A 301 10.59 -12.25 1.63
CA ASP A 301 10.58 -10.95 2.28
C ASP A 301 10.38 -11.04 3.79
N ALA A 302 10.08 -12.23 4.31
CA ALA A 302 9.76 -12.35 5.73
C ALA A 302 11.05 -12.32 6.55
N PRO A 303 11.03 -11.69 7.73
CA PRO A 303 12.23 -11.72 8.58
C PRO A 303 12.38 -13.01 9.36
N GLU A 304 11.27 -13.63 9.76
CA GLU A 304 11.34 -14.84 10.59
C GLU A 304 12.08 -15.95 9.86
N SER A 305 11.77 -16.17 8.59
CA SER A 305 12.41 -17.20 7.79
C SER A 305 13.73 -16.66 7.24
N GLN A 306 14.82 -17.02 7.93
CA GLN A 306 16.17 -16.63 7.53
C GLN A 306 16.96 -17.90 7.23
N ASN A 307 16.70 -18.47 6.05
CA ASN A 307 17.30 -19.74 5.64
C ASN A 307 16.99 -20.84 6.65
N ASN A 308 15.82 -20.75 7.27
CA ASN A 308 15.35 -21.75 8.24
C ASN A 308 14.20 -22.58 7.69
N CYS A 309 13.75 -22.29 6.47
CA CYS A 309 12.70 -23.06 5.82
C CYS A 309 13.03 -23.19 4.34
N ARG A 310 12.61 -24.31 3.75
CA ARG A 310 12.79 -24.56 2.32
C ARG A 310 11.51 -25.13 1.77
N LEU A 311 11.21 -24.78 0.51
CA LEU A 311 10.00 -25.24 -0.16
C LEU A 311 10.37 -26.16 -1.31
N ILE A 312 9.57 -27.21 -1.49
CA ILE A 312 9.76 -28.19 -2.56
C ILE A 312 8.51 -28.16 -3.43
N ALA A 313 8.70 -27.95 -4.73
CA ALA A 313 7.61 -27.93 -5.70
C ALA A 313 7.89 -29.01 -6.75
N TYR A 314 6.87 -29.81 -7.04
CA TYR A 314 7.01 -30.88 -8.01
C TYR A 314 5.67 -31.11 -8.70
N GLN A 315 5.74 -31.72 -9.88
CA GLN A 315 4.55 -32.04 -10.66
C GLN A 315 4.73 -33.43 -11.24
N GLU A 316 3.85 -34.35 -10.86
CA GLU A 316 3.96 -35.72 -11.33
C GLU A 316 3.74 -35.77 -12.84
N PRO A 317 4.63 -36.41 -13.62
CA PRO A 317 4.43 -36.46 -15.06
C PRO A 317 3.28 -37.38 -15.47
N SER A 322 9.10 -43.52 -12.88
CA SER A 322 9.38 -42.28 -13.59
C SER A 322 9.49 -41.12 -12.61
N PHE A 323 8.69 -41.15 -11.55
CA PHE A 323 8.66 -40.10 -10.54
C PHE A 323 9.09 -40.68 -9.20
N SER A 324 9.99 -39.98 -8.52
CA SER A 324 10.50 -40.42 -7.23
C SER A 324 10.62 -39.20 -6.33
N LEU A 325 9.70 -39.09 -5.37
CA LEU A 325 9.73 -37.97 -4.44
C LEU A 325 11.00 -37.98 -3.60
N SER A 326 11.41 -39.16 -3.14
CA SER A 326 12.60 -39.26 -2.30
C SER A 326 13.82 -38.69 -3.00
N GLN A 327 13.96 -38.95 -4.29
CA GLN A 327 15.13 -38.46 -5.01
C GLN A 327 15.16 -36.94 -5.04
N GLU A 328 14.00 -36.31 -5.30
CA GLU A 328 13.96 -34.85 -5.30
C GLU A 328 14.28 -34.28 -3.93
N VAL A 329 13.71 -34.87 -2.87
CA VAL A 329 13.96 -34.36 -1.54
C VAL A 329 15.43 -34.50 -1.17
N LEU A 330 16.03 -35.65 -1.51
CA LEU A 330 17.45 -35.85 -1.24
C LEU A 330 18.31 -34.88 -2.03
N ARG A 331 17.96 -34.65 -3.29
CA ARG A 331 18.70 -33.69 -4.11
C ARG A 331 18.70 -32.32 -3.48
N HIS A 332 17.53 -31.87 -3.00
CA HIS A 332 17.48 -30.57 -2.34
C HIS A 332 18.22 -30.58 -1.00
N LEU A 333 18.19 -31.71 -0.28
CA LEU A 333 18.85 -31.77 1.02
C LEU A 333 20.37 -31.67 0.87
N ARG A 334 20.94 -32.40 -0.09
CA ARG A 334 22.39 -32.45 -0.22
C ARG A 334 22.98 -31.13 -0.70
N GLN A 335 22.16 -30.19 -1.14
CA GLN A 335 22.66 -28.87 -1.52
C GLN A 335 23.15 -28.11 -0.30
N HIS B 3 -31.85 -13.56 2.21
CA HIS B 3 -31.40 -12.67 3.27
C HIS B 3 -30.69 -13.49 4.36
N SER B 4 -29.64 -12.92 4.94
CA SER B 4 -28.85 -13.57 5.96
C SER B 4 -29.29 -13.11 7.34
N SER B 5 -29.52 -14.06 8.24
CA SER B 5 -29.96 -13.78 9.60
C SER B 5 -28.82 -13.60 10.57
N LEU B 6 -27.58 -13.77 10.13
CA LEU B 6 -26.45 -13.64 11.05
C LEU B 6 -26.35 -12.23 11.62
N HIS B 7 -26.41 -11.22 10.75
CA HIS B 7 -26.25 -9.84 11.18
C HIS B 7 -26.86 -8.94 10.12
N PRO B 8 -27.54 -7.86 10.49
CA PRO B 8 -28.07 -6.96 9.46
C PRO B 8 -27.00 -6.39 8.56
N SER B 9 -25.78 -6.25 9.06
CA SER B 9 -24.66 -5.70 8.30
C SER B 9 -24.01 -6.71 7.37
N ILE B 10 -24.68 -7.83 7.07
CA ILE B 10 -24.18 -8.85 6.16
C ILE B 10 -24.83 -8.63 4.81
N PRO B 11 -24.08 -8.23 3.77
CA PRO B 11 -24.70 -8.01 2.46
C PRO B 11 -25.35 -9.28 1.92
N CYS B 12 -26.49 -9.11 1.27
CA CYS B 12 -27.14 -10.22 0.60
C CYS B 12 -26.52 -10.43 -0.77
N PRO B 13 -26.64 -11.63 -1.34
CA PRO B 13 -26.11 -11.86 -2.68
C PRO B 13 -26.73 -10.91 -3.69
N ARG B 14 -25.91 -10.45 -4.63
CA ARG B 14 -26.39 -9.49 -5.63
C ARG B 14 -27.52 -10.10 -6.45
N GLY B 15 -28.56 -9.31 -6.67
CA GLY B 15 -29.73 -9.77 -7.40
C GLY B 15 -29.67 -9.44 -8.87
N HIS B 16 -30.78 -8.90 -9.40
CA HIS B 16 -30.87 -8.56 -10.81
C HIS B 16 -31.47 -7.17 -11.00
N GLY B 17 -31.18 -6.24 -10.09
CA GLY B 17 -31.66 -4.88 -10.25
C GLY B 17 -31.12 -4.23 -11.52
N ALA B 18 -29.92 -4.63 -11.94
CA ALA B 18 -29.37 -4.10 -13.18
C ALA B 18 -30.28 -4.46 -14.35
N GLN B 19 -30.82 -5.68 -14.36
CA GLN B 19 -31.71 -6.07 -15.45
C GLN B 19 -32.98 -5.23 -15.47
N LYS B 20 -33.54 -4.95 -14.28
CA LYS B 20 -34.73 -4.12 -14.23
C LYS B 20 -34.44 -2.70 -14.70
N ALA B 21 -33.30 -2.15 -14.29
CA ALA B 21 -32.92 -0.82 -14.75
C ALA B 21 -32.73 -0.81 -16.26
N ALA B 22 -32.13 -1.86 -16.81
CA ALA B 22 -31.95 -1.95 -18.25
C ALA B 22 -33.29 -2.02 -18.96
N LEU B 23 -34.24 -2.76 -18.41
CA LEU B 23 -35.57 -2.84 -19.01
C LEU B 23 -36.25 -1.48 -19.01
N VAL B 24 -36.17 -0.76 -17.90
CA VAL B 24 -36.76 0.58 -17.83
C VAL B 24 -36.10 1.50 -18.85
N LEU B 25 -34.78 1.45 -18.93
CA LEU B 25 -34.05 2.28 -19.89
C LEU B 25 -34.45 1.95 -21.31
N LEU B 26 -34.58 0.67 -21.62
CA LEU B 26 -34.98 0.25 -22.96
C LEU B 26 -36.38 0.73 -23.29
N SER B 27 -37.31 0.63 -22.33
CA SER B 27 -38.66 1.11 -22.56
C SER B 27 -38.66 2.61 -22.86
N ALA B 28 -37.96 3.38 -22.03
CA ALA B 28 -37.90 4.82 -22.26
C ALA B 28 -37.24 5.14 -23.59
N CYS B 29 -36.21 4.37 -23.96
CA CYS B 29 -35.51 4.62 -25.22
C CYS B 29 -36.42 4.36 -26.40
N LEU B 30 -37.18 3.26 -26.35
CA LEU B 30 -38.13 2.99 -27.42
C LEU B 30 -39.20 4.06 -27.50
N VAL B 31 -39.66 4.55 -26.34
CA VAL B 31 -40.66 5.61 -26.32
C VAL B 31 -40.12 6.85 -27.02
N THR B 32 -38.90 7.25 -26.68
CA THR B 32 -38.34 8.47 -27.26
C THR B 32 -38.03 8.27 -28.74
N LEU B 33 -37.61 7.07 -29.14
CA LEU B 33 -37.38 6.79 -30.55
C LEU B 33 -38.68 6.91 -31.34
N TRP B 34 -39.78 6.39 -30.79
CA TRP B 34 -41.07 6.57 -31.41
C TRP B 34 -41.44 8.05 -31.50
N GLY B 35 -41.18 8.80 -30.43
CA GLY B 35 -41.52 10.20 -30.43
C GLY B 35 -40.76 11.00 -31.47
N LEU B 36 -39.47 10.71 -31.64
CA LEU B 36 -38.64 11.46 -32.56
C LEU B 36 -39.16 11.36 -33.99
N GLY B 37 -39.53 10.15 -34.41
CA GLY B 37 -40.12 9.96 -35.71
C GLY B 37 -39.15 9.81 -36.86
N GLU B 38 -37.86 9.69 -36.60
CA GLU B 38 -36.90 9.51 -37.68
C GLU B 38 -37.08 8.14 -38.33
N PRO B 39 -36.66 7.99 -39.57
CA PRO B 39 -36.83 6.71 -40.28
C PRO B 39 -36.19 5.58 -39.52
N PRO B 40 -36.85 4.42 -39.39
CA PRO B 40 -36.23 3.29 -38.69
C PRO B 40 -34.95 2.81 -39.33
N GLU B 41 -34.83 2.90 -40.64
CA GLU B 41 -33.65 2.37 -41.32
C GLU B 41 -32.38 3.08 -40.87
N HIS B 42 -32.44 4.40 -40.72
CA HIS B 42 -31.27 5.15 -40.25
C HIS B 42 -30.90 4.74 -38.83
N THR B 43 -31.90 4.57 -37.97
CA THR B 43 -31.63 4.12 -36.61
C THR B 43 -30.96 2.76 -36.62
N LEU B 44 -31.46 1.84 -37.44
CA LEU B 44 -30.87 0.51 -37.52
C LEU B 44 -29.43 0.58 -38.00
N ARG B 45 -29.18 1.40 -39.03
CA ARG B 45 -27.82 1.53 -39.54
C ARG B 45 -26.88 2.05 -38.46
N TYR B 46 -27.30 3.11 -37.75
CA TYR B 46 -26.47 3.67 -36.70
C TYR B 46 -26.19 2.63 -35.62
N LEU B 47 -27.22 1.93 -35.18
CA LEU B 47 -27.05 0.96 -34.11
C LEU B 47 -26.13 -0.18 -34.51
N VAL B 48 -26.32 -0.72 -35.72
CA VAL B 48 -25.50 -1.84 -36.16
C VAL B 48 -24.05 -1.41 -36.34
N LEU B 49 -23.84 -0.19 -36.85
CA LEU B 49 -22.46 0.29 -36.98
C LEU B 49 -21.82 0.50 -35.61
N HIS B 50 -22.59 0.98 -34.64
CA HIS B 50 -22.07 1.13 -33.28
C HIS B 50 -21.65 -0.22 -32.72
N LEU B 51 -22.50 -1.24 -32.90
CA LEU B 51 -22.16 -2.56 -32.42
C LEU B 51 -20.93 -3.11 -33.14
N ALA B 52 -20.82 -2.85 -34.43
CA ALA B 52 -19.64 -3.28 -35.18
C ALA B 52 -18.37 -2.63 -34.64
N SER B 53 -18.43 -1.33 -34.36
CA SER B 53 -17.27 -0.64 -33.82
C SER B 53 -16.89 -1.20 -32.46
N LEU B 54 -17.89 -1.46 -31.61
CA LEU B 54 -17.60 -2.06 -30.31
C LEU B 54 -16.95 -3.43 -30.47
N GLN B 55 -17.44 -4.23 -31.42
CA GLN B 55 -16.86 -5.55 -31.63
C GLN B 55 -15.42 -5.45 -32.09
N LEU B 56 -15.13 -4.51 -33.00
CA LEU B 56 -13.76 -4.34 -33.45
C LEU B 56 -12.85 -3.87 -32.31
N GLY B 57 -13.37 -2.99 -31.45
CA GLY B 57 -12.59 -2.59 -30.29
C GLY B 57 -12.28 -3.75 -29.37
N LEU B 58 -13.27 -4.61 -29.13
CA LEU B 58 -13.02 -5.80 -28.33
C LEU B 58 -11.99 -6.71 -28.99
N LEU B 59 -12.07 -6.85 -30.32
CA LEU B 59 -11.08 -7.65 -31.03
C LEU B 59 -9.68 -7.10 -30.81
N LEU B 60 -9.52 -5.79 -30.94
CA LEU B 60 -8.19 -5.19 -30.76
C LEU B 60 -7.69 -5.36 -29.33
N ASN B 61 -8.57 -5.18 -28.35
CA ASN B 61 -8.19 -5.40 -26.96
C ASN B 61 -7.74 -6.84 -26.75
N GLY B 62 -8.47 -7.79 -27.32
CA GLY B 62 -8.07 -9.18 -27.22
C GLY B 62 -6.74 -9.45 -27.90
N VAL B 63 -6.48 -8.76 -29.02
CA VAL B 63 -5.20 -8.92 -29.70
C VAL B 63 -4.06 -8.46 -28.81
N CYS B 64 -4.23 -7.31 -28.15
CA CYS B 64 -3.20 -6.84 -27.23
C CYS B 64 -3.02 -7.80 -26.07
N SER B 65 -4.12 -8.28 -25.50
CA SER B 65 -4.01 -9.23 -24.40
C SER B 65 -3.32 -10.52 -24.84
N LEU B 66 -3.52 -10.92 -26.10
CA LEU B 66 -2.84 -12.08 -26.64
C LEU B 66 -1.35 -11.82 -26.76
N ALA B 67 -0.98 -10.65 -27.27
CA ALA B 67 0.43 -10.28 -27.33
C ALA B 67 1.06 -10.32 -25.95
N GLU B 68 0.30 -10.00 -24.92
CA GLU B 68 0.79 -10.10 -23.54
C GLU B 68 0.89 -11.54 -23.05
N GLU B 69 -0.12 -12.37 -23.32
CA GLU B 69 -0.19 -13.69 -22.73
C GLU B 69 0.62 -14.73 -23.49
N LEU B 70 1.10 -14.41 -24.69
CA LEU B 70 1.93 -15.37 -25.40
C LEU B 70 3.20 -15.70 -24.62
N ARG B 71 3.68 -14.78 -23.80
CA ARG B 71 4.86 -15.06 -22.98
C ARG B 71 4.56 -16.18 -21.98
N HIS B 72 3.39 -16.12 -21.33
CA HIS B 72 3.00 -17.09 -20.32
C HIS B 72 2.25 -18.27 -20.91
N ILE B 73 2.14 -18.34 -22.24
CA ILE B 73 1.51 -19.50 -22.87
C ILE B 73 1.99 -20.80 -22.23
N HIS B 74 3.29 -21.01 -22.16
CA HIS B 74 3.82 -22.26 -21.64
C HIS B 74 3.44 -22.47 -20.18
N SER B 75 3.65 -21.45 -19.35
CA SER B 75 3.44 -21.58 -17.91
C SER B 75 1.97 -21.80 -17.57
N ARG B 76 1.12 -20.85 -17.95
CA ARG B 76 -0.27 -20.87 -17.50
C ARG B 76 -1.17 -21.66 -18.45
N TYR B 77 -0.92 -21.57 -19.75
CA TYR B 77 -1.80 -22.17 -20.75
C TYR B 77 -1.28 -23.49 -21.29
N ARG B 78 -0.21 -24.04 -20.70
CA ARG B 78 0.26 -25.38 -21.03
C ARG B 78 0.84 -25.46 -22.45
N GLY B 79 1.30 -24.33 -22.97
CA GLY B 79 1.93 -24.30 -24.27
C GLY B 79 0.99 -24.46 -25.44
N SER B 80 -0.32 -24.33 -25.21
CA SER B 80 -1.31 -24.47 -26.26
C SER B 80 -1.74 -23.10 -26.74
N TYR B 81 -1.51 -22.81 -28.02
CA TYR B 81 -1.86 -21.51 -28.57
C TYR B 81 -3.38 -21.31 -28.58
N TRP B 82 -4.13 -22.38 -28.88
CA TRP B 82 -5.58 -22.23 -28.98
C TRP B 82 -6.18 -21.85 -27.64
N ARG B 83 -5.68 -22.44 -26.54
CA ARG B 83 -6.16 -22.07 -25.22
C ARG B 83 -5.89 -20.60 -24.94
N THR B 84 -4.70 -20.13 -25.31
CA THR B 84 -4.36 -18.72 -25.10
C THR B 84 -5.31 -17.81 -25.89
N VAL B 85 -5.56 -18.15 -27.15
CA VAL B 85 -6.46 -17.34 -27.97
C VAL B 85 -7.85 -17.33 -27.37
N ARG B 86 -8.32 -18.49 -26.91
CA ARG B 86 -9.63 -18.56 -26.29
C ARG B 86 -9.70 -17.69 -25.05
N ALA B 87 -8.65 -17.72 -24.23
CA ALA B 87 -8.66 -16.94 -22.99
C ALA B 87 -8.54 -15.45 -23.27
N CYS B 88 -7.95 -15.07 -24.41
CA CYS B 88 -7.73 -13.66 -24.71
C CYS B 88 -8.92 -13.04 -25.44
N LEU B 89 -9.29 -13.59 -26.60
CA LEU B 89 -10.36 -13.02 -27.41
C LEU B 89 -11.73 -13.59 -27.08
N GLY B 90 -11.83 -14.55 -26.17
CA GLY B 90 -13.09 -15.20 -25.88
C GLY B 90 -13.28 -16.45 -26.71
N CYS B 91 -14.47 -16.67 -27.23
CA CYS B 91 -14.71 -17.83 -28.08
C CYS B 91 -14.22 -17.54 -29.50
N PRO B 92 -13.22 -18.26 -30.01
CA PRO B 92 -12.74 -17.95 -31.38
C PRO B 92 -13.82 -18.06 -32.43
N LEU B 93 -14.72 -19.04 -32.32
CA LEU B 93 -15.73 -19.26 -33.35
C LEU B 93 -16.73 -18.11 -33.39
N ARG B 94 -17.43 -17.88 -32.28
CA ARG B 94 -18.42 -16.82 -32.24
C ARG B 94 -17.79 -15.47 -32.48
N ARG B 95 -16.61 -15.23 -31.89
CA ARG B 95 -15.95 -13.94 -32.06
C ARG B 95 -15.55 -13.72 -33.50
N GLY B 96 -15.02 -14.74 -34.17
CA GLY B 96 -14.68 -14.60 -35.58
C GLY B 96 -15.90 -14.38 -36.45
N ALA B 97 -16.99 -15.08 -36.16
CA ALA B 97 -18.23 -14.88 -36.94
C ALA B 97 -18.73 -13.46 -36.78
N LEU B 98 -18.75 -12.95 -35.54
CA LEU B 98 -19.17 -11.58 -35.30
C LEU B 98 -18.23 -10.59 -35.98
N LEU B 99 -16.93 -10.90 -35.99
CA LEU B 99 -15.98 -10.04 -36.67
C LEU B 99 -16.26 -9.96 -38.16
N LEU B 100 -16.51 -11.10 -38.79
CA LEU B 100 -16.81 -11.10 -40.22
C LEU B 100 -18.09 -10.33 -40.50
N LEU B 101 -19.12 -10.55 -39.68
CA LEU B 101 -20.37 -9.83 -39.87
C LEU B 101 -20.17 -8.33 -39.73
N SER B 102 -19.39 -7.92 -38.71
CA SER B 102 -19.14 -6.50 -38.49
C SER B 102 -18.38 -5.90 -39.67
N ILE B 103 -17.36 -6.60 -40.15
CA ILE B 103 -16.58 -6.07 -41.28
C ILE B 103 -17.47 -5.93 -42.51
N TYR B 104 -18.29 -6.95 -42.78
CA TYR B 104 -19.16 -6.89 -43.95
C TYR B 104 -20.14 -5.73 -43.85
N PHE B 105 -20.75 -5.56 -42.68
CA PHE B 105 -21.70 -4.45 -42.52
C PHE B 105 -21.01 -3.10 -42.63
N TYR B 106 -19.81 -2.99 -42.05
CA TYR B 106 -19.08 -1.72 -42.12
C TYR B 106 -18.74 -1.37 -43.56
N TYR B 107 -18.31 -2.36 -44.34
CA TYR B 107 -17.92 -2.09 -45.73
C TYR B 107 -19.14 -1.84 -46.60
N SER B 108 -20.24 -2.56 -46.36
CA SER B 108 -21.41 -2.45 -47.22
C SER B 108 -22.13 -1.12 -47.00
N LEU B 109 -22.58 -0.88 -45.78
CA LEU B 109 -23.31 0.35 -45.50
C LEU B 109 -22.36 1.55 -45.63
N PRO B 110 -22.84 2.69 -46.13
CA PRO B 110 -21.95 3.85 -46.34
C PRO B 110 -21.41 4.42 -45.04
N PRO B 116 -15.14 7.73 -45.23
CA PRO B 116 -14.32 6.65 -45.79
C PRO B 116 -14.40 5.37 -44.96
N PHE B 117 -13.60 4.37 -45.32
CA PHE B 117 -13.62 3.08 -44.63
C PHE B 117 -12.33 2.81 -43.88
N THR B 118 -11.18 2.86 -44.56
CA THR B 118 -9.92 2.57 -43.88
C THR B 118 -9.62 3.59 -42.80
N TRP B 119 -9.91 4.86 -43.07
CA TRP B 119 -9.70 5.91 -42.07
C TRP B 119 -10.50 5.63 -40.81
N MET B 120 -11.75 5.19 -40.97
CA MET B 120 -12.58 4.87 -39.81
C MET B 120 -11.95 3.75 -39.00
N LEU B 121 -11.47 2.70 -39.66
CA LEU B 121 -10.84 1.59 -38.94
C LEU B 121 -9.60 2.06 -38.20
N ALA B 122 -8.77 2.88 -38.86
CA ALA B 122 -7.56 3.37 -38.20
C ALA B 122 -7.92 4.22 -36.99
N LEU B 123 -8.94 5.06 -37.12
CA LEU B 123 -9.35 5.90 -35.99
C LEU B 123 -9.85 5.05 -34.84
N LEU B 124 -10.63 4.01 -35.15
CA LEU B 124 -11.12 3.12 -34.10
C LEU B 124 -9.98 2.42 -33.39
N GLY B 125 -9.00 1.94 -34.16
CA GLY B 125 -7.84 1.31 -33.55
C GLY B 125 -7.06 2.26 -32.66
N LEU B 126 -6.91 3.51 -33.12
CA LEU B 126 -6.22 4.51 -32.31
C LEU B 126 -6.97 4.77 -31.01
N SER B 127 -8.30 4.88 -31.09
CA SER B 127 -9.09 5.10 -29.88
C SER B 127 -8.96 3.94 -28.92
N GLN B 128 -8.99 2.71 -29.42
CA GLN B 128 -8.85 1.55 -28.56
C GLN B 128 -7.47 1.52 -27.91
N ALA B 129 -6.43 1.88 -28.68
CA ALA B 129 -5.09 1.93 -28.11
C ALA B 129 -5.00 2.98 -27.01
N LEU B 130 -5.62 4.15 -27.22
CA LEU B 130 -5.64 5.16 -26.17
C LEU B 130 -6.37 4.66 -24.93
N ASN B 131 -7.49 3.95 -25.13
CA ASN B 131 -8.20 3.40 -23.99
C ASN B 131 -7.33 2.42 -23.22
N ILE B 132 -6.59 1.57 -23.93
CA ILE B 132 -5.73 0.61 -23.27
C ILE B 132 -4.61 1.32 -22.51
N LEU B 133 -4.00 2.33 -23.12
CA LEU B 133 -2.83 2.97 -22.52
C LEU B 133 -3.22 3.85 -21.33
N LEU B 134 -4.10 4.82 -21.56
CA LEU B 134 -4.49 5.76 -20.52
C LEU B 134 -5.55 5.19 -19.58
N GLY B 135 -6.07 4.00 -19.86
CA GLY B 135 -7.05 3.38 -18.99
C GLY B 135 -8.37 4.10 -18.92
N LEU B 136 -8.88 4.56 -20.05
CA LEU B 136 -10.20 5.18 -20.06
C LEU B 136 -11.28 4.20 -19.64
N LYS B 137 -11.21 2.97 -20.16
CA LYS B 137 -12.27 1.97 -19.93
C LYS B 137 -11.86 1.05 -18.78
N GLY B 138 -11.73 1.66 -17.61
CA GLY B 138 -11.47 0.91 -16.40
C GLY B 138 -12.71 0.23 -15.88
N LEU B 139 -12.52 -0.59 -14.86
CA LEU B 139 -13.60 -1.33 -14.22
C LEU B 139 -13.92 -0.70 -12.87
N ALA B 140 -15.19 -0.38 -12.67
CA ALA B 140 -15.61 0.21 -11.42
C ALA B 140 -15.55 -0.83 -10.30
N PRO B 141 -15.36 -0.40 -9.06
CA PRO B 141 -15.31 -1.38 -7.96
C PRO B 141 -16.53 -2.27 -7.87
N ALA B 142 -17.72 -1.75 -8.16
CA ALA B 142 -18.91 -2.58 -8.09
C ALA B 142 -18.86 -3.72 -9.08
N GLU B 143 -18.43 -3.44 -10.31
CA GLU B 143 -18.33 -4.49 -11.31
C GLU B 143 -17.29 -5.53 -10.91
N ILE B 144 -16.17 -5.09 -10.35
CA ILE B 144 -15.15 -6.03 -9.90
C ILE B 144 -15.70 -6.92 -8.80
N SER B 145 -16.42 -6.33 -7.84
CA SER B 145 -17.00 -7.12 -6.76
C SER B 145 -18.01 -8.12 -7.29
N ALA B 146 -18.86 -7.69 -8.23
CA ALA B 146 -19.85 -8.60 -8.79
C ALA B 146 -19.17 -9.76 -9.51
N VAL B 147 -18.14 -9.47 -10.30
CA VAL B 147 -17.43 -10.53 -11.02
C VAL B 147 -16.80 -11.49 -10.02
N CYS B 148 -16.15 -10.96 -8.98
CA CYS B 148 -15.48 -11.82 -8.01
C CYS B 148 -16.48 -12.71 -7.30
N GLU B 149 -17.62 -12.16 -6.89
CA GLU B 149 -18.62 -12.97 -6.19
C GLU B 149 -19.22 -14.02 -7.12
N LYS B 150 -19.54 -13.64 -8.35
CA LYS B 150 -20.12 -14.60 -9.29
C LYS B 150 -19.14 -15.73 -9.58
N GLY B 151 -17.88 -15.40 -9.82
CA GLY B 151 -16.85 -16.39 -10.08
C GLY B 151 -16.12 -16.88 -8.85
N ASN B 152 -16.52 -16.43 -7.66
CA ASN B 152 -15.87 -16.82 -6.43
C ASN B 152 -14.38 -16.50 -6.45
N PHE B 153 -14.03 -15.36 -7.06
CA PHE B 153 -12.66 -14.86 -7.03
C PHE B 153 -12.49 -13.92 -5.83
N ASN B 154 -12.77 -14.46 -4.65
CA ASN B 154 -12.63 -13.74 -3.40
C ASN B 154 -11.62 -14.45 -2.50
N VAL B 155 -11.26 -13.76 -1.41
CA VAL B 155 -10.35 -14.30 -0.42
C VAL B 155 -11.10 -15.03 0.68
N ALA B 156 -12.24 -14.50 1.09
CA ALA B 156 -13.00 -15.10 2.18
C ALA B 156 -13.51 -16.48 1.84
N HIS B 157 -13.80 -16.73 0.55
CA HIS B 157 -14.29 -18.03 0.14
C HIS B 157 -13.30 -19.13 0.50
N GLY B 158 -12.03 -18.92 0.13
CA GLY B 158 -11.01 -19.91 0.42
C GLY B 158 -10.80 -20.11 1.91
N LEU B 159 -10.77 -19.01 2.67
CA LEU B 159 -10.58 -19.12 4.11
C LEU B 159 -11.73 -19.89 4.76
N ALA B 160 -12.97 -19.60 4.35
CA ALA B 160 -14.12 -20.27 4.93
C ALA B 160 -14.11 -21.75 4.61
N TRP B 161 -13.81 -22.11 3.35
CA TRP B 161 -13.73 -23.51 3.01
C TRP B 161 -12.58 -24.22 3.71
N SER B 162 -11.45 -23.54 3.91
CA SER B 162 -10.36 -24.11 4.70
C SER B 162 -10.80 -24.36 6.13
N TYR B 163 -11.51 -23.42 6.72
CA TYR B 163 -11.98 -23.59 8.09
C TYR B 163 -12.93 -24.77 8.19
N TYR B 164 -13.84 -24.89 7.23
CA TYR B 164 -14.80 -26.00 7.26
C TYR B 164 -14.09 -27.33 7.08
N ILE B 165 -13.14 -27.40 6.14
CA ILE B 165 -12.54 -28.67 5.73
C ILE B 165 -11.37 -29.09 6.59
N GLY B 166 -10.83 -28.20 7.42
CA GLY B 166 -9.67 -28.52 8.22
C GLY B 166 -9.99 -28.67 9.70
N TYR B 167 -11.00 -27.95 10.16
CA TYR B 167 -11.35 -27.91 11.58
C TYR B 167 -12.74 -28.44 11.86
N LEU B 168 -13.78 -27.82 11.30
CA LEU B 168 -15.14 -28.20 11.63
C LEU B 168 -15.44 -29.62 11.17
N ARG B 169 -15.10 -29.94 9.92
CA ARG B 169 -15.41 -31.25 9.37
C ARG B 169 -14.71 -32.37 10.11
N LEU B 170 -13.68 -32.06 10.90
CA LEU B 170 -12.88 -33.07 11.58
C LEU B 170 -13.10 -33.11 13.09
N ILE B 171 -13.86 -32.18 13.65
CA ILE B 171 -14.14 -32.21 15.08
C ILE B 171 -15.63 -32.20 15.40
N LEU B 172 -16.49 -31.66 14.53
CA LEU B 172 -17.91 -31.64 14.83
C LEU B 172 -18.48 -33.03 15.07
N PRO B 173 -18.17 -34.06 14.26
CA PRO B 173 -18.73 -35.39 14.54
C PRO B 173 -18.34 -35.93 15.90
N GLU B 174 -17.12 -35.65 16.35
CA GLU B 174 -16.61 -36.17 17.61
C GLU B 174 -16.80 -35.19 18.77
N LEU B 175 -17.34 -34.01 18.52
CA LEU B 175 -17.51 -33.03 19.59
C LEU B 175 -18.50 -33.53 20.62
N GLN B 176 -19.60 -34.16 20.17
CA GLN B 176 -20.57 -34.70 21.11
C GLN B 176 -19.95 -35.76 21.99
N ALA B 177 -19.15 -36.66 21.40
CA ALA B 177 -18.47 -37.68 22.19
C ALA B 177 -17.51 -37.06 23.20
N ARG B 178 -16.75 -36.06 22.77
CA ARG B 178 -15.82 -35.40 23.69
C ARG B 178 -16.55 -34.75 24.85
N ILE B 179 -17.66 -34.07 24.56
CA ILE B 179 -18.42 -33.40 25.60
C ILE B 179 -19.03 -34.42 26.56
N ARG B 180 -19.56 -35.53 26.02
CA ARG B 180 -20.11 -36.57 26.89
C ARG B 180 -19.03 -37.15 27.78
N THR B 181 -17.84 -37.40 27.22
CA THR B 181 -16.74 -37.92 28.04
C THR B 181 -16.38 -36.95 29.15
N TYR B 182 -16.29 -35.66 28.82
CA TYR B 182 -15.97 -34.68 29.86
C TYR B 182 -17.05 -34.64 30.93
N ASN B 183 -18.32 -34.69 30.53
CA ASN B 183 -19.41 -34.66 31.51
C ASN B 183 -19.37 -35.87 32.43
N GLN B 184 -19.18 -37.06 31.86
CA GLN B 184 -19.12 -38.26 32.68
C GLN B 184 -17.92 -38.20 33.62
N HIS B 185 -16.77 -37.74 33.12
CA HIS B 185 -15.59 -37.63 33.97
C HIS B 185 -15.81 -36.62 35.10
N TYR B 186 -16.75 -35.69 34.94
CA TYR B 186 -17.05 -34.71 35.97
C TYR B 186 -18.53 -34.75 36.34
N GLY B 192 -21.22 -27.90 36.49
CA GLY B 192 -20.36 -27.70 35.34
C GLY B 192 -20.85 -28.42 34.10
N ALA B 193 -22.16 -28.38 33.87
CA ALA B 193 -22.78 -29.04 32.73
C ALA B 193 -22.60 -28.16 31.50
N VAL B 194 -21.66 -28.52 30.65
CA VAL B 194 -21.38 -27.76 29.44
C VAL B 194 -22.42 -28.09 28.38
N SER B 195 -22.72 -27.10 27.53
CA SER B 195 -23.68 -27.32 26.46
C SER B 195 -23.07 -28.18 25.36
N GLN B 196 -23.94 -28.71 24.50
CA GLN B 196 -23.55 -29.64 23.44
C GLN B 196 -23.43 -28.95 22.09
N ARG B 197 -23.00 -27.68 22.08
CA ARG B 197 -22.86 -26.91 20.86
C ARG B 197 -21.54 -26.17 20.87
N LEU B 198 -20.93 -26.03 19.70
CA LEU B 198 -19.70 -25.25 19.55
C LEU B 198 -20.07 -23.82 19.16
N TYR B 199 -19.65 -22.87 19.97
CA TYR B 199 -19.97 -21.46 19.77
C TYR B 199 -18.74 -20.76 19.20
N ILE B 200 -18.85 -20.30 17.96
CA ILE B 200 -17.76 -19.66 17.24
C ILE B 200 -18.08 -18.17 17.15
N LEU B 201 -17.19 -17.35 17.70
CA LEU B 201 -17.36 -15.92 17.61
C LEU B 201 -16.86 -15.42 16.25
N LEU B 202 -17.60 -14.47 15.67
CA LEU B 202 -17.29 -13.92 14.35
C LEU B 202 -17.25 -12.41 14.45
N PRO B 203 -16.18 -11.86 15.03
CA PRO B 203 -16.05 -10.40 15.11
C PRO B 203 -15.83 -9.77 13.74
N LEU B 204 -16.80 -9.00 13.26
CA LEU B 204 -16.65 -8.33 11.97
C LEU B 204 -15.58 -7.27 11.99
N ASP B 205 -15.14 -6.83 13.17
CA ASP B 205 -14.01 -5.91 13.29
C ASP B 205 -12.68 -6.62 13.18
N CYS B 206 -12.66 -7.96 13.18
CA CYS B 206 -11.46 -8.74 12.98
C CYS B 206 -10.41 -8.46 14.06
N GLY B 207 -10.89 -8.17 15.27
CA GLY B 207 -9.99 -8.00 16.40
C GLY B 207 -9.34 -9.31 16.80
N VAL B 208 -10.15 -10.23 17.30
CA VAL B 208 -9.69 -11.57 17.67
C VAL B 208 -8.51 -11.47 18.63
N PRO B 209 -8.74 -11.06 19.88
CA PRO B 209 -7.67 -11.08 20.87
C PRO B 209 -7.28 -12.51 21.21
N ASP B 210 -6.02 -12.67 21.63
CA ASP B 210 -5.49 -14.00 21.91
C ASP B 210 -6.15 -14.68 23.09
N ASN B 211 -6.82 -13.93 23.97
CA ASN B 211 -7.46 -14.51 25.14
C ASN B 211 -8.82 -13.87 25.35
N LEU B 212 -9.82 -14.70 25.65
CA LEU B 212 -11.16 -14.19 25.91
C LEU B 212 -11.19 -13.33 27.16
N SER B 213 -10.43 -13.72 28.19
CA SER B 213 -10.47 -12.98 29.46
C SER B 213 -10.08 -11.53 29.26
N MET B 214 -9.03 -11.27 28.46
CA MET B 214 -8.66 -9.90 28.16
C MET B 214 -9.78 -9.18 27.41
N ALA B 215 -10.40 -9.87 26.44
CA ALA B 215 -11.48 -9.27 25.68
C ALA B 215 -12.65 -8.92 26.59
N ASP B 216 -13.02 -9.83 27.49
CA ASP B 216 -14.12 -9.60 28.41
C ASP B 216 -13.74 -10.16 29.77
N PRO B 217 -13.58 -9.32 30.80
CA PRO B 217 -13.26 -9.87 32.13
C PRO B 217 -14.33 -10.80 32.67
N ASN B 218 -15.55 -10.70 32.14
CA ASN B 218 -16.66 -11.53 32.58
C ASN B 218 -16.57 -12.96 32.05
N ILE B 219 -15.50 -13.32 31.35
CA ILE B 219 -15.28 -14.66 30.84
C ILE B 219 -13.93 -15.15 31.34
N ARG B 220 -13.87 -16.41 31.77
CA ARG B 220 -12.63 -16.98 32.28
C ARG B 220 -12.58 -18.47 31.94
N PHE B 221 -11.37 -19.00 31.97
CA PHE B 221 -11.16 -20.40 31.64
C PHE B 221 -11.82 -21.31 32.67
N LEU B 222 -12.46 -22.37 32.19
CA LEU B 222 -13.06 -23.38 33.05
C LEU B 222 -12.28 -24.68 33.01
N ASP B 223 -12.12 -25.27 31.83
CA ASP B 223 -11.37 -26.52 31.70
C ASP B 223 -11.23 -26.87 30.23
N LYS B 224 -10.20 -27.65 29.92
CA LYS B 224 -10.00 -28.11 28.55
C LYS B 224 -10.93 -29.29 28.26
N LEU B 225 -10.85 -29.78 27.03
CA LEU B 225 -11.53 -30.98 26.58
C LEU B 225 -10.53 -32.08 26.28
N PRO B 226 -10.99 -33.31 26.10
CA PRO B 226 -10.09 -34.38 25.66
C PRO B 226 -9.54 -34.11 24.27
N GLN B 227 -8.22 -33.91 24.16
CA GLN B 227 -7.62 -33.58 22.88
C GLN B 227 -7.94 -34.65 21.84
N GLN B 228 -8.27 -34.20 20.64
CA GLN B 228 -8.51 -35.08 19.51
C GLN B 228 -7.24 -35.22 18.70
N THR B 229 -6.96 -36.45 18.24
CA THR B 229 -5.72 -36.74 17.54
C THR B 229 -6.05 -37.31 16.16
N GLY B 230 -5.30 -36.86 15.15
CA GLY B 230 -5.45 -37.38 13.81
C GLY B 230 -4.26 -37.00 12.96
N ASP B 231 -3.96 -37.86 11.99
CA ASP B 231 -2.86 -37.62 11.06
C ASP B 231 -3.32 -36.71 9.94
N ARG B 232 -2.52 -35.70 9.63
CA ARG B 232 -2.89 -34.69 8.63
C ARG B 232 -1.65 -34.20 7.90
N ALA B 233 -1.69 -34.31 6.57
CA ALA B 233 -0.70 -33.68 5.70
C ALA B 233 0.73 -34.04 6.11
N GLY B 234 0.97 -35.34 6.28
CA GLY B 234 2.29 -35.81 6.62
C GLY B 234 2.76 -35.46 8.02
N ILE B 235 1.88 -34.89 8.85
CA ILE B 235 2.20 -34.55 10.22
C ILE B 235 1.49 -35.55 11.12
N LYS B 236 2.27 -36.28 11.92
CA LYS B 236 1.71 -37.30 12.78
C LYS B 236 1.22 -36.70 14.09
N ASP B 237 0.05 -37.17 14.52
CA ASP B 237 -0.50 -36.80 15.83
C ASP B 237 -0.92 -35.34 15.87
N ARG B 238 -1.46 -34.85 14.75
CA ARG B 238 -2.06 -33.53 14.74
C ARG B 238 -3.16 -33.48 15.78
N VAL B 239 -3.08 -32.49 16.68
CA VAL B 239 -3.94 -32.43 17.86
C VAL B 239 -4.86 -31.22 17.74
N TYR B 240 -6.16 -31.47 17.83
CA TYR B 240 -7.18 -30.43 17.90
C TYR B 240 -7.67 -30.36 19.35
N SER B 241 -7.62 -29.17 19.92
CA SER B 241 -8.04 -28.94 21.30
C SER B 241 -9.15 -27.90 21.34
N ASN B 242 -9.72 -27.74 22.53
CA ASN B 242 -10.74 -26.74 22.79
C ASN B 242 -10.57 -26.26 24.22
N SER B 243 -11.46 -25.35 24.65
CA SER B 243 -11.32 -24.77 25.98
C SER B 243 -12.71 -24.29 26.44
N ILE B 244 -13.35 -25.08 27.30
CA ILE B 244 -14.59 -24.65 27.91
C ILE B 244 -14.29 -23.46 28.82
N TYR B 245 -14.85 -22.31 28.47
CA TYR B 245 -14.82 -21.12 29.31
C TYR B 245 -16.14 -21.02 30.07
N GLU B 246 -16.12 -20.25 31.15
CA GLU B 246 -17.29 -20.03 31.99
C GLU B 246 -17.82 -18.62 31.76
N LEU B 247 -19.11 -18.51 31.48
CA LEU B 247 -19.77 -17.23 31.30
C LEU B 247 -20.35 -16.78 32.64
N LEU B 248 -20.08 -15.54 33.00
CA LEU B 248 -20.52 -15.00 34.28
C LEU B 248 -21.65 -14.00 34.09
N GLU B 249 -22.33 -13.70 35.18
CA GLU B 249 -23.37 -12.68 35.21
C GLU B 249 -23.56 -12.29 36.67
N ASN B 250 -23.31 -11.03 36.99
CA ASN B 250 -23.38 -10.53 38.36
C ASN B 250 -22.42 -11.27 39.27
N GLY B 251 -21.38 -11.89 38.72
CA GLY B 251 -20.43 -12.66 39.47
C GLY B 251 -20.77 -14.13 39.61
N GLN B 252 -21.95 -14.56 39.16
CA GLN B 252 -22.36 -15.95 39.26
C GLN B 252 -22.28 -16.62 37.89
N ARG B 253 -21.88 -17.89 37.90
CA ARG B 253 -21.70 -18.66 36.67
C ARG B 253 -23.06 -18.87 36.02
N ALA B 254 -23.34 -18.12 34.95
CA ALA B 254 -24.61 -18.25 34.26
C ALA B 254 -24.66 -19.49 33.37
N GLY B 255 -23.56 -19.82 32.70
CA GLY B 255 -23.54 -20.96 31.81
C GLY B 255 -22.14 -21.23 31.32
N THR B 256 -21.98 -22.37 30.66
CA THR B 256 -20.70 -22.79 30.12
C THR B 256 -20.89 -23.40 28.75
N CYS B 257 -19.97 -23.10 27.84
CA CYS B 257 -19.99 -23.64 26.49
C CYS B 257 -18.60 -23.51 25.90
N VAL B 258 -18.36 -24.28 24.84
CA VAL B 258 -17.08 -24.22 24.12
C VAL B 258 -17.09 -22.95 23.27
N LEU B 259 -16.07 -22.12 23.45
CA LEU B 259 -15.99 -20.84 22.78
C LEU B 259 -14.77 -20.80 21.86
N GLU B 260 -14.96 -20.21 20.69
CA GLU B 260 -13.92 -20.16 19.66
C GLU B 260 -13.90 -18.79 19.02
N TYR B 261 -12.70 -18.41 18.55
CA TYR B 261 -12.51 -17.23 17.71
C TYR B 261 -12.08 -17.72 16.33
N ALA B 262 -12.77 -17.25 15.30
CA ALA B 262 -12.45 -17.66 13.95
C ALA B 262 -11.07 -17.15 13.55
N THR B 263 -10.10 -18.05 13.52
CA THR B 263 -8.73 -17.67 13.19
C THR B 263 -8.61 -16.98 11.83
N PRO B 264 -9.36 -17.36 10.80
CA PRO B 264 -9.25 -16.67 9.52
C PRO B 264 -9.43 -15.16 9.65
N LEU B 265 -10.22 -14.73 10.62
CA LEU B 265 -10.34 -13.30 10.90
C LEU B 265 -9.00 -12.74 11.37
N GLN B 266 -8.28 -13.50 12.21
CA GLN B 266 -6.93 -13.10 12.57
C GLN B 266 -6.05 -12.98 11.34
N THR B 267 -6.17 -13.93 10.42
CA THR B 267 -5.37 -13.88 9.19
C THR B 267 -5.70 -12.64 8.39
N LEU B 268 -6.99 -12.31 8.27
CA LEU B 268 -7.38 -11.12 7.53
C LEU B 268 -6.82 -9.86 8.17
N PHE B 269 -6.89 -9.77 9.49
CA PHE B 269 -6.35 -8.61 10.18
C PHE B 269 -4.85 -8.49 9.93
N ALA B 270 -4.13 -9.61 10.04
CA ALA B 270 -2.69 -9.57 9.81
C ALA B 270 -2.36 -9.15 8.38
N MET B 271 -3.12 -9.67 7.41
CA MET B 271 -2.93 -9.24 6.03
C MET B 271 -3.17 -7.75 5.89
N SER B 272 -4.18 -7.22 6.59
CA SER B 272 -4.43 -5.80 6.55
C SER B 272 -3.24 -5.01 7.08
N GLN B 273 -2.65 -5.47 8.18
CA GLN B 273 -1.51 -4.76 8.73
C GLN B 273 -0.32 -4.76 7.78
N TYR B 274 -0.02 -5.92 7.20
CA TYR B 274 1.18 -6.06 6.37
C TYR B 274 1.01 -5.34 5.04
N SER B 275 2.08 -4.68 4.59
CA SER B 275 2.03 -3.95 3.33
C SER B 275 2.09 -4.89 2.13
N GLN B 276 2.89 -5.95 2.22
CA GLN B 276 3.09 -6.83 1.07
C GLN B 276 1.82 -7.54 0.66
N ALA B 277 0.81 -7.58 1.52
CA ALA B 277 -0.43 -8.28 1.20
C ALA B 277 -1.28 -7.53 0.18
N GLY B 278 -1.09 -6.22 0.04
CA GLY B 278 -1.98 -5.45 -0.81
C GLY B 278 -3.41 -5.51 -0.35
N PHE B 279 -3.63 -5.40 0.96
CA PHE B 279 -4.94 -5.59 1.57
C PHE B 279 -5.28 -4.35 2.38
N SER B 280 -6.44 -3.75 2.09
CA SER B 280 -6.87 -2.55 2.79
C SER B 280 -7.91 -2.91 3.85
N ARG B 281 -8.18 -1.97 4.74
CA ARG B 281 -9.14 -2.18 5.83
C ARG B 281 -10.56 -2.36 5.32
N GLU B 282 -10.95 -1.59 4.30
CA GLU B 282 -12.27 -1.77 3.71
C GLU B 282 -12.41 -3.17 3.12
N ASP B 283 -11.39 -3.62 2.39
CA ASP B 283 -11.39 -4.98 1.89
C ASP B 283 -11.43 -5.98 3.05
N ARG B 284 -10.72 -5.69 4.14
CA ARG B 284 -10.74 -6.57 5.29
C ARG B 284 -12.16 -6.75 5.81
N LEU B 285 -12.87 -5.64 6.01
CA LEU B 285 -14.23 -5.73 6.54
C LEU B 285 -15.15 -6.44 5.57
N GLU B 286 -15.07 -6.10 4.27
CA GLU B 286 -15.94 -6.74 3.30
C GLU B 286 -15.70 -8.24 3.24
N GLN B 287 -14.42 -8.64 3.25
CA GLN B 287 -14.10 -10.06 3.20
C GLN B 287 -14.50 -10.78 4.47
N ALA B 288 -14.43 -10.11 5.62
CA ALA B 288 -14.90 -10.72 6.85
C ALA B 288 -16.40 -11.00 6.77
N LYS B 289 -17.16 -10.02 6.27
CA LYS B 289 -18.59 -10.24 6.10
C LYS B 289 -18.86 -11.38 5.13
N LEU B 290 -18.12 -11.42 4.02
CA LEU B 290 -18.31 -12.49 3.05
C LEU B 290 -17.97 -13.85 3.65
N PHE B 291 -16.91 -13.90 4.46
CA PHE B 291 -16.53 -15.14 5.13
C PHE B 291 -17.63 -15.62 6.05
N CYS B 292 -18.20 -14.71 6.83
CA CYS B 292 -19.30 -15.10 7.71
C CYS B 292 -20.49 -15.63 6.91
N ARG B 293 -20.83 -14.93 5.83
CA ARG B 293 -21.99 -15.35 5.04
C ARG B 293 -21.77 -16.72 4.42
N THR B 294 -20.62 -16.93 3.79
CA THR B 294 -20.37 -18.20 3.13
C THR B 294 -20.24 -19.34 4.15
N LEU B 295 -19.68 -19.05 5.33
CA LEU B 295 -19.61 -20.07 6.37
C LEU B 295 -21.01 -20.46 6.82
N GLU B 296 -21.88 -19.47 7.02
CA GLU B 296 -23.28 -19.77 7.36
C GLU B 296 -23.92 -20.65 6.30
N ASP B 297 -23.73 -20.29 5.03
CA ASP B 297 -24.33 -21.07 3.94
C ASP B 297 -23.83 -22.51 3.95
N ILE B 298 -22.51 -22.69 4.00
CA ILE B 298 -21.95 -24.03 3.91
C ILE B 298 -22.37 -24.87 5.10
N LEU B 299 -22.38 -24.29 6.30
CA LEU B 299 -22.84 -25.04 7.46
C LEU B 299 -24.32 -25.40 7.33
N ALA B 300 -25.13 -24.48 6.81
CA ALA B 300 -26.53 -24.79 6.60
C ALA B 300 -26.71 -25.96 5.65
N ASP B 301 -25.85 -26.05 4.63
CA ASP B 301 -25.88 -27.18 3.70
C ASP B 301 -24.92 -28.29 4.10
N ALA B 302 -24.23 -28.16 5.22
CA ALA B 302 -23.24 -29.15 5.61
C ALA B 302 -23.92 -30.44 6.06
N PRO B 303 -23.41 -31.61 5.65
CA PRO B 303 -23.94 -32.87 6.20
C PRO B 303 -23.37 -33.18 7.58
N GLU B 304 -22.10 -32.82 7.79
CA GLU B 304 -21.46 -33.08 9.07
C GLU B 304 -22.16 -32.32 10.20
N SER B 305 -22.52 -31.06 9.97
CA SER B 305 -23.20 -30.26 10.97
C SER B 305 -24.64 -30.75 11.11
N GLN B 306 -25.01 -31.08 12.34
CA GLN B 306 -26.39 -31.48 12.67
C GLN B 306 -26.85 -30.65 13.86
N ASN B 307 -26.71 -29.33 13.73
CA ASN B 307 -27.10 -28.38 14.76
C ASN B 307 -26.22 -28.57 16.00
N ASN B 308 -24.96 -28.94 15.78
CA ASN B 308 -23.97 -29.04 16.84
C ASN B 308 -23.01 -27.86 16.87
N CYS B 309 -23.27 -26.83 16.06
CA CYS B 309 -22.43 -25.64 16.02
C CYS B 309 -23.32 -24.43 15.82
N ARG B 310 -23.00 -23.35 16.52
CA ARG B 310 -23.74 -22.10 16.44
C ARG B 310 -22.79 -20.97 16.09
N LEU B 311 -23.16 -20.17 15.09
CA LEU B 311 -22.34 -19.06 14.64
C LEU B 311 -22.85 -17.77 15.29
N ILE B 312 -21.96 -17.08 15.99
CA ILE B 312 -22.29 -15.81 16.63
C ILE B 312 -21.47 -14.73 15.97
N ALA B 313 -22.14 -13.70 15.46
CA ALA B 313 -21.51 -12.57 14.81
C ALA B 313 -21.87 -11.29 15.54
N TYR B 314 -20.87 -10.43 15.74
CA TYR B 314 -21.09 -9.19 16.47
C TYR B 314 -20.14 -8.13 15.93
N GLN B 315 -20.51 -6.87 16.17
CA GLN B 315 -19.70 -5.72 15.76
C GLN B 315 -19.64 -4.74 16.92
N GLU B 316 -18.45 -4.26 17.22
CA GLU B 316 -18.27 -3.31 18.31
C GLU B 316 -18.76 -1.94 17.88
N PRO B 317 -19.72 -1.31 18.59
CA PRO B 317 -20.22 0.00 18.18
C PRO B 317 -19.22 1.12 18.47
N SER B 322 -18.47 -0.38 25.18
CA SER B 322 -19.92 -0.36 25.27
C SER B 322 -20.50 -1.76 25.11
N PHE B 323 -20.00 -2.49 24.14
CA PHE B 323 -20.50 -3.83 23.87
C PHE B 323 -20.13 -4.78 25.00
N SER B 324 -21.02 -5.73 25.27
CA SER B 324 -20.84 -6.75 26.30
C SER B 324 -20.93 -8.12 25.63
N LEU B 325 -19.77 -8.68 25.28
CA LEU B 325 -19.75 -9.97 24.61
C LEU B 325 -20.43 -11.05 25.43
N SER B 326 -20.25 -11.02 26.76
CA SER B 326 -20.85 -12.03 27.61
C SER B 326 -22.36 -12.04 27.47
N GLN B 327 -22.98 -10.85 27.42
CA GLN B 327 -24.43 -10.80 27.29
C GLN B 327 -24.89 -11.39 25.97
N GLU B 328 -24.19 -11.08 24.88
CA GLU B 328 -24.58 -11.61 23.58
C GLU B 328 -24.45 -13.13 23.55
N VAL B 329 -23.35 -13.66 24.10
CA VAL B 329 -23.15 -15.10 24.12
C VAL B 329 -24.22 -15.77 24.96
N LEU B 330 -24.54 -15.18 26.12
CA LEU B 330 -25.59 -15.75 26.97
C LEU B 330 -26.93 -15.72 26.25
N ARG B 331 -27.23 -14.63 25.56
CA ARG B 331 -28.49 -14.54 24.83
C ARG B 331 -28.59 -15.65 23.79
N HIS B 332 -27.52 -15.88 23.05
CA HIS B 332 -27.54 -17.00 22.10
C HIS B 332 -27.57 -18.34 22.81
N LEU B 333 -27.10 -18.39 24.06
CA LEU B 333 -27.07 -19.64 24.79
C LEU B 333 -28.45 -20.05 25.29
N ARG B 334 -29.26 -19.08 25.72
CA ARG B 334 -30.57 -19.40 26.26
C ARG B 334 -31.42 -20.12 25.21
N GLN B 335 -31.38 -19.64 23.97
CA GLN B 335 -32.13 -20.26 22.89
C GLN B 335 -31.46 -21.56 22.44
N HIS C 3 -12.55 14.09 11.99
CA HIS C 3 -11.91 15.26 12.59
C HIS C 3 -10.83 14.81 13.57
N SER C 4 -10.21 15.78 14.24
CA SER C 4 -9.14 15.52 15.19
C SER C 4 -9.61 15.94 16.59
N SER C 5 -9.32 15.10 17.58
CA SER C 5 -9.77 15.32 18.95
C SER C 5 -8.65 15.75 19.89
N LEU C 6 -7.39 15.52 19.53
CA LEU C 6 -6.29 15.87 20.42
C LEU C 6 -6.27 17.38 20.68
N HIS C 7 -6.44 18.18 19.64
CA HIS C 7 -6.36 19.62 19.78
C HIS C 7 -7.03 20.27 18.57
N PRO C 8 -7.87 21.30 18.77
CA PRO C 8 -8.50 21.95 17.61
C PRO C 8 -7.51 22.57 16.64
N SER C 9 -6.27 22.79 17.07
CA SER C 9 -5.26 23.40 16.22
C SER C 9 -4.53 22.39 15.34
N ILE C 10 -4.86 21.10 15.46
CA ILE C 10 -4.23 20.07 14.66
C ILE C 10 -4.90 20.06 13.29
N PRO C 11 -4.15 20.22 12.19
CA PRO C 11 -4.79 20.24 10.87
C PRO C 11 -5.32 18.86 10.51
N CYS C 12 -6.49 18.83 9.89
CA CYS C 12 -7.02 17.59 9.35
C CYS C 12 -6.38 17.29 8.00
N PRO C 13 -6.43 16.04 7.55
CA PRO C 13 -5.85 15.71 6.25
C PRO C 13 -6.53 16.49 5.13
N ARG C 14 -5.74 16.88 4.13
CA ARG C 14 -6.28 17.65 3.01
C ARG C 14 -7.28 16.81 2.24
N GLY C 15 -8.35 17.48 1.78
CA GLY C 15 -9.42 16.81 1.06
C GLY C 15 -9.34 17.00 -0.44
N HIS C 16 -10.50 17.20 -1.06
CA HIS C 16 -10.62 17.32 -2.51
C HIS C 16 -11.29 18.64 -2.90
N GLY C 17 -11.04 19.69 -2.12
CA GLY C 17 -11.60 20.99 -2.46
C GLY C 17 -11.04 21.53 -3.76
N ALA C 18 -9.77 21.26 -4.04
CA ALA C 18 -9.17 21.75 -5.28
C ALA C 18 -9.89 21.18 -6.49
N GLN C 19 -10.25 19.90 -6.45
CA GLN C 19 -10.97 19.30 -7.57
C GLN C 19 -12.35 19.91 -7.73
N LYS C 20 -13.02 20.22 -6.61
CA LYS C 20 -14.32 20.89 -6.70
C LYS C 20 -14.19 22.26 -7.36
N ALA C 21 -13.18 23.03 -6.94
CA ALA C 21 -12.97 24.34 -7.54
C ALA C 21 -12.64 24.20 -9.02
N ALA C 22 -11.85 23.20 -9.39
CA ALA C 22 -11.54 22.97 -10.80
C ALA C 22 -12.78 22.63 -11.59
N LEU C 23 -13.67 21.81 -11.02
CA LEU C 23 -14.91 21.47 -11.69
C LEU C 23 -15.77 22.72 -11.92
N VAL C 24 -15.86 23.57 -10.89
CA VAL C 24 -16.62 24.80 -11.03
C VAL C 24 -16.01 25.68 -12.11
N LEU C 25 -14.69 25.79 -12.12
CA LEU C 25 -14.01 26.60 -13.13
C LEU C 25 -14.27 26.06 -14.54
N LEU C 26 -14.23 24.74 -14.69
CA LEU C 26 -14.50 24.14 -15.99
C LEU C 26 -15.93 24.41 -16.44
N SER C 27 -16.88 24.29 -15.52
CA SER C 27 -18.27 24.59 -15.86
C SER C 27 -18.42 26.04 -16.29
N ALA C 28 -17.80 26.96 -15.57
CA ALA C 28 -17.88 28.37 -15.93
C ALA C 28 -17.25 28.63 -17.29
N CYS C 29 -16.11 28.00 -17.56
CA CYS C 29 -15.47 28.19 -18.86
C CYS C 29 -16.33 27.65 -19.99
N LEU C 30 -16.95 26.48 -19.79
CA LEU C 30 -17.83 25.94 -20.81
C LEU C 30 -19.03 26.85 -21.04
N VAL C 31 -19.60 27.39 -19.98
CA VAL C 31 -20.71 28.32 -20.12
C VAL C 31 -20.27 29.55 -20.91
N THR C 32 -19.08 30.06 -20.61
CA THR C 32 -18.58 31.23 -21.33
C THR C 32 -18.39 30.92 -22.81
N LEU C 33 -17.82 29.75 -23.12
CA LEU C 33 -17.62 29.39 -24.53
C LEU C 33 -18.96 29.26 -25.24
N TRP C 34 -19.95 28.68 -24.57
CA TRP C 34 -21.29 28.61 -25.14
C TRP C 34 -21.83 30.00 -25.41
N GLY C 35 -21.64 30.92 -24.46
CA GLY C 35 -22.14 32.28 -24.64
C GLY C 35 -21.48 32.98 -25.80
N LEU C 36 -20.18 32.77 -26.00
CA LEU C 36 -19.48 33.44 -27.10
C LEU C 36 -20.07 33.05 -28.44
N GLY C 37 -20.39 31.78 -28.63
CA GLY C 37 -21.02 31.33 -29.87
C GLY C 37 -20.15 31.49 -31.10
N GLU C 38 -18.88 31.10 -31.00
CA GLU C 38 -17.97 31.10 -32.15
C GLU C 38 -17.79 29.65 -32.60
N PRO C 39 -17.12 29.41 -33.72
CA PRO C 39 -17.00 28.02 -34.21
C PRO C 39 -16.49 27.10 -33.13
N PRO C 40 -17.31 26.14 -32.67
CA PRO C 40 -16.87 25.27 -31.57
C PRO C 40 -15.63 24.46 -31.91
N GLU C 41 -15.45 24.08 -33.17
CA GLU C 41 -14.31 23.26 -33.54
C GLU C 41 -13.00 23.91 -33.13
N HIS C 42 -12.94 25.23 -33.25
CA HIS C 42 -11.72 25.95 -32.88
C HIS C 42 -11.40 25.78 -31.41
N THR C 43 -12.43 25.76 -30.56
CA THR C 43 -12.20 25.56 -29.13
C THR C 43 -11.44 24.26 -28.88
N LEU C 44 -11.96 23.15 -29.43
CA LEU C 44 -11.30 21.87 -29.24
C LEU C 44 -9.91 21.86 -29.85
N ARG C 45 -9.76 22.43 -31.05
CA ARG C 45 -8.48 22.40 -31.73
C ARG C 45 -7.41 23.10 -30.90
N TYR C 46 -7.72 24.31 -30.43
CA TYR C 46 -6.74 25.07 -29.67
C TYR C 46 -6.52 24.49 -28.27
N LEU C 47 -7.54 23.90 -27.67
CA LEU C 47 -7.34 23.19 -26.40
C LEU C 47 -6.34 22.05 -26.58
N VAL C 48 -6.51 21.26 -27.64
CA VAL C 48 -5.59 20.17 -27.89
C VAL C 48 -4.19 20.70 -28.15
N LEU C 49 -4.08 21.79 -28.91
CA LEU C 49 -2.77 22.36 -29.17
C LEU C 49 -2.10 22.82 -27.88
N HIS C 50 -2.85 23.45 -26.99
CA HIS C 50 -2.28 23.90 -25.73
C HIS C 50 -1.80 22.73 -24.89
N LEU C 51 -2.61 21.67 -24.81
CA LEU C 51 -2.19 20.50 -24.05
C LEU C 51 -0.95 19.87 -24.66
N ALA C 52 -0.88 19.83 -25.99
CA ALA C 52 0.30 19.28 -26.66
C ALA C 52 1.54 20.11 -26.34
N SER C 53 1.41 21.44 -26.36
CA SER C 53 2.54 22.29 -26.01
C SER C 53 3.00 22.05 -24.58
N LEU C 54 2.04 21.91 -23.65
CA LEU C 54 2.42 21.61 -22.28
C LEU C 54 3.14 20.28 -22.18
N GLN C 55 2.67 19.27 -22.92
CA GLN C 55 3.31 17.96 -22.88
C GLN C 55 4.74 18.04 -23.42
N LEU C 56 4.95 18.79 -24.50
CA LEU C 56 6.30 18.95 -25.03
C LEU C 56 7.19 19.68 -24.04
N GLY C 57 6.65 20.70 -23.37
CA GLY C 57 7.44 21.38 -22.35
C GLY C 57 7.83 20.44 -21.22
N LEU C 58 6.90 19.58 -20.81
CA LEU C 58 7.23 18.58 -19.79
C LEU C 58 8.31 17.64 -20.28
N LEU C 59 8.25 17.25 -21.55
CA LEU C 59 9.30 16.40 -22.11
C LEU C 59 10.65 17.08 -22.02
N LEU C 60 10.72 18.36 -22.41
CA LEU C 60 12.00 19.07 -22.38
C LEU C 60 12.51 19.20 -20.95
N ASN C 61 11.63 19.53 -20.01
CA ASN C 61 12.05 19.64 -18.61
C ASN C 61 12.53 18.30 -18.08
N GLY C 62 11.85 17.21 -18.46
CA GLY C 62 12.29 15.90 -18.03
C GLY C 62 13.64 15.52 -18.60
N VAL C 63 13.90 15.90 -19.86
CA VAL C 63 15.21 15.65 -20.45
C VAL C 63 16.28 16.41 -19.69
N CYS C 64 16.01 17.68 -19.36
CA CYS C 64 16.98 18.46 -18.61
C CYS C 64 17.25 17.85 -17.25
N SER C 65 16.20 17.39 -16.56
CA SER C 65 16.39 16.75 -15.26
C SER C 65 17.16 15.44 -15.40
N LEU C 66 16.87 14.67 -16.44
CA LEU C 66 17.58 13.43 -16.71
C LEU C 66 19.07 13.66 -16.95
N ALA C 67 19.42 14.78 -17.57
CA ALA C 67 20.84 15.09 -17.72
C ALA C 67 21.58 15.01 -16.39
N GLU C 68 20.97 15.57 -15.34
CA GLU C 68 21.58 15.48 -14.01
C GLU C 68 21.42 14.09 -13.42
N GLU C 69 20.22 13.51 -13.54
CA GLU C 69 19.95 12.25 -12.86
C GLU C 69 20.84 11.12 -13.36
N LEU C 70 21.32 11.21 -14.60
CA LEU C 70 22.15 10.14 -15.14
C LEU C 70 23.41 9.95 -14.33
N ARG C 71 23.96 11.01 -13.74
CA ARG C 71 25.17 10.88 -12.95
C ARG C 71 24.95 9.94 -11.76
N HIS C 72 23.71 9.80 -11.31
CA HIS C 72 23.38 9.00 -10.15
C HIS C 72 22.77 7.65 -10.53
N ILE C 73 22.98 7.19 -11.77
CA ILE C 73 22.33 5.97 -12.23
C ILE C 73 22.81 4.77 -11.42
N HIS C 74 24.13 4.66 -11.20
CA HIS C 74 24.68 3.49 -10.54
C HIS C 74 24.20 3.40 -9.09
N SER C 75 24.15 4.53 -8.38
CA SER C 75 23.87 4.49 -6.97
C SER C 75 22.37 4.59 -6.68
N ARG C 76 21.75 5.68 -7.13
CA ARG C 76 20.35 5.92 -6.78
C ARG C 76 19.41 5.01 -7.56
N TYR C 77 19.70 4.78 -8.84
CA TYR C 77 18.77 4.09 -9.73
C TYR C 77 19.25 2.70 -10.13
N ARG C 78 20.08 2.05 -9.30
CA ARG C 78 20.45 0.65 -9.51
C ARG C 78 21.20 0.45 -10.83
N GLY C 79 21.78 1.53 -11.34
CA GLY C 79 22.55 1.44 -12.57
C GLY C 79 21.75 0.92 -13.75
N SER C 80 20.50 1.35 -13.86
CA SER C 80 19.64 0.98 -14.98
C SER C 80 19.08 2.25 -15.61
N TYR C 81 19.25 2.39 -16.92
CA TYR C 81 18.78 3.58 -17.60
C TYR C 81 17.26 3.63 -17.65
N TRP C 82 16.60 2.48 -17.73
CA TRP C 82 15.15 2.46 -17.82
C TRP C 82 14.51 3.05 -16.58
N ARG C 83 15.03 2.69 -15.39
CA ARG C 83 14.51 3.28 -14.16
C ARG C 83 14.75 4.78 -14.13
N THR C 84 15.91 5.23 -14.60
CA THR C 84 16.20 6.65 -14.63
C THR C 84 15.19 7.39 -15.50
N VAL C 85 14.91 6.85 -16.68
CA VAL C 85 13.95 7.49 -17.58
C VAL C 85 12.56 7.47 -16.97
N ARG C 86 12.20 6.36 -16.31
CA ARG C 86 10.89 6.29 -15.66
C ARG C 86 10.75 7.37 -14.58
N ALA C 87 11.80 7.55 -13.79
CA ALA C 87 11.75 8.54 -12.72
C ALA C 87 11.78 9.96 -13.25
N CYS C 88 12.42 10.19 -14.39
CA CYS C 88 12.52 11.54 -14.94
C CYS C 88 11.25 11.93 -15.69
N LEU C 89 10.64 10.99 -16.40
CA LEU C 89 9.49 11.28 -17.25
C LEU C 89 8.23 10.56 -16.80
N GLY C 90 8.26 9.81 -15.71
CA GLY C 90 7.10 9.07 -15.28
C GLY C 90 6.89 7.82 -16.11
N CYS C 91 5.62 7.43 -16.22
CA CYS C 91 5.26 6.24 -16.98
C CYS C 91 5.77 6.37 -18.41
N PRO C 92 6.81 5.61 -18.79
CA PRO C 92 7.39 5.82 -20.13
C PRO C 92 6.40 5.63 -21.27
N LEU C 93 5.54 4.62 -21.18
CA LEU C 93 4.66 4.32 -22.32
C LEU C 93 3.54 5.34 -22.44
N ARG C 94 2.91 5.68 -21.31
CA ARG C 94 1.86 6.71 -21.34
C ARG C 94 2.41 8.04 -21.83
N ARG C 95 3.56 8.44 -21.29
CA ARG C 95 4.16 9.70 -21.69
C ARG C 95 4.57 9.68 -23.16
N GLY C 96 5.11 8.55 -23.63
CA GLY C 96 5.47 8.45 -25.03
C GLY C 96 4.27 8.55 -25.95
N ALA C 97 3.16 7.90 -25.58
CA ALA C 97 1.95 7.98 -26.38
C ALA C 97 1.44 9.42 -26.43
N LEU C 98 1.43 10.11 -25.28
CA LEU C 98 1.00 11.49 -25.26
C LEU C 98 1.90 12.37 -26.11
N LEU C 99 3.22 12.13 -26.04
CA LEU C 99 4.16 12.90 -26.85
C LEU C 99 3.91 12.68 -28.34
N LEU C 100 3.70 11.43 -28.75
CA LEU C 100 3.45 11.16 -30.16
C LEU C 100 2.16 11.83 -30.62
N LEU C 101 1.10 11.76 -29.81
CA LEU C 101 -0.14 12.42 -30.18
C LEU C 101 0.06 13.93 -30.30
N SER C 102 0.77 14.52 -29.35
CA SER C 102 1.01 15.96 -29.38
C SER C 102 1.79 16.35 -30.63
N ILE C 103 2.86 15.61 -30.93
CA ILE C 103 3.67 15.92 -32.10
C ILE C 103 2.82 15.83 -33.36
N TYR C 104 2.07 14.73 -33.51
CA TYR C 104 1.27 14.55 -34.72
C TYR C 104 0.25 15.68 -34.86
N PHE C 105 -0.51 15.95 -33.79
CA PHE C 105 -1.55 16.96 -33.90
C PHE C 105 -0.97 18.33 -34.20
N TYR C 106 0.12 18.70 -33.52
CA TYR C 106 0.67 20.04 -33.75
C TYR C 106 1.26 20.17 -35.14
N TYR C 107 1.96 19.13 -35.61
CA TYR C 107 2.53 19.18 -36.95
C TYR C 107 1.47 19.07 -38.03
N SER C 108 0.26 18.61 -37.70
CA SER C 108 -0.79 18.41 -38.68
C SER C 108 -1.89 19.46 -38.60
N LEU C 109 -2.41 19.74 -37.40
CA LEU C 109 -3.55 20.62 -37.29
C LEU C 109 -3.19 22.04 -37.73
N PRO C 110 -4.00 22.67 -38.57
CA PRO C 110 -3.79 24.10 -38.83
C PRO C 110 -3.90 24.90 -37.55
N ASN C 111 -3.03 25.91 -37.42
CA ASN C 111 -2.99 26.74 -36.22
C ASN C 111 -2.89 28.20 -36.62
N ALA C 112 -3.81 29.02 -36.13
CA ALA C 112 -3.80 30.46 -36.35
C ALA C 112 -3.06 31.21 -35.26
N VAL C 113 -3.17 30.75 -34.01
CA VAL C 113 -2.43 31.30 -32.89
C VAL C 113 -1.38 30.28 -32.50
N GLY C 114 -0.11 30.63 -32.70
CA GLY C 114 0.99 29.74 -32.42
C GLY C 114 1.83 29.49 -33.65
N PRO C 115 3.13 29.27 -33.47
CA PRO C 115 4.03 29.13 -34.62
C PRO C 115 3.90 27.74 -35.23
N PRO C 116 4.52 27.52 -36.40
CA PRO C 116 4.62 26.17 -36.94
C PRO C 116 5.38 25.26 -35.99
N PHE C 117 5.47 23.98 -36.38
CA PHE C 117 5.99 22.97 -35.47
C PHE C 117 7.42 23.28 -35.03
N THR C 118 8.32 23.53 -35.99
CA THR C 118 9.71 23.74 -35.63
C THR C 118 9.92 25.05 -34.87
N TRP C 119 9.31 26.13 -35.35
CA TRP C 119 9.42 27.41 -34.66
C TRP C 119 8.82 27.33 -33.26
N MET C 120 7.65 26.68 -33.14
CA MET C 120 7.02 26.52 -31.84
C MET C 120 7.91 25.71 -30.90
N LEU C 121 8.52 24.64 -31.42
CA LEU C 121 9.40 23.82 -30.60
C LEU C 121 10.59 24.63 -30.11
N ALA C 122 11.17 25.45 -30.98
CA ALA C 122 12.27 26.31 -30.56
C ALA C 122 11.83 27.24 -29.43
N LEU C 123 10.70 27.93 -29.61
CA LEU C 123 10.25 28.86 -28.59
C LEU C 123 9.95 28.14 -27.27
N LEU C 124 9.36 26.94 -27.36
CA LEU C 124 9.03 26.19 -26.15
C LEU C 124 10.30 25.77 -25.41
N GLY C 125 11.31 25.30 -26.15
CA GLY C 125 12.57 24.97 -25.51
C GLY C 125 13.20 26.19 -24.87
N LEU C 126 13.12 27.34 -25.54
CA LEU C 126 13.64 28.58 -24.97
C LEU C 126 12.95 28.89 -23.66
N SER C 127 11.62 28.82 -23.63
CA SER C 127 10.88 29.16 -22.43
C SER C 127 11.21 28.19 -21.29
N GLN C 128 11.28 26.89 -21.60
CA GLN C 128 11.60 25.92 -20.56
C GLN C 128 13.01 26.11 -20.02
N ALA C 129 13.96 26.40 -20.91
CA ALA C 129 15.32 26.64 -20.45
C ALA C 129 15.39 27.88 -19.56
N LEU C 130 14.67 28.94 -19.94
CA LEU C 130 14.64 30.13 -19.10
C LEU C 130 14.02 29.82 -17.74
N ASN C 131 12.94 29.04 -17.72
CA ASN C 131 12.31 28.70 -16.45
C ASN C 131 13.27 27.90 -15.57
N ILE C 132 14.00 26.95 -16.16
CA ILE C 132 14.93 26.14 -15.39
C ILE C 132 16.08 26.99 -14.86
N LEU C 133 16.69 27.79 -15.72
CA LEU C 133 17.87 28.55 -15.32
C LEU C 133 17.55 29.55 -14.23
N LEU C 134 16.45 30.27 -14.38
CA LEU C 134 16.09 31.33 -13.44
C LEU C 134 15.29 30.83 -12.24
N GLY C 135 14.96 29.54 -12.21
CA GLY C 135 14.13 29.04 -11.12
C GLY C 135 12.73 29.58 -11.12
N LEU C 136 12.30 30.19 -12.23
CA LEU C 136 10.96 30.77 -12.30
C LEU C 136 9.89 29.71 -12.08
N LYS C 137 10.18 28.45 -12.38
CA LYS C 137 9.23 27.35 -12.19
C LYS C 137 9.45 26.78 -10.79
N GLY C 138 8.57 27.17 -9.86
CA GLY C 138 8.64 26.70 -8.50
C GLY C 138 7.27 26.24 -8.03
N LEU C 139 7.28 25.50 -6.93
CA LEU C 139 6.08 24.93 -6.34
C LEU C 139 5.72 25.72 -5.09
N ALA C 140 4.45 26.09 -4.98
CA ALA C 140 4.00 26.85 -3.82
C ALA C 140 4.10 25.99 -2.56
N PRO C 141 4.23 26.62 -1.39
CA PRO C 141 4.35 25.84 -0.16
C PRO C 141 3.20 24.87 0.05
N ALA C 142 1.99 25.28 -0.33
CA ALA C 142 0.83 24.40 -0.15
C ALA C 142 0.97 23.14 -0.99
N GLU C 143 1.39 23.28 -2.25
CA GLU C 143 1.56 22.10 -3.09
C GLU C 143 2.63 21.18 -2.55
N ILE C 144 3.74 21.75 -2.06
CA ILE C 144 4.82 20.95 -1.50
C ILE C 144 4.33 20.20 -0.28
N SER C 145 3.57 20.87 0.59
CA SER C 145 3.05 20.20 1.78
C SER C 145 2.09 19.10 1.41
N ALA C 146 1.23 19.33 0.41
CA ALA C 146 0.30 18.30 -0.02
C ALA C 146 1.05 17.10 -0.57
N VAL C 147 2.09 17.33 -1.38
CA VAL C 147 2.87 16.22 -1.91
C VAL C 147 3.54 15.45 -0.79
N CYS C 148 4.13 16.17 0.18
CA CYS C 148 4.83 15.50 1.26
C CYS C 148 3.88 14.65 2.09
N GLU C 149 2.71 15.20 2.45
CA GLU C 149 1.76 14.45 3.25
C GLU C 149 1.20 13.26 2.48
N LYS C 150 0.82 13.47 1.21
CA LYS C 150 0.31 12.37 0.41
C LYS C 150 1.36 11.29 0.21
N GLY C 151 2.59 11.69 -0.07
CA GLY C 151 3.70 10.76 -0.22
C GLY C 151 4.39 10.39 1.07
N ASN C 152 4.00 10.99 2.19
CA ASN C 152 4.63 10.73 3.48
C ASN C 152 6.14 10.97 3.40
N PHE C 153 6.48 12.21 3.07
CA PHE C 153 7.86 12.68 2.97
C PHE C 153 8.15 13.71 4.05
N ASN C 154 7.65 13.48 5.25
CA ASN C 154 7.84 14.39 6.37
C ASN C 154 8.56 13.69 7.52
N VAL C 155 9.39 14.46 8.23
CA VAL C 155 10.17 13.90 9.32
C VAL C 155 9.27 13.35 10.41
N ALA C 156 8.16 14.04 10.68
CA ALA C 156 7.26 13.62 11.75
C ALA C 156 6.78 12.18 11.54
N HIS C 157 6.57 11.78 10.30
CA HIS C 157 6.17 10.41 10.02
C HIS C 157 7.21 9.43 10.56
N GLY C 158 8.48 9.65 10.21
CA GLY C 158 9.52 8.77 10.69
C GLY C 158 9.66 8.79 12.20
N LEU C 159 9.58 9.98 12.79
CA LEU C 159 9.71 10.08 14.24
C LEU C 159 8.60 9.33 14.95
N ALA C 160 7.36 9.48 14.48
CA ALA C 160 6.23 8.81 15.11
C ALA C 160 6.35 7.30 14.96
N TRP C 161 6.73 6.83 13.77
CA TRP C 161 6.86 5.39 13.58
C TRP C 161 8.00 4.84 14.42
N SER C 162 9.09 5.58 14.57
CA SER C 162 10.16 5.16 15.46
C SER C 162 9.68 5.07 16.89
N TYR C 163 8.94 6.08 17.34
CA TYR C 163 8.45 6.08 18.72
C TYR C 163 7.53 4.88 18.96
N TYR C 164 6.68 4.56 18.00
CA TYR C 164 5.76 3.44 18.18
C TYR C 164 6.49 2.11 18.14
N ILE C 165 7.44 1.96 17.22
CA ILE C 165 8.06 0.66 16.99
C ILE C 165 9.20 0.35 17.96
N GLY C 166 9.80 1.38 18.56
CA GLY C 166 10.94 1.15 19.42
C GLY C 166 10.60 1.17 20.90
N TYR C 167 9.58 1.94 21.28
CA TYR C 167 9.24 2.16 22.67
C TYR C 167 7.86 1.62 23.02
N LEU C 168 6.81 2.09 22.35
CA LEU C 168 5.45 1.70 22.73
C LEU C 168 5.19 0.23 22.46
N ARG C 169 5.56 -0.23 21.26
CA ARG C 169 5.23 -1.60 20.86
C ARG C 169 5.83 -2.62 21.80
N LEU C 170 6.86 -2.25 22.55
CA LEU C 170 7.51 -3.17 23.48
C LEU C 170 6.91 -3.08 24.88
N ILE C 171 6.84 -1.87 25.43
CA ILE C 171 6.44 -1.73 26.83
C ILE C 171 4.94 -1.93 26.99
N LEU C 172 4.13 -1.42 26.06
CA LEU C 172 2.69 -1.35 26.28
C LEU C 172 2.08 -2.70 26.65
N PRO C 173 2.39 -3.81 25.98
CA PRO C 173 1.83 -5.10 26.42
C PRO C 173 2.23 -5.48 27.83
N GLU C 174 3.45 -5.16 28.25
CA GLU C 174 3.95 -5.51 29.57
C GLU C 174 3.68 -4.44 30.62
N LEU C 175 3.14 -3.29 30.22
CA LEU C 175 2.90 -2.22 31.18
C LEU C 175 1.86 -2.63 32.22
N GLN C 176 0.81 -3.33 31.78
CA GLN C 176 -0.20 -3.78 32.72
C GLN C 176 0.42 -4.72 33.76
N ALA C 177 1.26 -5.65 33.31
CA ALA C 177 1.90 -6.59 34.23
C ALA C 177 2.83 -5.85 35.20
N ARG C 178 3.59 -4.89 34.69
CA ARG C 178 4.50 -4.15 35.55
C ARG C 178 3.73 -3.37 36.61
N ILE C 179 2.64 -2.71 36.22
CA ILE C 179 1.83 -1.97 37.17
C ILE C 179 1.20 -2.91 38.19
N ARG C 180 0.73 -4.07 37.73
CA ARG C 180 0.14 -5.05 38.63
C ARG C 180 1.16 -5.50 39.67
N THR C 181 2.39 -5.80 39.24
CA THR C 181 3.42 -6.21 40.17
C THR C 181 3.74 -5.10 41.15
N TYR C 182 3.84 -3.86 40.67
CA TYR C 182 4.17 -2.75 41.56
C TYR C 182 3.08 -2.55 42.60
N ASN C 183 1.81 -2.65 42.19
CA ASN C 183 0.72 -2.46 43.14
C ASN C 183 0.65 -3.61 44.15
N GLN C 184 0.77 -4.85 43.68
CA GLN C 184 0.70 -5.99 44.60
C GLN C 184 1.84 -5.95 45.60
N HIS C 185 3.05 -5.67 45.13
CA HIS C 185 4.18 -5.49 46.05
C HIS C 185 4.04 -4.20 46.86
N TYR C 186 3.27 -3.23 46.38
CA TYR C 186 3.08 -1.97 47.07
C TYR C 186 2.16 -1.05 46.27
N GLY C 192 1.78 2.99 44.93
CA GLY C 192 0.41 3.32 45.27
C GLY C 192 -0.59 2.76 44.29
N ALA C 193 -1.82 3.26 44.36
CA ALA C 193 -2.90 2.83 43.45
C ALA C 193 -2.79 3.61 42.15
N VAL C 194 -1.79 3.24 41.35
CA VAL C 194 -1.55 3.97 40.11
C VAL C 194 -2.63 3.62 39.08
N SER C 195 -2.67 4.43 38.02
CA SER C 195 -3.61 4.20 36.94
C SER C 195 -3.14 3.02 36.08
N GLN C 196 -4.03 2.61 35.17
CA GLN C 196 -3.82 1.44 34.34
C GLN C 196 -3.41 1.79 32.92
N ARG C 197 -3.08 3.06 32.66
CA ARG C 197 -2.74 3.52 31.32
C ARG C 197 -1.50 4.40 31.37
N LEU C 198 -0.82 4.48 30.24
CA LEU C 198 0.35 5.35 30.09
C LEU C 198 -0.10 6.67 29.50
N TYR C 199 0.33 7.76 30.12
CA TYR C 199 -0.02 9.11 29.71
C TYR C 199 1.20 9.78 29.10
N ILE C 200 1.09 10.17 27.83
CA ILE C 200 2.17 10.82 27.10
C ILE C 200 1.76 12.25 26.82
N LEU C 201 2.66 13.18 27.12
CA LEU C 201 2.41 14.60 26.92
C LEU C 201 3.07 15.04 25.62
N LEU C 202 2.33 15.80 24.82
CA LEU C 202 2.77 16.20 23.48
C LEU C 202 2.71 17.72 23.37
N PRO C 203 3.70 18.44 23.89
CA PRO C 203 3.73 19.90 23.75
C PRO C 203 3.99 20.31 22.32
N LEU C 204 2.98 20.92 21.69
CA LEU C 204 3.12 21.34 20.30
C LEU C 204 4.22 22.37 20.13
N ASP C 205 4.56 23.12 21.19
CA ASP C 205 5.66 24.06 21.16
C ASP C 205 7.02 23.38 21.31
N CYS C 206 7.04 22.09 21.62
CA CYS C 206 8.26 21.30 21.71
C CYS C 206 9.20 21.78 22.82
N GLY C 207 8.67 22.46 23.85
CA GLY C 207 9.48 22.85 24.97
C GLY C 207 10.16 21.66 25.61
N VAL C 208 9.37 20.77 26.20
CA VAL C 208 9.85 19.49 26.73
C VAL C 208 11.04 19.72 27.64
N PRO C 209 10.84 20.29 28.83
CA PRO C 209 11.94 20.36 29.80
C PRO C 209 12.35 18.98 30.28
N ASP C 210 13.65 18.81 30.50
CA ASP C 210 14.16 17.52 30.93
C ASP C 210 13.65 17.16 32.32
N ASN C 211 13.64 18.14 33.24
CA ASN C 211 13.12 17.95 34.59
C ASN C 211 11.67 18.37 34.60
N LEU C 212 10.76 17.39 34.69
CA LEU C 212 9.34 17.68 34.58
C LEU C 212 8.88 18.58 35.72
N SER C 213 9.40 18.36 36.94
CA SER C 213 9.00 19.18 38.07
C SER C 213 9.30 20.66 37.80
N MET C 214 10.27 20.94 36.94
CA MET C 214 10.54 22.32 36.56
C MET C 214 9.39 22.91 35.75
N ALA C 215 8.74 22.08 34.92
CA ALA C 215 7.64 22.58 34.09
C ALA C 215 6.50 23.10 34.96
N ASP C 216 6.13 22.36 36.00
CA ASP C 216 5.04 22.76 36.88
C ASP C 216 5.28 22.19 38.27
N PRO C 217 5.34 23.04 39.31
CA PRO C 217 5.62 22.51 40.66
C PRO C 217 4.60 21.48 41.13
N ASN C 218 3.35 21.58 40.68
CA ASN C 218 2.31 20.68 41.18
C ASN C 218 2.57 19.22 40.83
N ILE C 219 3.46 18.94 39.89
CA ILE C 219 3.83 17.58 39.53
C ILE C 219 5.19 17.28 40.14
N ARG C 220 5.27 16.24 40.95
CA ARG C 220 6.51 15.82 41.58
C ARG C 220 6.69 14.32 41.46
N PHE C 221 7.94 13.88 41.53
CA PHE C 221 8.26 12.47 41.43
C PHE C 221 7.71 11.72 42.65
N LEU C 222 7.25 10.49 42.41
CA LEU C 222 6.75 9.63 43.47
C LEU C 222 7.58 8.36 43.62
N ASP C 223 7.77 7.61 42.55
CA ASP C 223 8.51 6.35 42.62
C ASP C 223 8.86 5.92 41.20
N LYS C 224 9.42 4.72 41.08
CA LYS C 224 9.92 4.20 39.82
C LYS C 224 9.36 2.81 39.57
N LEU C 225 8.85 2.59 38.36
CA LEU C 225 8.35 1.28 37.98
C LEU C 225 9.49 0.29 37.82
N PRO C 226 9.21 -1.01 37.93
CA PRO C 226 10.25 -2.00 37.67
C PRO C 226 10.77 -1.88 36.25
N GLN C 227 12.08 -2.07 36.10
CA GLN C 227 12.69 -1.96 34.79
C GLN C 227 12.32 -3.16 33.92
N GLN C 228 12.32 -2.92 32.61
CA GLN C 228 12.11 -3.96 31.62
C GLN C 228 13.39 -4.14 30.82
N THR C 229 13.76 -5.38 30.55
CA THR C 229 15.00 -5.69 29.85
C THR C 229 14.70 -6.44 28.56
N GLY C 230 15.39 -6.05 27.51
CA GLY C 230 15.25 -6.73 26.22
C GLY C 230 16.42 -6.43 25.33
N ASP C 231 16.71 -7.38 24.44
CA ASP C 231 17.80 -7.27 23.49
C ASP C 231 17.34 -6.46 22.28
N ARG C 232 18.14 -5.48 21.87
CA ARG C 232 17.81 -4.60 20.76
C ARG C 232 19.08 -4.14 20.07
N ALA C 233 19.11 -4.26 18.74
CA ALA C 233 20.18 -3.76 17.91
C ALA C 233 21.55 -4.25 18.35
N GLY C 234 21.63 -5.45 18.90
CA GLY C 234 22.88 -5.96 19.41
C GLY C 234 23.22 -5.51 20.82
N ILE C 235 22.47 -4.57 21.38
CA ILE C 235 22.69 -4.11 22.74
C ILE C 235 21.90 -5.01 23.67
N LYS C 236 22.59 -5.95 24.31
CA LYS C 236 21.93 -6.91 25.17
C LYS C 236 21.48 -6.27 26.47
N ASP C 237 20.33 -6.71 26.97
CA ASP C 237 19.78 -6.22 28.23
C ASP C 237 19.57 -4.71 28.21
N ARG C 238 19.13 -4.20 27.05
CA ARG C 238 18.70 -2.82 26.98
C ARG C 238 17.50 -2.60 27.89
N VAL C 239 17.51 -1.49 28.61
CA VAL C 239 16.61 -1.26 29.73
C VAL C 239 15.62 -0.16 29.37
N TYR C 240 14.34 -0.44 29.55
CA TYR C 240 13.28 0.55 29.45
C TYR C 240 12.67 0.74 30.83
N SER C 241 12.63 1.98 31.29
CA SER C 241 12.14 2.32 32.62
C SER C 241 11.15 3.47 32.52
N ASN C 242 10.20 3.47 33.45
CA ASN C 242 9.22 4.53 33.58
C ASN C 242 9.40 5.21 34.94
N SER C 243 8.56 6.20 35.21
CA SER C 243 8.66 6.99 36.43
C SER C 243 7.26 7.40 36.85
N ILE C 244 6.80 6.91 38.00
CA ILE C 244 5.49 7.24 38.52
C ILE C 244 5.56 8.56 39.27
N TYR C 245 4.74 9.52 38.87
CA TYR C 245 4.67 10.84 39.47
C TYR C 245 3.40 10.97 40.28
N GLU C 246 3.34 12.04 41.08
CA GLU C 246 2.18 12.37 41.89
C GLU C 246 1.73 13.78 41.56
N LEU C 247 0.43 13.94 41.32
CA LEU C 247 -0.15 15.22 40.93
C LEU C 247 -0.73 15.92 42.15
N LEU C 248 -0.44 17.22 42.27
CA LEU C 248 -0.82 18.00 43.43
C LEU C 248 -1.95 18.95 43.08
N GLU C 249 -3.01 18.92 43.90
CA GLU C 249 -4.07 19.91 43.89
C GLU C 249 -4.16 20.48 45.29
N ASN C 250 -3.85 21.77 45.43
CA ASN C 250 -3.88 22.42 46.74
C ASN C 250 -2.98 21.70 47.73
N GLY C 251 -1.86 21.17 47.24
CA GLY C 251 -0.92 20.45 48.07
C GLY C 251 -1.34 19.05 48.45
N GLN C 252 -2.42 18.53 47.87
CA GLN C 252 -2.91 17.19 48.15
C GLN C 252 -2.71 16.30 46.95
N ARG C 253 -2.41 15.02 47.19
CA ARG C 253 -2.13 14.09 46.11
C ARG C 253 -3.43 13.72 45.39
N ALA C 254 -3.82 14.52 44.40
CA ALA C 254 -5.06 14.26 43.70
C ALA C 254 -5.01 12.93 42.96
N GLY C 255 -3.90 12.66 42.28
CA GLY C 255 -3.76 11.42 41.54
C GLY C 255 -2.33 11.19 41.13
N THR C 256 -2.02 9.92 40.85
CA THR C 256 -0.70 9.50 40.42
C THR C 256 -0.82 8.72 39.12
N CYS C 257 0.15 8.91 38.22
CA CYS C 257 0.07 8.31 36.90
C CYS C 257 1.47 8.05 36.38
N VAL C 258 1.56 7.12 35.42
CA VAL C 258 2.81 6.83 34.72
C VAL C 258 2.89 7.84 33.57
N LEU C 259 3.64 8.90 33.79
CA LEU C 259 3.68 10.04 32.88
C LEU C 259 5.07 10.20 32.29
N GLU C 260 5.12 10.62 31.03
CA GLU C 260 6.37 10.83 30.32
C GLU C 260 6.12 11.78 29.16
N TYR C 261 7.20 12.38 28.69
CA TYR C 261 7.13 13.24 27.51
C TYR C 261 7.59 12.48 26.27
N ALA C 262 7.43 13.12 25.12
CA ALA C 262 7.82 12.52 23.84
C ALA C 262 9.18 13.06 23.43
N THR C 263 10.20 12.20 23.50
CA THR C 263 11.55 12.61 23.13
C THR C 263 11.64 13.16 21.71
N PRO C 264 10.92 12.64 20.71
CA PRO C 264 11.02 13.21 19.37
C PRO C 264 10.73 14.69 19.32
N LEU C 265 9.90 15.21 20.22
CA LEU C 265 9.71 16.65 20.29
C LEU C 265 10.98 17.36 20.72
N GLN C 266 11.72 16.77 21.67
CA GLN C 266 13.05 17.29 21.99
C GLN C 266 13.94 17.28 20.75
N THR C 267 13.87 16.20 19.97
CA THR C 267 14.68 16.12 18.76
C THR C 267 14.33 17.24 17.80
N LEU C 268 13.04 17.49 17.60
CA LEU C 268 12.62 18.57 16.70
C LEU C 268 13.10 19.92 17.21
N PHE C 269 12.98 20.16 18.51
CA PHE C 269 13.43 21.43 19.08
C PHE C 269 14.93 21.61 18.84
N ALA C 270 15.71 20.57 19.12
CA ALA C 270 17.15 20.66 18.92
C ALA C 270 17.49 20.90 17.46
N MET C 271 16.82 20.18 16.55
CA MET C 271 17.03 20.42 15.13
C MET C 271 16.72 21.87 14.76
N SER C 272 15.70 22.45 15.39
CA SER C 272 15.41 23.86 15.17
C SER C 272 16.57 24.72 15.64
N GLN C 273 17.16 24.38 16.79
CA GLN C 273 18.27 25.18 17.31
C GLN C 273 19.47 25.15 16.36
N TYR C 274 19.82 23.98 15.86
CA TYR C 274 20.97 23.85 14.97
C TYR C 274 20.73 24.55 13.64
N SER C 275 21.74 24.54 12.77
CA SER C 275 21.66 25.16 11.45
C SER C 275 21.82 24.19 10.31
N GLN C 276 22.70 23.18 10.45
CA GLN C 276 22.85 22.18 9.41
C GLN C 276 21.54 21.48 9.11
N ALA C 277 20.66 21.39 10.12
CA ALA C 277 19.39 20.69 9.93
C ALA C 277 18.52 21.38 8.88
N GLY C 278 18.70 22.69 8.69
CA GLY C 278 17.81 23.43 7.83
C GLY C 278 16.38 23.40 8.31
N PHE C 279 16.18 23.55 9.62
CA PHE C 279 14.87 23.38 10.25
C PHE C 279 14.44 24.71 10.85
N SER C 280 13.28 25.19 10.45
CA SER C 280 12.76 26.45 10.95
C SER C 280 11.70 26.21 12.02
N ARG C 281 11.43 27.26 12.79
CA ARG C 281 10.47 27.14 13.89
C ARG C 281 9.07 26.84 13.38
N GLU C 282 8.66 27.48 12.28
CA GLU C 282 7.36 27.18 11.70
C GLU C 282 7.30 25.73 11.25
N ASP C 283 8.36 25.26 10.59
CA ASP C 283 8.44 23.85 10.24
C ASP C 283 8.41 22.99 11.48
N ARG C 284 9.03 23.45 12.58
CA ARG C 284 8.99 22.68 13.81
C ARG C 284 7.57 22.50 14.30
N LEU C 285 6.78 23.58 14.31
CA LEU C 285 5.39 23.49 14.73
C LEU C 285 4.61 22.56 13.82
N GLU C 286 4.78 22.71 12.50
CA GLU C 286 4.03 21.89 11.57
C GLU C 286 4.36 20.41 11.75
N GLN C 287 5.64 20.09 11.88
CA GLN C 287 6.04 18.70 12.04
C GLN C 287 5.61 18.15 13.39
N ALA C 288 5.58 18.98 14.42
CA ALA C 288 5.08 18.51 15.72
C ALA C 288 3.61 18.15 15.63
N LYS C 289 2.80 18.99 14.99
CA LYS C 289 1.39 18.68 14.83
C LYS C 289 1.21 17.41 14.01
N LEU C 290 1.98 17.28 12.92
CA LEU C 290 1.88 16.08 12.09
C LEU C 290 2.30 14.84 12.87
N PHE C 291 3.33 14.97 13.72
CA PHE C 291 3.76 13.85 14.55
C PHE C 291 2.65 13.42 15.49
N CYS C 292 2.00 14.39 16.14
CA CYS C 292 0.90 14.05 17.04
C CYS C 292 -0.20 13.32 16.29
N ARG C 293 -0.59 13.84 15.12
CA ARG C 293 -1.68 13.24 14.36
C ARG C 293 -1.31 11.82 13.92
N THR C 294 -0.11 11.64 13.40
CA THR C 294 0.32 10.33 12.92
C THR C 294 0.38 9.33 14.06
N LEU C 295 0.93 9.73 15.21
CA LEU C 295 0.99 8.83 16.35
C LEU C 295 -0.40 8.45 16.82
N GLU C 296 -1.32 9.41 16.85
CA GLU C 296 -2.69 9.09 17.22
C GLU C 296 -3.29 8.06 16.28
N ASP C 297 -3.10 8.24 14.97
CA ASP C 297 -3.63 7.28 14.02
C ASP C 297 -3.03 5.90 14.22
N ILE C 298 -1.70 5.84 14.39
CA ILE C 298 -1.04 4.55 14.55
C ILE C 298 -1.54 3.84 15.78
N LEU C 299 -1.66 4.55 16.91
CA LEU C 299 -2.14 3.91 18.12
C LEU C 299 -3.59 3.50 17.99
N ALA C 300 -4.39 4.28 17.26
CA ALA C 300 -5.78 3.90 17.03
C ALA C 300 -5.86 2.59 16.26
N ASP C 301 -5.01 2.43 15.26
CA ASP C 301 -5.04 1.21 14.45
C ASP C 301 -4.15 0.10 15.03
N ALA C 302 -3.36 0.40 16.04
CA ALA C 302 -2.42 -0.58 16.54
C ALA C 302 -3.12 -1.60 17.43
N PRO C 303 -2.74 -2.88 17.37
CA PRO C 303 -3.36 -3.87 18.27
C PRO C 303 -2.79 -3.84 19.67
N GLU C 304 -1.50 -3.53 19.82
CA GLU C 304 -0.88 -3.56 21.13
C GLU C 304 -1.55 -2.58 22.09
N SER C 305 -1.80 -1.36 21.62
CA SER C 305 -2.45 -0.34 22.43
C SER C 305 -3.96 -0.54 22.39
N GLN C 306 -4.48 -1.19 23.44
CA GLN C 306 -5.91 -1.43 23.59
C GLN C 306 -6.38 -0.73 24.86
N ASN C 307 -6.56 0.59 24.73
CA ASN C 307 -6.92 1.44 25.87
C ASN C 307 -5.91 1.31 27.00
N ASN C 308 -4.65 1.07 26.64
CA ASN C 308 -3.56 0.96 27.60
C ASN C 308 -2.61 2.15 27.53
N CYS C 309 -2.86 3.09 26.62
CA CYS C 309 -2.06 4.30 26.52
C CYS C 309 -2.98 5.47 26.20
N ARG C 310 -2.61 6.65 26.67
CA ARG C 310 -3.35 7.88 26.41
C ARG C 310 -2.36 8.98 26.07
N LEU C 311 -2.77 9.87 25.17
CA LEU C 311 -1.93 10.98 24.73
C LEU C 311 -2.54 12.30 25.19
N ILE C 312 -1.67 13.22 25.60
CA ILE C 312 -2.07 14.55 26.05
C ILE C 312 -1.41 15.56 25.13
N ALA C 313 -2.22 16.43 24.54
CA ALA C 313 -1.73 17.50 23.67
C ALA C 313 -2.17 18.84 24.24
N TYR C 314 -1.23 19.78 24.31
CA TYR C 314 -1.51 21.09 24.86
C TYR C 314 -0.63 22.12 24.18
N GLN C 315 -1.07 23.38 24.24
CA GLN C 315 -0.33 24.49 23.66
C GLN C 315 -0.38 25.66 24.63
N GLU C 316 0.77 26.07 25.11
CA GLU C 316 0.82 27.16 26.09
C GLU C 316 0.34 28.45 25.43
N PRO C 317 -0.60 29.18 26.05
CA PRO C 317 -1.09 30.42 25.44
C PRO C 317 -0.06 31.55 25.51
N SER C 322 -2.21 31.21 34.08
CA SER C 322 -3.09 31.04 32.94
C SER C 322 -3.05 29.61 32.43
N PHE C 323 -1.87 28.99 32.50
CA PHE C 323 -1.66 27.63 32.04
C PHE C 323 -1.26 26.74 33.21
N SER C 324 -1.90 25.58 33.33
CA SER C 324 -1.63 24.64 34.41
C SER C 324 -1.63 23.24 33.84
N LEU C 325 -0.44 22.66 33.69
CA LEU C 325 -0.33 21.30 33.17
C LEU C 325 -1.03 20.30 34.08
N SER C 326 -0.86 20.47 35.39
CA SER C 326 -1.45 19.52 36.33
C SER C 326 -2.96 19.45 36.17
N GLN C 327 -3.61 20.59 35.94
CA GLN C 327 -5.06 20.59 35.80
C GLN C 327 -5.49 19.79 34.58
N GLU C 328 -4.79 19.96 33.45
CA GLU C 328 -5.14 19.20 32.26
C GLU C 328 -4.94 17.71 32.48
N VAL C 329 -3.80 17.33 33.09
CA VAL C 329 -3.55 15.91 33.32
C VAL C 329 -4.59 15.31 34.24
N LEU C 330 -4.95 16.03 35.30
CA LEU C 330 -5.98 15.55 36.21
C LEU C 330 -7.33 15.43 35.51
N ARG C 331 -7.67 16.41 34.68
CA ARG C 331 -8.93 16.37 33.95
C ARG C 331 -8.99 15.12 33.08
N HIS C 332 -7.90 14.81 32.38
CA HIS C 332 -7.89 13.59 31.57
C HIS C 332 -7.90 12.33 32.42
N LEU C 333 -7.26 12.36 33.59
CA LEU C 333 -7.22 11.19 34.45
C LEU C 333 -8.59 10.84 35.00
N ARG C 334 -9.33 11.85 35.48
CA ARG C 334 -10.61 11.59 36.12
C ARG C 334 -11.67 11.11 35.15
N GLN C 335 -11.43 11.18 33.84
CA GLN C 335 -12.36 10.65 32.87
C GLN C 335 -12.43 9.13 32.95
N HIS D 3 31.67 13.92 -2.79
CA HIS D 3 31.53 12.47 -2.87
C HIS D 3 31.64 11.85 -1.48
N SER D 4 30.86 10.79 -1.23
CA SER D 4 30.82 10.12 0.04
C SER D 4 31.72 8.89 0.00
N SER D 5 32.57 8.73 1.01
CA SER D 5 33.49 7.61 1.11
C SER D 5 32.91 6.42 1.86
N LEU D 6 31.71 6.54 2.39
CA LEU D 6 31.13 5.43 3.16
C LEU D 6 30.94 4.20 2.28
N HIS D 7 30.32 4.37 1.12
CA HIS D 7 30.02 3.24 0.25
C HIS D 7 29.82 3.78 -1.16
N PRO D 8 30.28 3.09 -2.20
CA PRO D 8 30.02 3.58 -3.56
C PRO D 8 28.54 3.70 -3.88
N SER D 9 27.70 2.90 -3.23
CA SER D 9 26.27 2.92 -3.46
C SER D 9 25.55 4.04 -2.71
N ILE D 10 26.28 5.04 -2.24
CA ILE D 10 25.70 6.19 -1.54
C ILE D 10 25.58 7.34 -2.53
N PRO D 11 24.37 7.76 -2.91
CA PRO D 11 24.24 8.85 -3.88
C PRO D 11 24.88 10.13 -3.36
N CYS D 12 25.51 10.87 -4.27
CA CYS D 12 26.05 12.17 -3.94
C CYS D 12 24.95 13.23 -4.02
N PRO D 13 25.11 14.35 -3.33
CA PRO D 13 24.10 15.41 -3.42
C PRO D 13 23.92 15.88 -4.85
N ARG D 14 22.68 16.16 -5.21
CA ARG D 14 22.38 16.58 -6.58
C ARG D 14 23.11 17.86 -6.92
N GLY D 15 23.70 17.88 -8.12
CA GLY D 15 24.48 19.03 -8.55
C GLY D 15 23.68 20.02 -9.38
N HIS D 16 24.23 20.45 -10.51
CA HIS D 16 23.58 21.42 -11.37
C HIS D 16 23.63 20.98 -12.84
N GLY D 17 23.56 19.68 -13.09
CA GLY D 17 23.52 19.20 -14.46
C GLY D 17 22.33 19.73 -15.23
N ALA D 18 21.22 19.96 -14.52
CA ALA D 18 20.04 20.54 -15.17
C ALA D 18 20.37 21.90 -15.75
N GLN D 19 21.15 22.71 -15.03
CA GLN D 19 21.51 24.03 -15.54
C GLN D 19 22.36 23.92 -16.80
N LYS D 20 23.31 22.97 -16.82
CA LYS D 20 24.13 22.80 -18.01
C LYS D 20 23.29 22.34 -19.20
N ALA D 21 22.37 21.41 -18.96
CA ALA D 21 21.48 20.98 -20.04
C ALA D 21 20.64 22.12 -20.54
N ALA D 22 20.14 22.97 -19.62
CA ALA D 22 19.35 24.13 -20.03
C ALA D 22 20.19 25.09 -20.86
N LEU D 23 21.45 25.30 -20.49
CA LEU D 23 22.32 26.18 -21.26
C LEU D 23 22.54 25.63 -22.66
N VAL D 24 22.79 24.32 -22.78
CA VAL D 24 22.98 23.72 -24.09
C VAL D 24 21.71 23.86 -24.92
N LEU D 25 20.55 23.60 -24.31
CA LEU D 25 19.28 23.73 -25.02
C LEU D 25 19.06 25.16 -25.48
N LEU D 26 19.37 26.13 -24.63
CA LEU D 26 19.20 27.53 -24.99
C LEU D 26 20.12 27.90 -26.14
N SER D 27 21.37 27.44 -26.12
CA SER D 27 22.29 27.72 -27.20
C SER D 27 21.76 27.16 -28.52
N ALA D 28 21.34 25.89 -28.50
CA ALA D 28 20.80 25.29 -29.72
C ALA D 28 19.55 26.02 -30.18
N CYS D 29 18.71 26.44 -29.25
CA CYS D 29 17.47 27.13 -29.61
C CYS D 29 17.78 28.47 -30.27
N LEU D 30 18.74 29.22 -29.72
CA LEU D 30 19.12 30.48 -30.35
C LEU D 30 19.72 30.23 -31.73
N VAL D 31 20.51 29.18 -31.88
CA VAL D 31 21.09 28.86 -33.18
C VAL D 31 19.98 28.61 -34.20
N THR D 32 18.99 27.79 -33.83
CA THR D 32 17.93 27.47 -34.77
C THR D 32 17.04 28.67 -35.05
N LEU D 33 16.83 29.52 -34.05
CA LEU D 33 16.06 30.74 -34.27
C LEU D 33 16.77 31.65 -35.26
N TRP D 34 18.10 31.78 -35.13
CA TRP D 34 18.86 32.53 -36.10
C TRP D 34 18.74 31.91 -37.49
N GLY D 35 18.81 30.58 -37.56
CA GLY D 35 18.73 29.91 -38.84
C GLY D 35 17.39 30.12 -39.54
N LEU D 36 16.30 30.07 -38.77
CA LEU D 36 14.97 30.18 -39.36
C LEU D 36 14.80 31.53 -40.06
N GLY D 37 15.23 32.60 -39.43
CA GLY D 37 15.20 33.91 -40.04
C GLY D 37 13.88 34.66 -39.93
N GLU D 38 12.94 34.17 -39.14
CA GLU D 38 11.68 34.87 -38.98
C GLU D 38 11.90 36.18 -38.21
N PRO D 39 11.00 37.14 -38.37
CA PRO D 39 11.18 38.44 -37.71
C PRO D 39 11.27 38.27 -36.20
N PRO D 40 12.20 38.96 -35.54
CA PRO D 40 12.30 38.84 -34.07
C PRO D 40 11.04 39.27 -33.35
N GLU D 41 10.30 40.25 -33.87
CA GLU D 41 9.14 40.77 -33.16
C GLU D 41 8.08 39.69 -32.99
N HIS D 42 7.85 38.87 -34.02
CA HIS D 42 6.87 37.79 -33.90
C HIS D 42 7.31 36.77 -32.86
N THR D 43 8.60 36.43 -32.86
CA THR D 43 9.11 35.51 -31.85
C THR D 43 8.90 36.07 -30.45
N LEU D 44 9.18 37.36 -30.25
CA LEU D 44 9.00 37.97 -28.95
C LEU D 44 7.54 37.94 -28.53
N ARG D 45 6.64 38.26 -29.47
CA ARG D 45 5.21 38.23 -29.16
C ARG D 45 4.78 36.84 -28.73
N TYR D 46 5.18 35.83 -29.50
CA TYR D 46 4.79 34.47 -29.16
C TYR D 46 5.33 34.07 -27.79
N LEU D 47 6.59 34.37 -27.52
CA LEU D 47 7.19 33.99 -26.25
C LEU D 47 6.52 34.69 -25.07
N VAL D 48 6.27 35.99 -25.20
CA VAL D 48 5.68 36.73 -24.09
C VAL D 48 4.25 36.26 -23.85
N LEU D 49 3.51 35.96 -24.92
CA LEU D 49 2.16 35.44 -24.72
C LEU D 49 2.18 34.06 -24.08
N HIS D 50 3.15 33.23 -24.45
CA HIS D 50 3.28 31.92 -23.80
C HIS D 50 3.55 32.08 -22.31
N LEU D 51 4.45 32.99 -21.95
CA LEU D 51 4.74 33.24 -20.54
C LEU D 51 3.51 33.78 -19.83
N ALA D 52 2.74 34.65 -20.48
CA ALA D 52 1.52 35.17 -19.88
C ALA D 52 0.51 34.06 -19.62
N SER D 53 0.35 33.14 -20.58
CA SER D 53 -0.57 32.03 -20.41
C SER D 53 -0.12 31.14 -19.26
N LEU D 54 1.18 30.86 -19.17
CA LEU D 54 1.69 30.07 -18.06
C LEU D 54 1.42 30.76 -16.73
N GLN D 55 1.61 32.07 -16.67
CA GLN D 55 1.38 32.80 -15.43
C GLN D 55 -0.09 32.74 -15.03
N LEU D 56 -0.99 32.88 -16.01
CA LEU D 56 -2.42 32.78 -15.70
C LEU D 56 -2.78 31.38 -15.21
N GLY D 57 -2.19 30.36 -15.82
CA GLY D 57 -2.43 29.00 -15.35
C GLY D 57 -1.97 28.81 -13.91
N LEU D 58 -0.78 29.34 -13.58
CA LEU D 58 -0.31 29.27 -12.20
C LEU D 58 -1.25 30.01 -11.26
N LEU D 59 -1.75 31.16 -11.70
CA LEU D 59 -2.71 31.91 -10.89
C LEU D 59 -3.96 31.08 -10.60
N LEU D 60 -4.49 30.42 -11.63
CA LEU D 60 -5.70 29.61 -11.43
C LEU D 60 -5.43 28.42 -10.52
N ASN D 61 -4.27 27.77 -10.69
CA ASN D 61 -3.91 26.68 -9.80
C ASN D 61 -3.82 27.15 -8.36
N GLY D 62 -3.20 28.33 -8.15
CA GLY D 62 -3.14 28.89 -6.81
C GLY D 62 -4.51 29.22 -6.26
N VAL D 63 -5.41 29.69 -7.11
CA VAL D 63 -6.77 29.98 -6.66
C VAL D 63 -7.45 28.71 -6.18
N CYS D 64 -7.30 27.61 -6.92
CA CYS D 64 -7.89 26.35 -6.48
C CYS D 64 -7.26 25.88 -5.17
N SER D 65 -5.94 25.97 -5.07
CA SER D 65 -5.27 25.57 -3.83
C SER D 65 -5.73 26.44 -2.66
N LEU D 66 -6.03 27.71 -2.91
CA LEU D 66 -6.55 28.58 -1.87
C LEU D 66 -7.94 28.15 -1.45
N ALA D 67 -8.79 27.84 -2.43
CA ALA D 67 -10.11 27.31 -2.10
C ALA D 67 -10.01 26.06 -1.24
N GLU D 68 -8.97 25.26 -1.45
CA GLU D 68 -8.73 24.09 -0.62
C GLU D 68 -8.22 24.44 0.77
N GLU D 69 -7.27 25.37 0.86
CA GLU D 69 -6.58 25.62 2.13
C GLU D 69 -7.35 26.57 3.04
N LEU D 70 -8.39 27.23 2.54
CA LEU D 70 -9.17 28.10 3.42
C LEU D 70 -9.81 27.31 4.55
N ARG D 71 -10.08 26.02 4.35
CA ARG D 71 -10.62 25.22 5.44
C ARG D 71 -9.62 25.08 6.58
N HIS D 72 -8.35 24.85 6.25
CA HIS D 72 -7.31 24.66 7.24
C HIS D 72 -6.62 25.97 7.61
N ILE D 73 -7.12 27.10 7.11
CA ILE D 73 -6.57 28.39 7.51
C ILE D 73 -6.34 28.45 9.02
N HIS D 74 -7.37 28.16 9.82
CA HIS D 74 -7.25 28.27 11.26
C HIS D 74 -6.20 27.31 11.81
N SER D 75 -6.26 26.05 11.41
CA SER D 75 -5.40 25.02 11.98
C SER D 75 -3.93 25.25 11.61
N ARG D 76 -3.64 25.28 10.31
CA ARG D 76 -2.24 25.29 9.88
C ARG D 76 -1.70 26.71 9.73
N TYR D 77 -2.54 27.64 9.27
CA TYR D 77 -2.08 28.99 8.96
C TYR D 77 -2.43 30.00 10.05
N ARG D 78 -2.92 29.54 11.20
CA ARG D 78 -3.12 30.40 12.37
C ARG D 78 -4.23 31.42 12.15
N GLY D 79 -5.17 31.11 11.26
CA GLY D 79 -6.31 31.97 11.02
C GLY D 79 -5.99 33.25 10.26
N SER D 80 -4.82 33.33 9.65
CA SER D 80 -4.40 34.52 8.91
C SER D 80 -4.62 34.28 7.42
N TYR D 81 -5.48 35.09 6.80
CA TYR D 81 -5.77 34.93 5.39
C TYR D 81 -4.55 35.23 4.54
N TRP D 82 -3.76 36.24 4.93
CA TRP D 82 -2.61 36.62 4.11
C TRP D 82 -1.59 35.50 4.05
N ARG D 83 -1.35 34.81 5.17
CA ARG D 83 -0.44 33.68 5.17
C ARG D 83 -0.93 32.59 4.22
N THR D 84 -2.23 32.33 4.24
CA THR D 84 -2.81 31.32 3.34
C THR D 84 -2.59 31.71 1.89
N VAL D 85 -2.87 32.97 1.55
CA VAL D 85 -2.70 33.43 0.18
C VAL D 85 -1.24 33.31 -0.23
N ARG D 86 -0.33 33.68 0.66
CA ARG D 86 1.10 33.57 0.36
C ARG D 86 1.49 32.13 0.11
N ALA D 87 0.98 31.21 0.93
CA ALA D 87 1.34 29.80 0.77
C ALA D 87 0.72 29.19 -0.48
N CYS D 88 -0.39 29.76 -0.95
CA CYS D 88 -1.08 29.19 -2.10
C CYS D 88 -0.58 29.74 -3.42
N LEU D 89 -0.64 31.07 -3.59
CA LEU D 89 -0.26 31.69 -4.85
C LEU D 89 1.22 32.10 -4.89
N GLY D 90 1.96 31.91 -3.80
CA GLY D 90 3.33 32.36 -3.76
C GLY D 90 3.45 33.75 -3.15
N CYS D 91 4.28 34.60 -3.72
CA CYS D 91 4.39 35.96 -3.22
C CYS D 91 3.26 36.81 -3.79
N PRO D 92 2.37 37.35 -2.95
CA PRO D 92 1.26 38.15 -3.51
C PRO D 92 1.73 39.34 -4.32
N LEU D 93 2.80 40.01 -3.89
CA LEU D 93 3.24 41.22 -4.57
C LEU D 93 3.77 40.91 -5.97
N ARG D 94 4.81 40.08 -6.05
CA ARG D 94 5.39 39.74 -7.34
C ARG D 94 4.39 39.04 -8.23
N ARG D 95 3.60 38.13 -7.65
CA ARG D 95 2.62 37.40 -8.45
C ARG D 95 1.55 38.33 -9.01
N GLY D 96 1.08 39.28 -8.20
CA GLY D 96 0.11 40.23 -8.70
C GLY D 96 0.69 41.14 -9.77
N ALA D 97 1.93 41.57 -9.59
CA ALA D 97 2.56 42.41 -10.61
C ALA D 97 2.69 41.65 -11.92
N LEU D 98 3.15 40.39 -11.87
CA LEU D 98 3.25 39.58 -13.07
C LEU D 98 1.88 39.35 -13.69
N LEU D 99 0.86 39.18 -12.85
CA LEU D 99 -0.49 39.01 -13.37
C LEU D 99 -0.95 40.24 -14.14
N LEU D 100 -0.73 41.42 -13.58
CA LEU D 100 -1.12 42.64 -14.26
C LEU D 100 -0.37 42.80 -15.58
N LEU D 101 0.94 42.53 -15.55
CA LEU D 101 1.73 42.63 -16.77
C LEU D 101 1.22 41.65 -17.83
N SER D 102 0.92 40.42 -17.41
CA SER D 102 0.43 39.42 -18.35
C SER D 102 -0.91 39.83 -18.94
N ILE D 103 -1.82 40.32 -18.10
CA ILE D 103 -3.13 40.74 -18.61
C ILE D 103 -2.97 41.88 -19.60
N TYR D 104 -2.13 42.87 -19.26
CA TYR D 104 -1.94 44.00 -20.15
C TYR D 104 -1.37 43.55 -21.49
N PHE D 105 -0.35 42.68 -21.46
CA PHE D 105 0.24 42.22 -22.72
C PHE D 105 -0.76 41.40 -23.52
N TYR D 106 -1.55 40.56 -22.85
CA TYR D 106 -2.53 39.75 -23.56
C TYR D 106 -3.58 40.62 -24.24
N TYR D 107 -4.04 41.66 -23.55
CA TYR D 107 -5.06 42.53 -24.13
C TYR D 107 -4.50 43.42 -25.22
N SER D 108 -3.26 43.90 -25.05
CA SER D 108 -2.69 44.83 -26.01
C SER D 108 -2.33 44.13 -27.31
N LEU D 109 -1.45 43.16 -27.24
CA LEU D 109 -1.03 42.47 -28.45
C LEU D 109 -2.20 41.68 -29.03
N PRO D 110 -2.33 41.58 -30.36
CA PRO D 110 -3.48 40.91 -30.96
C PRO D 110 -3.51 39.42 -30.66
N PRO D 116 -9.79 36.13 -30.55
CA PRO D 116 -10.46 36.94 -29.52
C PRO D 116 -9.67 36.99 -28.21
N PHE D 117 -10.25 37.60 -27.18
CA PHE D 117 -9.58 37.74 -25.89
C PHE D 117 -10.27 36.93 -24.79
N THR D 118 -11.57 37.15 -24.58
CA THR D 118 -12.26 36.44 -23.51
C THR D 118 -12.28 34.94 -23.78
N TRP D 119 -12.49 34.55 -25.03
CA TRP D 119 -12.49 33.14 -25.38
C TRP D 119 -11.17 32.49 -25.05
N MET D 120 -10.06 33.19 -25.32
CA MET D 120 -8.74 32.64 -24.99
C MET D 120 -8.61 32.42 -23.50
N LEU D 121 -9.05 33.39 -22.70
CA LEU D 121 -8.96 33.24 -21.25
C LEU D 121 -9.80 32.08 -20.76
N ALA D 122 -11.01 31.94 -21.29
CA ALA D 122 -11.87 30.82 -20.88
C ALA D 122 -11.24 29.49 -21.26
N LEU D 123 -10.66 29.41 -22.45
CA LEU D 123 -10.02 28.18 -22.87
C LEU D 123 -8.84 27.84 -21.98
N LEU D 124 -8.05 28.85 -21.61
CA LEU D 124 -6.91 28.61 -20.73
C LEU D 124 -7.37 28.12 -19.36
N GLY D 125 -8.43 28.74 -18.83
CA GLY D 125 -8.97 28.28 -17.55
C GLY D 125 -9.48 26.85 -17.64
N LEU D 126 -10.15 26.51 -18.73
CA LEU D 126 -10.63 25.14 -18.92
C LEU D 126 -9.47 24.17 -18.97
N SER D 127 -8.40 24.52 -19.68
CA SER D 127 -7.24 23.64 -19.76
C SER D 127 -6.60 23.45 -18.39
N GLN D 128 -6.48 24.53 -17.62
CA GLN D 128 -5.90 24.41 -16.29
C GLN D 128 -6.78 23.54 -15.39
N ALA D 129 -8.10 23.68 -15.50
CA ALA D 129 -8.99 22.85 -14.72
C ALA D 129 -8.84 21.38 -15.09
N LEU D 130 -8.71 21.09 -16.38
CA LEU D 130 -8.50 19.72 -16.80
C LEU D 130 -7.18 19.18 -16.25
N ASN D 131 -6.13 20.01 -16.28
CA ASN D 131 -4.85 19.58 -15.72
C ASN D 131 -4.99 19.25 -14.24
N ILE D 132 -5.72 20.09 -13.50
CA ILE D 132 -5.90 19.85 -12.07
C ILE D 132 -6.69 18.55 -11.84
N LEU D 133 -7.75 18.35 -12.62
CA LEU D 133 -8.64 17.21 -12.36
C LEU D 133 -8.00 15.89 -12.79
N LEU D 134 -7.61 15.78 -14.05
CA LEU D 134 -7.05 14.56 -14.58
C LEU D 134 -5.57 14.40 -14.25
N GLY D 135 -4.95 15.39 -13.64
CA GLY D 135 -3.55 15.27 -13.24
C GLY D 135 -2.59 15.19 -14.40
N LEU D 136 -2.79 15.99 -15.44
CA LEU D 136 -1.84 16.02 -16.55
C LEU D 136 -0.47 16.49 -16.08
N LYS D 137 -0.44 17.55 -15.27
CA LYS D 137 0.83 18.17 -14.87
C LYS D 137 1.24 17.63 -13.49
N GLY D 138 1.51 16.33 -13.47
CA GLY D 138 2.04 15.69 -12.28
C GLY D 138 3.52 15.97 -12.10
N LEU D 139 4.03 15.53 -10.96
CA LEU D 139 5.44 15.71 -10.61
C LEU D 139 6.16 14.39 -10.75
N ALA D 140 7.25 14.38 -11.51
CA ALA D 140 8.03 13.17 -11.68
C ALA D 140 8.75 12.82 -10.39
N PRO D 141 9.06 11.54 -10.17
CA PRO D 141 9.75 11.16 -8.93
C PRO D 141 11.07 11.90 -8.74
N ALA D 142 11.81 12.16 -9.81
CA ALA D 142 13.08 12.86 -9.67
C ALA D 142 12.88 14.27 -9.11
N GLU D 143 11.87 14.99 -9.62
CA GLU D 143 11.60 16.33 -9.11
C GLU D 143 11.19 16.28 -7.65
N ILE D 144 10.37 15.30 -7.27
CA ILE D 144 9.96 15.17 -5.88
C ILE D 144 11.17 14.93 -4.99
N SER D 145 12.06 14.02 -5.43
CA SER D 145 13.24 13.73 -4.64
C SER D 145 14.13 14.96 -4.50
N ALA D 146 14.31 15.70 -5.60
CA ALA D 146 15.14 16.91 -5.53
C ALA D 146 14.55 17.93 -4.58
N VAL D 147 13.23 18.14 -4.64
CA VAL D 147 12.58 19.08 -3.74
C VAL D 147 12.74 18.63 -2.30
N CYS D 148 12.54 17.34 -2.03
CA CYS D 148 12.63 16.85 -0.67
C CYS D 148 14.04 17.02 -0.12
N GLU D 149 15.05 16.70 -0.93
CA GLU D 149 16.43 16.84 -0.47
C GLU D 149 16.79 18.30 -0.25
N LYS D 150 16.40 19.17 -1.18
CA LYS D 150 16.72 20.59 -1.04
C LYS D 150 16.06 21.17 0.20
N GLY D 151 14.79 20.85 0.42
CA GLY D 151 14.06 21.32 1.58
C GLY D 151 14.12 20.41 2.78
N ASN D 152 14.88 19.32 2.70
CA ASN D 152 15.00 18.36 3.79
C ASN D 152 13.63 17.81 4.20
N PHE D 153 12.77 17.60 3.21
CA PHE D 153 11.48 16.95 3.43
C PHE D 153 11.63 15.44 3.23
N ASN D 154 12.55 14.86 3.98
CA ASN D 154 12.81 13.43 3.96
C ASN D 154 12.56 12.82 5.34
N VAL D 155 12.56 11.49 5.37
CA VAL D 155 12.38 10.74 6.61
C VAL D 155 13.72 10.44 7.27
N ALA D 156 14.74 10.13 6.48
CA ALA D 156 16.03 9.78 7.03
C ALA D 156 16.67 10.94 7.77
N HIS D 157 16.40 12.17 7.35
CA HIS D 157 16.98 13.33 8.01
C HIS D 157 16.58 13.37 9.48
N GLY D 158 15.28 13.21 9.75
CA GLY D 158 14.81 13.24 11.12
C GLY D 158 15.36 12.10 11.95
N LEU D 159 15.39 10.90 11.38
CA LEU D 159 15.93 9.75 12.11
C LEU D 159 17.40 9.94 12.45
N ALA D 160 18.17 10.44 11.48
CA ALA D 160 19.60 10.64 11.73
C ALA D 160 19.83 11.69 12.80
N TRP D 161 19.11 12.81 12.74
CA TRP D 161 19.26 13.82 13.76
C TRP D 161 18.78 13.33 15.13
N SER D 162 17.73 12.51 15.18
CA SER D 162 17.31 11.90 16.44
C SER D 162 18.40 11.00 16.99
N TYR D 163 19.04 10.20 16.13
CA TYR D 163 20.10 9.32 16.59
C TYR D 163 21.26 10.12 17.14
N TYR D 164 21.63 11.20 16.45
CA TYR D 164 22.75 12.01 16.92
C TYR D 164 22.42 12.70 18.24
N ILE D 165 21.20 13.23 18.36
CA ILE D 165 20.84 14.08 19.50
C ILE D 165 20.34 13.30 20.70
N GLY D 166 20.03 12.02 20.54
CA GLY D 166 19.50 11.24 21.64
C GLY D 166 20.48 10.23 22.18
N TYR D 167 21.37 9.74 21.33
CA TYR D 167 22.29 8.67 21.68
C TYR D 167 23.75 9.10 21.58
N LEU D 168 24.20 9.49 20.40
CA LEU D 168 25.62 9.79 20.21
C LEU D 168 26.03 11.00 21.04
N ARG D 169 25.26 12.08 20.96
CA ARG D 169 25.62 13.31 21.66
C ARG D 169 25.65 13.13 23.16
N LEU D 170 25.05 12.06 23.69
CA LEU D 170 24.95 11.84 25.13
C LEU D 170 25.84 10.72 25.64
N ILE D 171 26.49 9.96 24.77
CA ILE D 171 27.40 8.90 25.22
C ILE D 171 28.81 9.04 24.65
N LEU D 172 29.00 9.68 23.49
CA LEU D 172 30.34 9.80 22.94
C LEU D 172 31.30 10.51 23.90
N PRO D 173 30.93 11.62 24.54
CA PRO D 173 31.89 12.25 25.46
C PRO D 173 32.32 11.35 26.60
N GLU D 174 31.41 10.51 27.11
CA GLU D 174 31.70 9.65 28.25
C GLU D 174 32.13 8.24 27.82
N LEU D 175 32.16 7.96 26.53
CA LEU D 175 32.54 6.62 26.08
C LEU D 175 33.98 6.32 26.42
N GLN D 176 34.87 7.31 26.25
CA GLN D 176 36.27 7.10 26.60
C GLN D 176 36.42 6.80 28.08
N ALA D 177 35.71 7.54 28.94
CA ALA D 177 35.77 7.28 30.38
C ALA D 177 35.24 5.89 30.71
N ARG D 178 34.14 5.49 30.08
CA ARG D 178 33.59 4.16 30.33
C ARG D 178 34.57 3.07 29.92
N ILE D 179 35.21 3.24 28.76
CA ILE D 179 36.15 2.24 28.28
C ILE D 179 37.38 2.18 29.19
N ARG D 180 37.87 3.34 29.63
CA ARG D 180 39.00 3.35 30.54
C ARG D 180 38.64 2.66 31.85
N THR D 181 37.45 2.93 32.38
CA THR D 181 37.02 2.26 33.61
C THR D 181 36.97 0.76 33.43
N TYR D 182 36.41 0.30 32.30
CA TYR D 182 36.34 -1.13 32.06
C TYR D 182 37.74 -1.74 31.96
N ASN D 183 38.66 -1.05 31.26
CA ASN D 183 40.01 -1.57 31.11
C ASN D 183 40.72 -1.66 32.46
N GLN D 184 40.62 -0.62 33.28
CA GLN D 184 41.25 -0.65 34.59
C GLN D 184 40.65 -1.75 35.45
N HIS D 185 39.32 -1.90 35.42
CA HIS D 185 38.66 -2.96 36.17
C HIS D 185 39.11 -4.34 35.72
N TYR D 186 39.59 -4.46 34.48
CA TYR D 186 40.06 -5.74 33.95
C TYR D 186 41.49 -5.62 33.45
N GLY D 192 42.05 -8.69 26.79
CA GLY D 192 40.73 -8.11 26.58
C GLY D 192 40.79 -6.60 26.46
N ALA D 193 41.78 -6.10 25.74
CA ALA D 193 41.95 -4.66 25.55
C ALA D 193 41.02 -4.20 24.45
N VAL D 194 39.91 -3.56 24.84
CA VAL D 194 38.92 -3.08 23.89
C VAL D 194 39.41 -1.77 23.27
N SER D 195 39.02 -1.54 22.01
CA SER D 195 39.40 -0.32 21.34
C SER D 195 38.62 0.87 21.88
N GLN D 196 39.10 2.07 21.57
CA GLN D 196 38.53 3.31 22.09
C GLN D 196 37.63 3.98 21.07
N ARG D 197 36.92 3.20 20.25
CA ARG D 197 36.04 3.73 19.22
C ARG D 197 34.73 2.98 19.23
N LEU D 198 33.64 3.69 18.94
CA LEU D 198 32.34 3.07 18.82
C LEU D 198 32.08 2.71 17.36
N TYR D 199 31.85 1.43 17.10
CA TYR D 199 31.65 0.93 15.74
C TYR D 199 30.18 0.68 15.52
N ILE D 200 29.58 1.46 14.62
CA ILE D 200 28.16 1.41 14.33
C ILE D 200 28.00 0.77 12.96
N LEU D 201 27.27 -0.35 12.91
CA LEU D 201 26.98 -1.00 11.65
C LEU D 201 25.81 -0.31 10.96
N LEU D 202 25.93 -0.16 9.64
CA LEU D 202 24.92 0.53 8.82
C LEU D 202 24.53 -0.38 7.67
N PRO D 203 23.75 -1.41 7.94
CA PRO D 203 23.29 -2.29 6.85
C PRO D 203 22.31 -1.60 5.93
N LEU D 204 22.71 -1.37 4.68
CA LEU D 204 21.82 -0.73 3.72
C LEU D 204 20.64 -1.60 3.36
N ASP D 205 20.69 -2.90 3.66
CA ASP D 205 19.54 -3.78 3.49
C ASP D 205 18.54 -3.66 4.62
N CYS D 206 18.89 -2.95 5.70
CA CYS D 206 17.97 -2.70 6.81
C CYS D 206 17.51 -3.99 7.46
N GLY D 207 18.38 -4.99 7.49
CA GLY D 207 18.08 -6.22 8.19
C GLY D 207 18.06 -6.02 9.69
N VAL D 208 19.23 -5.71 10.26
CA VAL D 208 19.35 -5.41 11.68
C VAL D 208 18.78 -6.55 12.51
N PRO D 209 19.42 -7.70 12.55
CA PRO D 209 18.97 -8.77 13.45
C PRO D 209 19.17 -8.38 14.91
N ASP D 210 18.34 -8.97 15.77
CA ASP D 210 18.36 -8.62 17.18
C ASP D 210 19.64 -9.03 17.87
N ASN D 211 20.42 -9.96 17.31
CA ASN D 211 21.64 -10.42 17.94
C ASN D 211 22.73 -10.57 16.89
N LEU D 212 23.94 -10.10 17.22
CA LEU D 212 25.06 -10.22 16.30
C LEU D 212 25.43 -11.68 16.07
N SER D 213 25.36 -12.50 17.13
CA SER D 213 25.77 -13.89 17.01
C SER D 213 24.96 -14.62 15.94
N MET D 214 23.65 -14.40 15.91
CA MET D 214 22.83 -14.98 14.86
C MET D 214 23.25 -14.47 13.49
N ALA D 215 23.51 -13.16 13.39
CA ALA D 215 23.93 -12.59 12.11
C ALA D 215 25.24 -13.20 11.65
N ASP D 216 26.20 -13.33 12.56
CA ASP D 216 27.50 -13.91 12.24
C ASP D 216 27.96 -14.80 13.38
N PRO D 217 28.06 -16.12 13.17
CA PRO D 217 28.54 -16.97 14.27
C PRO D 217 29.94 -16.62 14.73
N ASN D 218 30.71 -15.93 13.90
CA ASN D 218 32.07 -15.54 14.23
C ASN D 218 32.14 -14.38 15.22
N ILE D 219 31.00 -13.91 15.72
CA ILE D 219 30.93 -12.84 16.70
C ILE D 219 30.14 -13.33 17.90
N ARG D 220 30.61 -13.01 19.09
CA ARG D 220 29.95 -13.44 20.31
C ARG D 220 30.14 -12.39 21.40
N PHE D 221 29.27 -12.45 22.40
CA PHE D 221 29.31 -11.49 23.49
C PHE D 221 30.58 -11.65 24.31
N LEU D 222 31.19 -10.53 24.68
CA LEU D 222 32.36 -10.52 25.56
C LEU D 222 32.01 -10.00 26.95
N ASP D 223 31.49 -8.77 27.02
CA ASP D 223 31.13 -8.21 28.33
C ASP D 223 30.43 -6.87 28.10
N LYS D 224 29.62 -6.47 29.08
CA LYS D 224 28.95 -5.18 29.01
C LYS D 224 29.90 -4.07 29.42
N LEU D 225 29.41 -2.85 29.37
CA LEU D 225 30.10 -1.66 29.84
C LEU D 225 29.41 -1.10 31.08
N PRO D 226 30.05 -0.17 31.78
CA PRO D 226 29.35 0.51 32.89
C PRO D 226 28.17 1.34 32.38
N GLN D 227 26.96 0.97 32.78
CA GLN D 227 25.78 1.65 32.29
C GLN D 227 25.85 3.15 32.61
N GLN D 228 25.47 3.96 31.63
CA GLN D 228 25.39 5.40 31.79
C GLN D 228 23.98 5.79 32.17
N THR D 229 23.85 6.73 33.11
CA THR D 229 22.56 7.14 33.63
C THR D 229 22.35 8.63 33.41
N GLY D 230 21.14 9.00 33.00
CA GLY D 230 20.79 10.39 32.83
C GLY D 230 19.29 10.55 32.76
N ASP D 231 18.81 11.71 33.20
CA ASP D 231 17.39 12.04 33.15
C ASP D 231 17.04 12.58 31.77
N ARG D 232 15.95 12.07 31.20
CA ARG D 232 15.55 12.43 29.85
C ARG D 232 14.04 12.43 29.73
N ALA D 233 13.48 13.57 29.29
CA ALA D 233 12.08 13.66 28.90
C ALA D 233 11.15 13.15 30.00
N GLY D 234 11.37 13.64 31.22
CA GLY D 234 10.52 13.27 32.32
C GLY D 234 10.67 11.84 32.80
N ILE D 235 11.64 11.11 32.27
CA ILE D 235 11.91 9.73 32.66
C ILE D 235 13.18 9.74 33.49
N LYS D 236 13.08 9.27 34.73
CA LYS D 236 14.21 9.29 35.64
C LYS D 236 15.07 8.05 35.43
N ASP D 237 16.38 8.25 35.45
CA ASP D 237 17.35 7.16 35.41
C ASP D 237 17.34 6.46 34.06
N ARG D 238 17.17 7.23 32.99
CA ARG D 238 17.31 6.68 31.65
C ARG D 238 18.72 6.11 31.50
N VAL D 239 18.80 4.84 31.10
CA VAL D 239 20.06 4.10 31.11
C VAL D 239 20.46 3.78 29.68
N TYR D 240 21.67 4.19 29.32
CA TYR D 240 22.30 3.84 28.05
C TYR D 240 23.36 2.79 28.32
N SER D 241 23.27 1.68 27.61
CA SER D 241 24.18 0.56 27.76
C SER D 241 24.87 0.25 26.45
N ASN D 242 25.86 -0.64 26.52
CA ASN D 242 26.59 -1.10 25.35
C ASN D 242 26.96 -2.56 25.59
N SER D 243 27.67 -3.15 24.64
CA SER D 243 28.02 -4.57 24.74
C SER D 243 29.27 -4.83 23.90
N ILE D 244 30.42 -4.91 24.56
CA ILE D 244 31.64 -5.32 23.89
C ILE D 244 31.47 -6.76 23.43
N TYR D 245 31.50 -6.95 22.12
CA TYR D 245 31.55 -8.26 21.49
C TYR D 245 32.99 -8.59 21.11
N GLU D 246 33.26 -9.87 20.92
CA GLU D 246 34.58 -10.33 20.53
C GLU D 246 34.55 -10.78 19.07
N LEU D 247 35.50 -10.27 18.29
CA LEU D 247 35.64 -10.64 16.89
C LEU D 247 36.62 -11.79 16.78
N LEU D 248 36.24 -12.83 16.05
CA LEU D 248 37.04 -14.03 15.91
C LEU D 248 37.65 -14.11 14.51
N GLU D 249 38.65 -14.97 14.39
CA GLU D 249 39.28 -15.26 13.11
C GLU D 249 40.00 -16.59 13.28
N ASN D 250 39.60 -17.59 12.49
CA ASN D 250 40.15 -18.93 12.59
C ASN D 250 39.95 -19.53 13.98
N GLY D 251 38.98 -19.02 14.73
CA GLY D 251 38.72 -19.46 16.08
C GLY D 251 39.46 -18.70 17.16
N GLN D 252 40.37 -17.79 16.79
CA GLN D 252 41.13 -17.02 17.76
C GLN D 252 40.62 -15.59 17.81
N ARG D 253 40.61 -15.02 19.01
CA ARG D 253 40.10 -13.67 19.22
C ARG D 253 41.02 -12.67 18.52
N ALA D 254 40.57 -12.15 17.39
CA ALA D 254 41.37 -11.18 16.64
C ALA D 254 41.33 -9.80 17.27
N GLY D 255 40.18 -9.38 17.77
CA GLY D 255 40.06 -8.05 18.36
C GLY D 255 38.71 -7.90 19.03
N THR D 256 38.58 -6.79 19.76
CA THR D 256 37.35 -6.47 20.47
C THR D 256 37.05 -4.99 20.33
N CYS D 257 35.76 -4.67 20.17
CA CYS D 257 35.31 -3.30 20.08
C CYS D 257 33.82 -3.24 20.39
N VAL D 258 33.34 -2.04 20.70
CA VAL D 258 31.92 -1.85 20.95
C VAL D 258 31.19 -1.84 19.61
N LEU D 259 30.20 -2.70 19.48
CA LEU D 259 29.48 -2.87 18.22
C LEU D 259 28.02 -2.48 18.39
N GLU D 260 27.49 -1.81 17.38
CA GLU D 260 26.13 -1.28 17.41
C GLU D 260 25.44 -1.51 16.07
N TYR D 261 24.12 -1.65 16.14
CA TYR D 261 23.27 -1.66 14.96
C TYR D 261 22.40 -0.41 15.01
N ALA D 262 22.40 0.35 13.92
CA ALA D 262 21.61 1.58 13.87
C ALA D 262 20.12 1.25 13.94
N THR D 263 19.51 1.50 15.10
CA THR D 263 18.10 1.21 15.28
C THR D 263 17.20 1.88 14.26
N PRO D 264 17.46 3.11 13.83
CA PRO D 264 16.60 3.74 12.82
C PRO D 264 16.43 2.89 11.58
N LEU D 265 17.43 2.08 11.26
CA LEU D 265 17.27 1.12 10.17
C LEU D 265 16.20 0.09 10.51
N GLN D 266 16.17 -0.37 11.76
CA GLN D 266 15.09 -1.24 12.20
C GLN D 266 13.75 -0.55 12.03
N THR D 267 13.68 0.74 12.38
CA THR D 267 12.43 1.48 12.24
C THR D 267 12.01 1.55 10.77
N LEU D 268 12.96 1.81 9.87
CA LEU D 268 12.65 1.88 8.46
C LEU D 268 12.13 0.54 7.95
N PHE D 269 12.79 -0.55 8.36
CA PHE D 269 12.32 -1.88 7.94
C PHE D 269 10.90 -2.13 8.44
N ALA D 270 10.63 -1.81 9.70
CA ALA D 270 9.30 -2.03 10.24
C ALA D 270 8.27 -1.20 9.50
N MET D 271 8.59 0.06 9.19
CA MET D 271 7.68 0.89 8.41
C MET D 271 7.44 0.27 7.04
N SER D 272 8.47 -0.30 6.44
CA SER D 272 8.30 -0.97 5.15
C SER D 272 7.32 -2.13 5.27
N GLN D 273 7.43 -2.93 6.33
CA GLN D 273 6.53 -4.06 6.50
C GLN D 273 5.09 -3.61 6.69
N TYR D 274 4.88 -2.60 7.52
CA TYR D 274 3.52 -2.17 7.86
C TYR D 274 2.86 -1.45 6.69
N SER D 275 1.57 -1.72 6.48
CA SER D 275 0.84 -1.08 5.39
C SER D 275 0.50 0.36 5.70
N GLN D 276 0.13 0.65 6.95
CA GLN D 276 -0.33 1.99 7.31
C GLN D 276 0.75 3.03 7.13
N ALA D 277 2.02 2.63 7.03
CA ALA D 277 3.11 3.59 6.90
C ALA D 277 3.16 4.23 5.52
N GLY D 278 2.60 3.60 4.52
CA GLY D 278 2.75 4.10 3.16
C GLY D 278 4.20 4.13 2.73
N PHE D 279 4.96 3.08 3.04
CA PHE D 279 6.40 3.04 2.85
C PHE D 279 6.74 1.82 2.00
N SER D 280 7.42 2.04 0.89
CA SER D 280 7.79 0.95 0.00
C SER D 280 9.26 0.56 0.22
N ARG D 281 9.66 -0.59 -0.31
CA ARG D 281 11.01 -1.08 -0.16
C ARG D 281 12.04 -0.21 -0.87
N GLU D 282 11.70 0.30 -2.05
CA GLU D 282 12.60 1.22 -2.74
C GLU D 282 12.82 2.48 -1.91
N ASP D 283 11.74 3.03 -1.35
CA ASP D 283 11.87 4.16 -0.45
C ASP D 283 12.69 3.79 0.77
N ARG D 284 12.50 2.56 1.27
CA ARG D 284 13.30 2.12 2.42
C ARG D 284 14.78 2.17 2.11
N LEU D 285 15.18 1.60 0.99
CA LEU D 285 16.60 1.59 0.63
C LEU D 285 17.13 2.99 0.41
N GLU D 286 16.38 3.83 -0.32
CA GLU D 286 16.84 5.19 -0.59
C GLU D 286 17.00 5.96 0.71
N GLN D 287 16.03 5.84 1.62
CA GLN D 287 16.11 6.56 2.88
C GLN D 287 17.21 6.02 3.78
N ALA D 288 17.50 4.72 3.71
CA ALA D 288 18.63 4.19 4.46
C ALA D 288 19.94 4.80 3.96
N LYS D 289 20.10 4.88 2.64
CA LYS D 289 21.29 5.51 2.10
C LYS D 289 21.39 6.98 2.52
N LEU D 290 20.26 7.68 2.46
CA LEU D 290 20.26 9.09 2.85
C LEU D 290 20.60 9.24 4.33
N PHE D 291 20.08 8.34 5.17
CA PHE D 291 20.38 8.37 6.59
C PHE D 291 21.87 8.19 6.82
N CYS D 292 22.48 7.21 6.14
CA CYS D 292 23.92 7.00 6.29
C CYS D 292 24.69 8.25 5.87
N ARG D 293 24.32 8.83 4.73
CA ARG D 293 25.05 10.00 4.23
C ARG D 293 24.94 11.17 5.20
N THR D 294 23.72 11.48 5.66
CA THR D 294 23.55 12.62 6.53
C THR D 294 24.20 12.38 7.88
N LEU D 295 24.19 11.14 8.37
CA LEU D 295 24.88 10.84 9.62
C LEU D 295 26.38 11.05 9.47
N GLU D 296 26.95 10.60 8.35
CA GLU D 296 28.36 10.84 8.10
C GLU D 296 28.65 12.33 8.10
N ASP D 297 27.82 13.11 7.40
CA ASP D 297 28.05 14.56 7.33
C ASP D 297 28.00 15.19 8.73
N ILE D 298 26.95 14.90 9.48
CA ILE D 298 26.77 15.55 10.78
C ILE D 298 27.90 15.15 11.73
N LEU D 299 28.30 13.88 11.72
CA LEU D 299 29.43 13.47 12.56
C LEU D 299 30.72 14.16 12.13
N ALA D 300 30.92 14.30 10.82
CA ALA D 300 32.10 15.00 10.34
C ALA D 300 32.13 16.44 10.84
N ASP D 301 30.96 17.08 10.91
CA ASP D 301 30.86 18.43 11.44
C ASP D 301 30.52 18.46 12.93
N ALA D 302 30.41 17.30 13.57
CA ALA D 302 30.01 17.26 14.97
C ALA D 302 31.13 17.77 15.86
N PRO D 303 30.82 18.60 16.87
CA PRO D 303 31.86 18.96 17.86
C PRO D 303 32.08 17.88 18.89
N GLU D 304 31.00 17.18 19.27
CA GLU D 304 31.11 16.12 20.26
C GLU D 304 32.02 15.00 19.77
N SER D 305 31.89 14.61 18.50
CA SER D 305 32.71 13.55 17.93
C SER D 305 34.12 14.08 17.72
N GLN D 306 35.09 13.38 18.30
CA GLN D 306 36.50 13.68 18.12
C GLN D 306 37.23 12.40 17.70
N ASN D 307 36.70 11.77 16.66
CA ASN D 307 37.26 10.54 16.12
C ASN D 307 37.13 9.40 17.14
N ASN D 308 36.06 9.45 17.92
CA ASN D 308 35.72 8.40 18.88
C ASN D 308 34.61 7.50 18.38
N CYS D 309 34.19 7.65 17.12
CA CYS D 309 33.14 6.83 16.54
C CYS D 309 33.49 6.57 15.07
N ARG D 310 33.24 5.34 14.63
CA ARG D 310 33.52 4.93 13.25
C ARG D 310 32.25 4.36 12.65
N LEU D 311 31.90 4.83 11.46
CA LEU D 311 30.71 4.38 10.76
C LEU D 311 31.10 3.31 9.75
N ILE D 312 30.48 2.13 9.86
CA ILE D 312 30.71 1.03 8.95
C ILE D 312 29.43 0.76 8.19
N ALA D 313 29.49 0.79 6.87
CA ALA D 313 28.36 0.56 5.99
C ALA D 313 28.67 -0.63 5.09
N TYR D 314 27.68 -1.51 4.93
CA TYR D 314 27.87 -2.71 4.12
C TYR D 314 26.54 -3.10 3.49
N GLN D 315 26.63 -3.87 2.40
CA GLN D 315 25.46 -4.36 1.68
C GLN D 315 25.68 -5.83 1.38
N GLU D 316 24.67 -6.65 1.66
CA GLU D 316 24.77 -8.08 1.40
C GLU D 316 24.62 -8.33 -0.10
N PRO D 317 25.59 -8.99 -0.75
CA PRO D 317 25.50 -9.24 -2.19
C PRO D 317 24.48 -10.32 -2.54
N SER D 322 27.30 -15.10 1.61
CA SER D 322 28.57 -14.80 0.95
C SER D 322 29.36 -13.78 1.75
N PHE D 323 28.67 -12.72 2.20
CA PHE D 323 29.34 -11.67 2.94
C PHE D 323 29.79 -12.16 4.31
N SER D 324 30.92 -11.62 4.77
CA SER D 324 31.51 -11.97 6.07
C SER D 324 31.64 -10.67 6.86
N LEU D 325 30.64 -10.39 7.71
CA LEU D 325 30.65 -9.16 8.49
C LEU D 325 31.90 -9.08 9.37
N SER D 326 32.33 -10.20 9.93
CA SER D 326 33.50 -10.19 10.81
C SER D 326 34.72 -9.66 10.07
N GLN D 327 34.91 -10.09 8.82
CA GLN D 327 36.08 -9.65 8.06
C GLN D 327 36.02 -8.14 7.81
N GLU D 328 34.84 -7.62 7.46
CA GLU D 328 34.72 -6.18 7.22
C GLU D 328 35.01 -5.38 8.49
N VAL D 329 34.45 -5.83 9.61
CA VAL D 329 34.67 -5.13 10.87
C VAL D 329 36.14 -5.17 11.24
N LEU D 330 36.79 -6.32 11.08
CA LEU D 330 38.21 -6.42 11.37
C LEU D 330 39.02 -5.50 10.47
N ARG D 331 38.67 -5.45 9.19
CA ARG D 331 39.38 -4.58 8.25
C ARG D 331 39.29 -3.13 8.70
N HIS D 332 38.09 -2.69 9.10
CA HIS D 332 37.98 -1.33 9.61
C HIS D 332 38.68 -1.17 10.95
N LEU D 333 38.87 -2.27 11.68
CA LEU D 333 39.50 -2.20 13.00
C LEU D 333 41.01 -2.01 12.88
N ARG D 334 41.63 -2.67 11.90
CA ARG D 334 43.09 -2.58 11.77
C ARG D 334 43.51 -1.13 11.55
N GLN D 335 42.79 -0.40 10.70
CA GLN D 335 43.10 1.00 10.44
C GLN D 335 42.67 1.87 11.62
C11 9IM E . -22.34 4.84 -35.97
C12 9IM E . -22.38 5.16 -37.32
C13 9IM E . -21.25 5.03 -38.09
C14 9IM E . -20.07 4.57 -37.52
C16 9IM E . -18.02 6.16 -34.73
C17 9IM E . -19.12 6.66 -34.02
C23 9IM E . -23.34 6.71 -31.51
C24 9IM E . -23.51 6.25 -32.79
C27 9IM E . -25.18 4.71 -32.03
C29 9IM E . -25.01 5.17 -30.74
C30 9IM E . -24.09 6.17 -30.47
C01 9IM E . -14.60 5.95 -34.85
C02 9IM E . -15.85 6.18 -35.68
C03 9IM E . -15.51 6.95 -36.95
C04 9IM E . -16.45 4.89 -36.02
C07 9IM E . -18.72 3.74 -35.56
C08 9IM E . -20.02 4.24 -36.18
C09 9IM E . -21.16 4.37 -35.40
C18 9IM E . -19.07 7.93 -33.44
C19 9IM E . -20.29 8.43 -32.67
C22 9IM E . -22.30 7.80 -31.25
C26 9IM E . -24.42 5.25 -33.06
C32 9IM E . -17.91 8.73 -33.57
C33 9IM E . -16.81 8.24 -34.29
C34 9IM E . -16.85 6.96 -34.86
F10 9IM E . -21.13 4.05 -34.08
F25 9IM E . -22.76 6.78 -33.80
F28 9IM E . -26.08 3.73 -32.31
F31 9IM E . -23.91 6.62 -29.19
N06 9IM E . -17.78 4.85 -35.46
N21 9IM E . -21.11 7.44 -32.00
O05 9IM E . -15.94 4.02 -36.65
O20 9IM E . -20.55 9.59 -32.62
CL1 9IM E . -18.61 4.41 -38.54
H111 9IM E . -23.10 4.92 -35.44
H121 9IM E . -23.17 5.47 -37.70
H131 9IM E . -21.27 5.25 -38.99
H171 9IM E . -19.88 6.13 -33.93
H291 9IM E . -25.52 4.81 -30.05
H011 9IM E . -14.33 6.76 -34.46
H012 9IM E . -13.91 5.62 -35.41
H013 9IM E . -14.78 5.32 -34.18
H031 9IM E . -16.28 7.01 -37.49
H032 9IM E . -14.83 6.49 -37.41
H033 9IM E . -15.22 7.80 -36.72
H071 9IM E . -18.35 3.08 -36.11
H072 9IM E . -18.89 3.39 -34.71
H222 9IM E . -22.64 8.63 -31.56
H221 9IM E . -22.10 7.86 -30.34
H261 9IM E . -24.54 4.95 -33.93
H321 9IM E . -17.88 9.58 -33.19
H331 9IM E . -16.05 8.75 -34.38
H211 9IM E . -20.90 6.60 -32.06
C2 1SY F . -7.42 -24.87 16.65
N01 1SY F . -4.90 -27.55 16.23
C6 1SY F . -5.90 -26.53 15.93
N1 1SY F . -6.48 -25.83 16.94
N3 1SY F . -7.77 -24.60 15.34
C4 1SY F . -7.19 -25.28 14.36
C5 1SY F . -6.24 -26.26 14.63
N7 1SY F . -5.81 -26.82 13.23
C8 1SY F . -6.56 -26.10 12.31
N9 1SY F . -7.27 -25.30 13.06
C1' 1SY F . -8.16 -24.41 12.43
C2' 1SY F . -7.50 -23.06 12.33
O2' 1SY F . -8.47 -22.00 12.52
C3' 1SY F . -6.97 -23.00 11.01
C4' 1SY F . -7.94 -23.74 10.18
C16 1SY F . -7.29 -24.28 8.97
O17 1SY F . -6.51 -25.42 9.31
P18 1SY F . -5.60 -26.15 8.07
O19 1SY F . -5.75 -27.63 8.22
O20 1SY F . -3.97 -25.79 8.00
C21 1SY F . -3.50 -24.71 8.82
C22 1SY F . -3.72 -23.44 8.14
O23 1SY F . -3.79 -23.68 6.69
C24 1SY F . -2.57 -22.60 8.43
C25 1SY F . -2.87 -21.66 9.52
O26 1SY F . -3.99 -22.11 10.28
P27 1SY F . -5.22 -21.02 10.66
O28 1SY F . -6.80 -21.60 10.58
O29 1SY F . -4.99 -20.57 12.01
O30 1SY F . -5.12 -19.86 9.77
O31 1SY F . -1.42 -23.51 8.85
C32 1SY F . -2.04 -24.84 9.07
N33 1SY F . -1.79 -25.28 10.42
C34 1SY F . -2.26 -24.62 11.40
N35 1SY F . -1.84 -25.32 12.51
C36 1SY F . -1.09 -26.35 10.59
C37 1SY F . -1.04 -26.50 11.95
C38 1SY F . -0.30 -27.64 12.54
N39 1SY F . 0.37 -28.60 11.66
C40 1SY F . 0.31 -28.45 10.35
N41 1SY F . 0.97 -29.40 9.48
N42 1SY F . -0.45 -27.27 9.75
O43 1SY F . -0.24 -27.81 13.92
O44 1SY F . -6.21 -25.76 6.77
O4' 1SY F . -8.46 -24.86 11.06
H1 1SY F . -7.82 -24.40 17.34
H2 1SY F . -4.60 -27.64 17.03
H3 1SY F . -4.60 -28.05 15.60
H4 1SY F . -6.55 -26.17 11.38
H5 1SY F . -8.97 -24.33 12.94
H6 1SY F . -6.79 -22.98 12.98
H7 1SY F . -9.12 -22.13 11.98
H8 1SY F . -6.12 -23.46 10.99
H9 1SY F . -8.67 -23.15 9.93
H10 1SY F . -6.71 -23.60 8.60
H11 1SY F . -7.96 -24.52 8.32
H13 1SY F . -3.99 -24.71 9.65
H14 1SY F . -4.53 -23.03 8.45
H15 1SY F . -4.10 -24.46 6.56
H16 1SY F . -2.32 -22.11 7.63
H17 1SY F . -3.05 -20.79 9.15
H18 1SY F . -2.10 -21.61 10.11
H20 1SY F . -1.66 -25.48 8.45
H21 1SY F . -2.77 -23.84 11.35
H22 1SY F . 0.99 -30.23 9.69
H23 1SY F . 1.34 -29.13 8.75
H24 1SY F . -0.48 -27.17 8.89
C11 9IM G . 1.28 32.14 -27.89
C12 9IM G . 0.62 33.05 -28.70
C13 9IM G . -0.67 33.45 -28.40
C14 9IM G . -1.30 32.94 -27.28
C16 9IM G . -2.21 29.31 -26.55
C17 9IM G . -1.08 28.77 -27.16
C23 9IM G . 3.66 27.79 -28.15
C24 9IM G . 3.34 29.11 -28.34
C27 9IM G . 5.52 29.74 -27.59
C29 9IM G . 5.84 28.41 -27.39
C30 9IM G . 4.90 27.43 -27.67
C01 9IM G . -5.12 28.62 -24.87
C02 9IM G . -4.49 29.49 -25.94
C03 9IM G . -5.56 30.02 -26.90
C04 9IM G . -3.80 30.61 -25.31
C07 9IM G . -1.36 31.46 -25.23
C08 9IM G . -0.65 32.03 -26.46
C09 9IM G . 0.64 31.63 -26.77
C18 9IM G . -1.19 27.62 -27.95
C19 9IM G . 0.06 27.04 -28.60
C22 9IM G . 2.59 26.73 -28.46
C26 9IM G . 4.27 30.09 -28.07
C32 9IM G . -2.45 26.99 -28.12
C33 9IM G . -3.59 27.53 -27.50
C34 9IM G . -3.48 28.69 -26.71
F10 9IM G . 1.29 30.74 -25.97
F25 9IM G . 2.10 29.45 -28.81
F28 9IM G . 6.44 30.71 -27.32
F31 9IM G . 5.21 26.11 -27.48
N06 9IM G . -2.40 30.53 -25.66
N21 9IM G . 1.33 27.23 -27.91
O05 9IM G . -4.30 31.44 -24.62
O20 9IM G . 0.01 26.47 -29.63
CL1 9IM G . -2.97 33.45 -26.90
H111 9IM G . 2.14 31.88 -28.09
H121 9IM G . 1.05 33.39 -29.45
H131 9IM G . -1.11 34.05 -28.95
H171 9IM G . -0.25 29.18 -27.05
H291 9IM G . 6.68 28.17 -27.07
H011 9IM G . -5.42 27.82 -25.26
H012 9IM G . -5.86 29.07 -24.49
H013 9IM G . -4.49 28.44 -24.21
H031 9IM G . -5.17 30.62 -27.51
H032 9IM G . -6.23 30.45 -26.40
H033 9IM G . -5.93 29.30 -27.37
H071 9IM G . -1.76 32.16 -24.76
H072 9IM G . -0.75 31.01 -24.69
H222 9IM G . 2.50 26.63 -29.39
H221 9IM G . 2.81 25.91 -28.06
H261 9IM G . 4.06 30.99 -28.20
H321 9IM G . -2.52 26.22 -28.63
H331 9IM G . -4.42 27.13 -27.60
H211 9IM G . 1.34 27.66 -27.16
C2 1SY H . 20.47 1.93 22.98
N01 1SY H . 18.84 3.03 26.13
C6 1SY H . 19.29 2.99 24.73
N1 1SY H . 20.05 1.97 24.30
N3 1SY H . 20.10 2.94 22.11
C4 1SY H . 19.34 3.93 22.54
C5 1SY H . 18.91 3.98 23.86
N7 1SY H . 18.05 5.30 23.97
C8 1SY H . 18.08 5.84 22.71
N9 1SY H . 18.82 5.01 22.02
C1' 1SY H . 19.05 5.27 20.66
C2' 1SY H . 18.09 4.45 19.83
O2' 1SY H . 18.74 4.00 18.61
C3' 1SY H . 17.02 5.33 19.53
C4' 1SY H . 17.66 6.66 19.36
C16 1SY H . 16.69 7.74 19.62
O17 1SY H . 16.48 7.87 21.02
P18 1SY H . 15.33 9.02 21.54
O19 1SY H . 15.93 9.72 22.72
O20 1SY H . 13.83 8.45 21.98
C21 1SY H . 13.51 7.09 21.64
C22 1SY H . 13.06 7.02 20.26
O23 1SY H . 12.53 8.33 19.85
C24 1SY H . 11.99 6.04 20.21
C25 1SY H . 12.50 4.74 19.72
O26 1SY H . 13.92 4.67 19.87
P27 1SY H . 14.85 4.09 18.60
O28 1SY H . 16.31 4.88 18.31
O29 1SY H . 15.16 2.71 18.88
O30 1SY H . 14.06 4.13 17.37
O31 1SY H . 11.45 5.85 21.62
C32 1SY H . 12.43 6.56 22.49
N33 1SY H . 12.95 5.66 23.48
C34 1SY H . 13.61 4.64 23.12
N35 1SY H . 13.96 4.00 24.29
C36 1SY H . 12.71 5.90 24.72
C37 1SY H . 13.33 4.87 25.39
C38 1SY H . 13.27 4.83 26.87
N39 1SY H . 12.56 5.87 27.61
C40 1SY H . 11.96 6.84 26.95
N41 1SY H . 11.25 7.89 27.67
N42 1SY H . 12.03 6.90 25.43
O43 1SY H . 13.89 3.79 27.57
O44 1SY H . 15.16 10.00 20.46
O4' 1SY H . 18.80 6.69 20.35
H1 1SY H . 21.00 1.24 22.68
H2 1SY H . 18.98 2.36 26.64
H3 1SY H . 18.44 3.74 26.43
H4 1SY H . 17.68 6.63 22.40
H5 1SY H . 19.96 5.04 20.43
H6 1SY H . 17.76 3.70 20.34
H7 1SY H . 19.06 4.68 18.21
H8 1SY H . 16.40 5.37 20.28
H9 1SY H . 18.01 6.74 18.46
H10 1SY H . 15.84 7.52 19.20
H11 1SY H . 17.02 8.57 19.26
H13 1SY H . 14.31 6.54 21.73
H14 1SY H . 13.78 6.76 19.66
H15 1SY H . 12.92 8.93 20.31
H16 1SY H . 11.29 6.36 19.63
H17 1SY H . 12.26 4.64 18.78
H18 1SY H . 12.08 4.04 20.23
H20 1SY H . 11.98 7.30 22.93
H21 1SY H . 13.83 4.39 22.24
H22 1SY H . 11.55 8.15 28.43
H23 1SY H . 10.55 8.24 27.34
H24 1SY H . 11.64 7.54 25.00
#